data_3IHO
# 
_entry.id   3IHO 
# 
_audit_conform.dict_name       mmcif_pdbx.dic 
_audit_conform.dict_version    5.387 
_audit_conform.dict_location   http://mmcif.pdb.org/dictionaries/ascii/mmcif_pdbx.dic 
# 
loop_
_database_2.database_id 
_database_2.database_code 
_database_2.pdbx_database_accession 
_database_2.pdbx_DOI 
PDB   3IHO         pdb_00003iho 10.2210/pdb3iho/pdb 
RCSB  RCSB054423   ?            ?                   
WWPDB D_1000054423 ?            ?                   
# 
loop_
_pdbx_audit_revision_history.ordinal 
_pdbx_audit_revision_history.data_content_type 
_pdbx_audit_revision_history.major_revision 
_pdbx_audit_revision_history.minor_revision 
_pdbx_audit_revision_history.revision_date 
1 'Structure model' 1 0 2009-08-25 
2 'Structure model' 1 1 2011-07-13 
3 'Structure model' 1 2 2017-11-01 
4 'Structure model' 1 3 2024-02-21 
# 
_pdbx_audit_revision_details.ordinal             1 
_pdbx_audit_revision_details.revision_ordinal    1 
_pdbx_audit_revision_details.data_content_type   'Structure model' 
_pdbx_audit_revision_details.provider            repository 
_pdbx_audit_revision_details.type                'Initial release' 
_pdbx_audit_revision_details.description         ? 
_pdbx_audit_revision_details.details             ? 
# 
loop_
_pdbx_audit_revision_group.ordinal 
_pdbx_audit_revision_group.revision_ordinal 
_pdbx_audit_revision_group.data_content_type 
_pdbx_audit_revision_group.group 
1 2 'Structure model' Advisory                    
2 2 'Structure model' 'Version format compliance' 
3 3 'Structure model' 'Refinement description'    
4 4 'Structure model' 'Data collection'           
5 4 'Structure model' 'Database references'       
# 
loop_
_pdbx_audit_revision_category.ordinal 
_pdbx_audit_revision_category.revision_ordinal 
_pdbx_audit_revision_category.data_content_type 
_pdbx_audit_revision_category.category 
1 3 'Structure model' software       
2 4 'Structure model' chem_comp_atom 
3 4 'Structure model' chem_comp_bond 
4 4 'Structure model' database_2     
# 
loop_
_pdbx_audit_revision_item.ordinal 
_pdbx_audit_revision_item.revision_ordinal 
_pdbx_audit_revision_item.data_content_type 
_pdbx_audit_revision_item.item 
1 4 'Structure model' '_database_2.pdbx_DOI'                
2 4 'Structure model' '_database_2.pdbx_database_accession' 
# 
_pdbx_database_status.entry_id                        3IHO 
_pdbx_database_status.deposit_site                    RCSB 
_pdbx_database_status.process_site                    RCSB 
_pdbx_database_status.recvd_initial_deposition_date   2009-07-30 
_pdbx_database_status.status_code                     REL 
_pdbx_database_status.status_code_sf                  REL 
_pdbx_database_status.status_code_mr                  ? 
_pdbx_database_status.SG_entry                        Y 
_pdbx_database_status.pdb_format_compatible           Y 
_pdbx_database_status.status_code_cs                  ? 
_pdbx_database_status.methods_development_category    ? 
_pdbx_database_status.status_code_nmr_data            ? 
# 
loop_
_audit_author.name 
_audit_author.pdbx_ordinal 
'Amaya, M.F.'                          1  
'Xu, C.'                               2  
'Bian, C.B.'                           3  
'Bountra, C.'                          4  
'Weigelt, J.'                          5  
'Arrowsmith, C.H.'                     6  
'Edwards, A.M.'                        7  
'Bochkarev, A.'                        8  
'Min, J.'                              9  
'Structural Genomics Consortium (SGC)' 10 
# 
_citation.id                        primary 
_citation.title                     'The C-terminal glycosylase domain of human MBD4' 
_citation.journal_abbrev            'To be Published' 
_citation.journal_volume            ? 
_citation.page_first                ? 
_citation.page_last                 ? 
_citation.year                      ? 
_citation.journal_id_ASTM           ? 
_citation.country                   ? 
_citation.journal_id_ISSN           ? 
_citation.journal_id_CSD            0353 
_citation.book_publisher            ? 
_citation.pdbx_database_id_PubMed   ? 
_citation.pdbx_database_id_DOI      ? 
# 
loop_
_citation_author.citation_id 
_citation_author.name 
_citation_author.ordinal 
_citation_author.identifier_ORCID 
primary 'Xu, C.'           1 ? 
primary 'Bian, C.B.'       2 ? 
primary 'Amaya, M.F.'      3 ? 
primary 'Bountra, C.'      4 ? 
primary 'Weigelt, J.'      5 ? 
primary 'Arrowsmith, C.H.' 6 ? 
primary 'Edwards, A.M.'    7 ? 
primary 'Bochkarev, A.'    8 ? 
primary 'Min, J.'          9 ? 
# 
loop_
_entity.id 
_entity.type 
_entity.src_method 
_entity.pdbx_description 
_entity.formula_weight 
_entity.pdbx_number_of_molecules 
_entity.pdbx_ec 
_entity.pdbx_mutation 
_entity.pdbx_fragment 
_entity.details 
1 polymer man 'Methyl-CpG-binding domain protein 4' 16612.084 1  3.2.2.- ? 'C-terminal glycosylase domain' ? 
2 water   nat water                                 18.015    12 ?       ? ?                               ? 
# 
_entity_name_com.entity_id   1 
_entity_name_com.name        
'Methyl-CpG-binding protein MBD4, Methyl-CpG-binding endonuclease 1, Mismatch-specific DNA N-glycosylase' 
# 
_entity_poly.entity_id                      1 
_entity_poly.type                           'polypeptide(L)' 
_entity_poly.nstd_linkage                   no 
_entity_poly.nstd_monomer                   no 
_entity_poly.pdbx_seq_one_letter_code       
;KWTPPRSPFNLVQETLFHDPWKLLIATIFLNRTSGKMAIPVLWKFLEKYPSAEVARTADWRDVSELLKPLGLYDLRAKTI
VKFSDEYLTKQWKYPIELHGIGKYGNDSYRIFCVNEWKQVHPEDHKLNKYHDWLWENH
;
_entity_poly.pdbx_seq_one_letter_code_can   
;KWTPPRSPFNLVQETLFHDPWKLLIATIFLNRTSGKMAIPVLWKFLEKYPSAEVARTADWRDVSELLKPLGLYDLRAKTI
VKFSDEYLTKQWKYPIELHGIGKYGNDSYRIFCVNEWKQVHPEDHKLNKYHDWLWENH
;
_entity_poly.pdbx_strand_id                 A 
_entity_poly.pdbx_target_identifier         ? 
# 
_pdbx_entity_nonpoly.entity_id   2 
_pdbx_entity_nonpoly.name        water 
_pdbx_entity_nonpoly.comp_id     HOH 
# 
loop_
_entity_poly_seq.entity_id 
_entity_poly_seq.num 
_entity_poly_seq.mon_id 
_entity_poly_seq.hetero 
1 1   LYS n 
1 2   TRP n 
1 3   THR n 
1 4   PRO n 
1 5   PRO n 
1 6   ARG n 
1 7   SER n 
1 8   PRO n 
1 9   PHE n 
1 10  ASN n 
1 11  LEU n 
1 12  VAL n 
1 13  GLN n 
1 14  GLU n 
1 15  THR n 
1 16  LEU n 
1 17  PHE n 
1 18  HIS n 
1 19  ASP n 
1 20  PRO n 
1 21  TRP n 
1 22  LYS n 
1 23  LEU n 
1 24  LEU n 
1 25  ILE n 
1 26  ALA n 
1 27  THR n 
1 28  ILE n 
1 29  PHE n 
1 30  LEU n 
1 31  ASN n 
1 32  ARG n 
1 33  THR n 
1 34  SER n 
1 35  GLY n 
1 36  LYS n 
1 37  MET n 
1 38  ALA n 
1 39  ILE n 
1 40  PRO n 
1 41  VAL n 
1 42  LEU n 
1 43  TRP n 
1 44  LYS n 
1 45  PHE n 
1 46  LEU n 
1 47  GLU n 
1 48  LYS n 
1 49  TYR n 
1 50  PRO n 
1 51  SER n 
1 52  ALA n 
1 53  GLU n 
1 54  VAL n 
1 55  ALA n 
1 56  ARG n 
1 57  THR n 
1 58  ALA n 
1 59  ASP n 
1 60  TRP n 
1 61  ARG n 
1 62  ASP n 
1 63  VAL n 
1 64  SER n 
1 65  GLU n 
1 66  LEU n 
1 67  LEU n 
1 68  LYS n 
1 69  PRO n 
1 70  LEU n 
1 71  GLY n 
1 72  LEU n 
1 73  TYR n 
1 74  ASP n 
1 75  LEU n 
1 76  ARG n 
1 77  ALA n 
1 78  LYS n 
1 79  THR n 
1 80  ILE n 
1 81  VAL n 
1 82  LYS n 
1 83  PHE n 
1 84  SER n 
1 85  ASP n 
1 86  GLU n 
1 87  TYR n 
1 88  LEU n 
1 89  THR n 
1 90  LYS n 
1 91  GLN n 
1 92  TRP n 
1 93  LYS n 
1 94  TYR n 
1 95  PRO n 
1 96  ILE n 
1 97  GLU n 
1 98  LEU n 
1 99  HIS n 
1 100 GLY n 
1 101 ILE n 
1 102 GLY n 
1 103 LYS n 
1 104 TYR n 
1 105 GLY n 
1 106 ASN n 
1 107 ASP n 
1 108 SER n 
1 109 TYR n 
1 110 ARG n 
1 111 ILE n 
1 112 PHE n 
1 113 CYS n 
1 114 VAL n 
1 115 ASN n 
1 116 GLU n 
1 117 TRP n 
1 118 LYS n 
1 119 GLN n 
1 120 VAL n 
1 121 HIS n 
1 122 PRO n 
1 123 GLU n 
1 124 ASP n 
1 125 HIS n 
1 126 LYS n 
1 127 LEU n 
1 128 ASN n 
1 129 LYS n 
1 130 TYR n 
1 131 HIS n 
1 132 ASP n 
1 133 TRP n 
1 134 LEU n 
1 135 TRP n 
1 136 GLU n 
1 137 ASN n 
1 138 HIS n 
# 
_entity_src_gen.entity_id                          1 
_entity_src_gen.pdbx_src_id                        1 
_entity_src_gen.pdbx_alt_source_flag               sample 
_entity_src_gen.pdbx_seq_type                      ? 
_entity_src_gen.pdbx_beg_seq_num                   ? 
_entity_src_gen.pdbx_end_seq_num                   ? 
_entity_src_gen.gene_src_common_name               human 
_entity_src_gen.gene_src_genus                     ? 
_entity_src_gen.pdbx_gene_src_gene                 'MBD4, MED1' 
_entity_src_gen.gene_src_species                   ? 
_entity_src_gen.gene_src_strain                    ? 
_entity_src_gen.gene_src_tissue                    ? 
_entity_src_gen.gene_src_tissue_fraction           ? 
_entity_src_gen.gene_src_details                   ? 
_entity_src_gen.pdbx_gene_src_fragment             ? 
_entity_src_gen.pdbx_gene_src_scientific_name      'Homo sapiens' 
_entity_src_gen.pdbx_gene_src_ncbi_taxonomy_id     9606 
_entity_src_gen.pdbx_gene_src_variant              ? 
_entity_src_gen.pdbx_gene_src_cell_line            ? 
_entity_src_gen.pdbx_gene_src_atcc                 ? 
_entity_src_gen.pdbx_gene_src_organ                ? 
_entity_src_gen.pdbx_gene_src_organelle            ? 
_entity_src_gen.pdbx_gene_src_cell                 ? 
_entity_src_gen.pdbx_gene_src_cellular_location    ? 
_entity_src_gen.host_org_common_name               ? 
_entity_src_gen.pdbx_host_org_scientific_name      'Escherichia coli' 
_entity_src_gen.pdbx_host_org_ncbi_taxonomy_id     562 
_entity_src_gen.host_org_genus                     ? 
_entity_src_gen.pdbx_host_org_gene                 ? 
_entity_src_gen.pdbx_host_org_organ                ? 
_entity_src_gen.host_org_species                   ? 
_entity_src_gen.pdbx_host_org_tissue               ? 
_entity_src_gen.pdbx_host_org_tissue_fraction      ? 
_entity_src_gen.pdbx_host_org_strain               ? 
_entity_src_gen.pdbx_host_org_variant              ? 
_entity_src_gen.pdbx_host_org_cell_line            ? 
_entity_src_gen.pdbx_host_org_atcc                 ? 
_entity_src_gen.pdbx_host_org_culture_collection   ? 
_entity_src_gen.pdbx_host_org_cell                 ? 
_entity_src_gen.pdbx_host_org_organelle            ? 
_entity_src_gen.pdbx_host_org_cellular_location    ? 
_entity_src_gen.pdbx_host_org_vector_type          ? 
_entity_src_gen.pdbx_host_org_vector               ? 
_entity_src_gen.host_org_details                   ? 
_entity_src_gen.expression_system_id               ? 
_entity_src_gen.plasmid_name                       ? 
_entity_src_gen.plasmid_details                    ? 
_entity_src_gen.pdbx_description                   ? 
# 
loop_
_chem_comp.id 
_chem_comp.type 
_chem_comp.mon_nstd_flag 
_chem_comp.name 
_chem_comp.pdbx_synonyms 
_chem_comp.formula 
_chem_comp.formula_weight 
ALA 'L-peptide linking' y ALANINE         ? 'C3 H7 N O2'     89.093  
ARG 'L-peptide linking' y ARGININE        ? 'C6 H15 N4 O2 1' 175.209 
ASN 'L-peptide linking' y ASPARAGINE      ? 'C4 H8 N2 O3'    132.118 
ASP 'L-peptide linking' y 'ASPARTIC ACID' ? 'C4 H7 N O4'     133.103 
CYS 'L-peptide linking' y CYSTEINE        ? 'C3 H7 N O2 S'   121.158 
GLN 'L-peptide linking' y GLUTAMINE       ? 'C5 H10 N2 O3'   146.144 
GLU 'L-peptide linking' y 'GLUTAMIC ACID' ? 'C5 H9 N O4'     147.129 
GLY 'peptide linking'   y GLYCINE         ? 'C2 H5 N O2'     75.067  
HIS 'L-peptide linking' y HISTIDINE       ? 'C6 H10 N3 O2 1' 156.162 
HOH non-polymer         . WATER           ? 'H2 O'           18.015  
ILE 'L-peptide linking' y ISOLEUCINE      ? 'C6 H13 N O2'    131.173 
LEU 'L-peptide linking' y LEUCINE         ? 'C6 H13 N O2'    131.173 
LYS 'L-peptide linking' y LYSINE          ? 'C6 H15 N2 O2 1' 147.195 
MET 'L-peptide linking' y METHIONINE      ? 'C5 H11 N O2 S'  149.211 
PHE 'L-peptide linking' y PHENYLALANINE   ? 'C9 H11 N O2'    165.189 
PRO 'L-peptide linking' y PROLINE         ? 'C5 H9 N O2'     115.130 
SER 'L-peptide linking' y SERINE          ? 'C3 H7 N O3'     105.093 
THR 'L-peptide linking' y THREONINE       ? 'C4 H9 N O3'     119.119 
TRP 'L-peptide linking' y TRYPTOPHAN      ? 'C11 H12 N2 O2'  204.225 
TYR 'L-peptide linking' y TYROSINE        ? 'C9 H11 N O3'    181.189 
VAL 'L-peptide linking' y VALINE          ? 'C5 H11 N O2'    117.146 
# 
loop_
_pdbx_poly_seq_scheme.asym_id 
_pdbx_poly_seq_scheme.entity_id 
_pdbx_poly_seq_scheme.seq_id 
_pdbx_poly_seq_scheme.mon_id 
_pdbx_poly_seq_scheme.ndb_seq_num 
_pdbx_poly_seq_scheme.pdb_seq_num 
_pdbx_poly_seq_scheme.auth_seq_num 
_pdbx_poly_seq_scheme.pdb_mon_id 
_pdbx_poly_seq_scheme.auth_mon_id 
_pdbx_poly_seq_scheme.pdb_strand_id 
_pdbx_poly_seq_scheme.pdb_ins_code 
_pdbx_poly_seq_scheme.hetero 
A 1 1   LYS 1   437 437 LYS LYS A . n 
A 1 2   TRP 2   438 438 TRP TRP A . n 
A 1 3   THR 3   439 439 THR THR A . n 
A 1 4   PRO 4   440 440 PRO PRO A . n 
A 1 5   PRO 5   441 441 PRO PRO A . n 
A 1 6   ARG 6   442 442 ARG ARG A . n 
A 1 7   SER 7   443 443 SER SER A . n 
A 1 8   PRO 8   444 444 PRO PRO A . n 
A 1 9   PHE 9   445 445 PHE PHE A . n 
A 1 10  ASN 10  446 446 ASN ASN A . n 
A 1 11  LEU 11  447 447 LEU LEU A . n 
A 1 12  VAL 12  448 448 VAL VAL A . n 
A 1 13  GLN 13  449 449 GLN GLN A . n 
A 1 14  GLU 14  450 450 GLU GLU A . n 
A 1 15  THR 15  451 451 THR THR A . n 
A 1 16  LEU 16  452 452 LEU LEU A . n 
A 1 17  PHE 17  453 453 PHE PHE A . n 
A 1 18  HIS 18  454 454 HIS HIS A . n 
A 1 19  ASP 19  455 455 ASP ASP A . n 
A 1 20  PRO 20  456 456 PRO PRO A . n 
A 1 21  TRP 21  457 457 TRP TRP A . n 
A 1 22  LYS 22  458 458 LYS LYS A . n 
A 1 23  LEU 23  459 459 LEU LEU A . n 
A 1 24  LEU 24  460 460 LEU LEU A . n 
A 1 25  ILE 25  461 461 ILE ILE A . n 
A 1 26  ALA 26  462 462 ALA ALA A . n 
A 1 27  THR 27  463 463 THR THR A . n 
A 1 28  ILE 28  464 464 ILE ILE A . n 
A 1 29  PHE 29  465 465 PHE PHE A . n 
A 1 30  LEU 30  466 466 LEU LEU A . n 
A 1 31  ASN 31  467 467 ASN ASN A . n 
A 1 32  ARG 32  468 468 ARG ARG A . n 
A 1 33  THR 33  469 469 THR THR A . n 
A 1 34  SER 34  470 470 SER SER A . n 
A 1 35  GLY 35  471 471 GLY GLY A . n 
A 1 36  LYS 36  472 472 LYS LYS A . n 
A 1 37  MET 37  473 473 MET MET A . n 
A 1 38  ALA 38  474 474 ALA ALA A . n 
A 1 39  ILE 39  475 475 ILE ILE A . n 
A 1 40  PRO 40  476 476 PRO PRO A . n 
A 1 41  VAL 41  477 477 VAL VAL A . n 
A 1 42  LEU 42  478 478 LEU LEU A . n 
A 1 43  TRP 43  479 479 TRP TRP A . n 
A 1 44  LYS 44  480 480 LYS LYS A . n 
A 1 45  PHE 45  481 481 PHE PHE A . n 
A 1 46  LEU 46  482 482 LEU LEU A . n 
A 1 47  GLU 47  483 483 GLU GLU A . n 
A 1 48  LYS 48  484 484 LYS LYS A . n 
A 1 49  TYR 49  485 485 TYR TYR A . n 
A 1 50  PRO 50  486 486 PRO PRO A . n 
A 1 51  SER 51  487 487 SER SER A . n 
A 1 52  ALA 52  488 488 ALA ALA A . n 
A 1 53  GLU 53  489 489 GLU GLU A . n 
A 1 54  VAL 54  490 490 VAL VAL A . n 
A 1 55  ALA 55  491 491 ALA ALA A . n 
A 1 56  ARG 56  492 492 ARG ARG A . n 
A 1 57  THR 57  493 493 THR THR A . n 
A 1 58  ALA 58  494 494 ALA ALA A . n 
A 1 59  ASP 59  495 495 ASP ASP A . n 
A 1 60  TRP 60  496 496 TRP TRP A . n 
A 1 61  ARG 61  497 497 ARG ARG A . n 
A 1 62  ASP 62  498 498 ASP ASP A . n 
A 1 63  VAL 63  499 499 VAL VAL A . n 
A 1 64  SER 64  500 500 SER SER A . n 
A 1 65  GLU 65  501 501 GLU GLU A . n 
A 1 66  LEU 66  502 502 LEU LEU A . n 
A 1 67  LEU 67  503 503 LEU LEU A . n 
A 1 68  LYS 68  504 504 LYS LYS A . n 
A 1 69  PRO 69  505 505 PRO PRO A . n 
A 1 70  LEU 70  506 506 LEU LEU A . n 
A 1 71  GLY 71  507 507 GLY GLY A . n 
A 1 72  LEU 72  508 508 LEU LEU A . n 
A 1 73  TYR 73  509 509 TYR TYR A . n 
A 1 74  ASP 74  510 510 ASP ASP A . n 
A 1 75  LEU 75  511 511 LEU LEU A . n 
A 1 76  ARG 76  512 512 ARG ARG A . n 
A 1 77  ALA 77  513 513 ALA ALA A . n 
A 1 78  LYS 78  514 514 LYS LYS A . n 
A 1 79  THR 79  515 515 THR THR A . n 
A 1 80  ILE 80  516 516 ILE ILE A . n 
A 1 81  VAL 81  517 517 VAL VAL A . n 
A 1 82  LYS 82  518 518 LYS LYS A . n 
A 1 83  PHE 83  519 519 PHE PHE A . n 
A 1 84  SER 84  520 520 SER SER A . n 
A 1 85  ASP 85  521 521 ASP ASP A . n 
A 1 86  GLU 86  522 522 GLU GLU A . n 
A 1 87  TYR 87  523 523 TYR TYR A . n 
A 1 88  LEU 88  524 524 LEU LEU A . n 
A 1 89  THR 89  525 525 THR THR A . n 
A 1 90  LYS 90  526 526 LYS LYS A . n 
A 1 91  GLN 91  527 527 GLN GLN A . n 
A 1 92  TRP 92  528 528 TRP TRP A . n 
A 1 93  LYS 93  529 529 LYS LYS A . n 
A 1 94  TYR 94  530 530 TYR TYR A . n 
A 1 95  PRO 95  531 531 PRO PRO A . n 
A 1 96  ILE 96  532 532 ILE ILE A . n 
A 1 97  GLU 97  533 533 GLU GLU A . n 
A 1 98  LEU 98  534 534 LEU LEU A . n 
A 1 99  HIS 99  535 535 HIS HIS A . n 
A 1 100 GLY 100 536 536 GLY GLY A . n 
A 1 101 ILE 101 537 537 ILE ILE A . n 
A 1 102 GLY 102 538 538 GLY GLY A . n 
A 1 103 LYS 103 539 539 LYS LYS A . n 
A 1 104 TYR 104 540 540 TYR TYR A . n 
A 1 105 GLY 105 541 541 GLY GLY A . n 
A 1 106 ASN 106 542 542 ASN ASN A . n 
A 1 107 ASP 107 543 543 ASP ASP A . n 
A 1 108 SER 108 544 544 SER SER A . n 
A 1 109 TYR 109 545 545 TYR TYR A . n 
A 1 110 ARG 110 546 546 ARG ARG A . n 
A 1 111 ILE 111 547 547 ILE ILE A . n 
A 1 112 PHE 112 548 548 PHE PHE A . n 
A 1 113 CYS 113 549 549 CYS CYS A . n 
A 1 114 VAL 114 550 550 VAL VAL A . n 
A 1 115 ASN 115 551 551 ASN ASN A . n 
A 1 116 GLU 116 552 552 GLU GLU A . n 
A 1 117 TRP 117 553 553 TRP TRP A . n 
A 1 118 LYS 118 554 554 LYS LYS A . n 
A 1 119 GLN 119 555 555 GLN GLN A . n 
A 1 120 VAL 120 556 556 VAL VAL A . n 
A 1 121 HIS 121 557 557 HIS HIS A . n 
A 1 122 PRO 122 558 558 PRO PRO A . n 
A 1 123 GLU 123 559 559 GLU GLU A . n 
A 1 124 ASP 124 560 560 ASP ASP A . n 
A 1 125 HIS 125 561 561 HIS HIS A . n 
A 1 126 LYS 126 562 562 LYS LYS A . n 
A 1 127 LEU 127 563 563 LEU LEU A . n 
A 1 128 ASN 128 564 564 ASN ASN A . n 
A 1 129 LYS 129 565 565 LYS LYS A . n 
A 1 130 TYR 130 566 566 TYR TYR A . n 
A 1 131 HIS 131 567 567 HIS HIS A . n 
A 1 132 ASP 132 568 568 ASP ASP A . n 
A 1 133 TRP 133 569 569 TRP TRP A . n 
A 1 134 LEU 134 570 570 LEU LEU A . n 
A 1 135 TRP 135 571 571 TRP TRP A . n 
A 1 136 GLU 136 572 572 GLU GLU A . n 
A 1 137 ASN 137 573 573 ASN ASN A . n 
A 1 138 HIS 138 574 574 HIS HIS A . n 
# 
loop_
_pdbx_nonpoly_scheme.asym_id 
_pdbx_nonpoly_scheme.entity_id 
_pdbx_nonpoly_scheme.mon_id 
_pdbx_nonpoly_scheme.ndb_seq_num 
_pdbx_nonpoly_scheme.pdb_seq_num 
_pdbx_nonpoly_scheme.auth_seq_num 
_pdbx_nonpoly_scheme.pdb_mon_id 
_pdbx_nonpoly_scheme.auth_mon_id 
_pdbx_nonpoly_scheme.pdb_strand_id 
_pdbx_nonpoly_scheme.pdb_ins_code 
B 2 HOH 1  1  1  HOH HOH A . 
B 2 HOH 2  2  2  HOH HOH A . 
B 2 HOH 3  3  3  HOH HOH A . 
B 2 HOH 4  4  4  HOH HOH A . 
B 2 HOH 5  5  5  HOH HOH A . 
B 2 HOH 6  6  6  HOH HOH A . 
B 2 HOH 7  7  7  HOH HOH A . 
B 2 HOH 8  8  8  HOH HOH A . 
B 2 HOH 9  9  9  HOH HOH A . 
B 2 HOH 10 10 10 HOH HOH A . 
B 2 HOH 11 11 11 HOH HOH A . 
B 2 HOH 12 12 12 HOH HOH A . 
# 
loop_
_pdbx_unobs_or_zero_occ_atoms.id 
_pdbx_unobs_or_zero_occ_atoms.PDB_model_num 
_pdbx_unobs_or_zero_occ_atoms.polymer_flag 
_pdbx_unobs_or_zero_occ_atoms.occupancy_flag 
_pdbx_unobs_or_zero_occ_atoms.auth_asym_id 
_pdbx_unobs_or_zero_occ_atoms.auth_comp_id 
_pdbx_unobs_or_zero_occ_atoms.auth_seq_id 
_pdbx_unobs_or_zero_occ_atoms.PDB_ins_code 
_pdbx_unobs_or_zero_occ_atoms.auth_atom_id 
_pdbx_unobs_or_zero_occ_atoms.label_alt_id 
_pdbx_unobs_or_zero_occ_atoms.label_asym_id 
_pdbx_unobs_or_zero_occ_atoms.label_comp_id 
_pdbx_unobs_or_zero_occ_atoms.label_seq_id 
_pdbx_unobs_or_zero_occ_atoms.label_atom_id 
1  1 Y 1 A ARG 468 ? CG  ? A ARG 32  CG  
2  1 Y 1 A ARG 468 ? CD  ? A ARG 32  CD  
3  1 Y 1 A ARG 468 ? NE  ? A ARG 32  NE  
4  1 Y 1 A ARG 468 ? CZ  ? A ARG 32  CZ  
5  1 Y 1 A ARG 468 ? NH1 ? A ARG 32  NH1 
6  1 Y 1 A ARG 468 ? NH2 ? A ARG 32  NH2 
7  1 Y 1 A SER 470 ? OG  ? A SER 34  OG  
8  1 Y 1 A LYS 472 ? CG  ? A LYS 36  CG  
9  1 Y 1 A LYS 472 ? CD  ? A LYS 36  CD  
10 1 Y 1 A LYS 472 ? CE  ? A LYS 36  CE  
11 1 Y 1 A LYS 472 ? NZ  ? A LYS 36  NZ  
12 1 Y 1 A LYS 480 ? CG  ? A LYS 44  CG  
13 1 Y 1 A LYS 480 ? CD  ? A LYS 44  CD  
14 1 Y 1 A LYS 480 ? CE  ? A LYS 44  CE  
15 1 Y 1 A LYS 480 ? NZ  ? A LYS 44  NZ  
16 1 Y 1 A LEU 508 ? CG  ? A LEU 72  CG  
17 1 Y 1 A LEU 508 ? CD1 ? A LEU 72  CD1 
18 1 Y 1 A LEU 508 ? CD2 ? A LEU 72  CD2 
19 1 Y 1 A LEU 511 ? CG  ? A LEU 75  CG  
20 1 Y 1 A LEU 511 ? CD1 ? A LEU 75  CD1 
21 1 Y 1 A LEU 511 ? CD2 ? A LEU 75  CD2 
22 1 Y 1 A GLN 527 ? CG  ? A GLN 91  CG  
23 1 Y 1 A GLN 527 ? CD  ? A GLN 91  CD  
24 1 Y 1 A GLN 527 ? OE1 ? A GLN 91  OE1 
25 1 Y 1 A GLN 527 ? NE2 ? A GLN 91  NE2 
26 1 Y 1 A LYS 529 ? CG  ? A LYS 93  CG  
27 1 Y 1 A LYS 529 ? CD  ? A LYS 93  CD  
28 1 Y 1 A LYS 529 ? CE  ? A LYS 93  CE  
29 1 Y 1 A LYS 529 ? NZ  ? A LYS 93  NZ  
30 1 Y 1 A LYS 562 ? CG  ? A LYS 126 CG  
31 1 Y 1 A LYS 562 ? CD  ? A LYS 126 CD  
32 1 Y 1 A LYS 562 ? CE  ? A LYS 126 CE  
33 1 Y 1 A LYS 562 ? NZ  ? A LYS 126 NZ  
# 
loop_
_software.pdbx_ordinal 
_software.name 
_software.version 
_software.date 
_software.type 
_software.contact_author 
_software.contact_author_email 
_software.classification 
_software.location 
_software.language 
_software.citation_id 
1 DENZO       .        ?               package 'Zbyszek Otwinowski' hkl@hkl-xray.com            'data reduction'  
http://www.hkl-xray.com/                     ?          ? 
2 SCALEPACK   .        ?               package 'Zbyszek Otwinowski' hkl@hkl-xray.com            'data scaling'    
http://www.hkl-xray.com/                     ?          ? 
3 PHASER      .        ?               program 'Randy J. Read'      cimr-phaser@lists.cam.ac.uk phasing           
http://www-structmed.cimr.cam.ac.uk/phaser/  ?          ? 
4 REFMAC      5.5.0102 ?               program 'Garib N. Murshudov' garib@ysbl.york.ac.uk       refinement        
http://www.ccp4.ac.uk/dist/html/refmac5.html Fortran_77 ? 
5 PDB_EXTRACT 3.005    'June 11, 2008' package PDB                  help@deposit.rcsb.org       'data extraction' 
http://sw-tools.pdb.org/apps/PDB_EXTRACT/    C++        ? 
# 
_cell.entry_id           3IHO 
_cell.length_a           83.541 
_cell.length_b           83.541 
_cell.length_c           73.956 
_cell.angle_alpha        90.00 
_cell.angle_beta         90.00 
_cell.angle_gamma        120.00 
_cell.Z_PDB              9 
_cell.pdbx_unique_axis   ? 
_cell.length_a_esd       ? 
_cell.length_b_esd       ? 
_cell.length_c_esd       ? 
_cell.angle_alpha_esd    ? 
_cell.angle_beta_esd     ? 
_cell.angle_gamma_esd    ? 
# 
_symmetry.entry_id                         3IHO 
_symmetry.space_group_name_H-M             'H 3' 
_symmetry.pdbx_full_space_group_name_H-M   ? 
_symmetry.cell_setting                     ? 
_symmetry.Int_Tables_number                146 
_symmetry.space_group_name_Hall            ? 
# 
_exptl.entry_id          3IHO 
_exptl.method            'X-RAY DIFFRACTION' 
_exptl.crystals_number   1 
# 
_exptl_crystal.id                    1 
_exptl_crystal.density_meas          ? 
_exptl_crystal.density_Matthews      2.99 
_exptl_crystal.density_percent_sol   58.80 
_exptl_crystal.description           ? 
_exptl_crystal.F_000                 ? 
_exptl_crystal.preparation           ? 
# 
_exptl_crystal_grow.crystal_id      1 
_exptl_crystal_grow.method          'VAPOR DIFFUSION, SITTING DROP' 
_exptl_crystal_grow.temp            ? 
_exptl_crystal_grow.temp_details    ? 
_exptl_crystal_grow.pH              7.5 
_exptl_crystal_grow.pdbx_pH_range   ? 
_exptl_crystal_grow.pdbx_details    '25% PEG3350, 0.2M Li Sulfate, 0.1M Hepes pH 7.5, VAPOR DIFFUSION, SITTING DROP' 
# 
_diffrn.id                     1 
_diffrn.ambient_temp           ? 
_diffrn.ambient_temp_details   ? 
_diffrn.crystal_id             1 
# 
_diffrn_radiation.diffrn_id                        1 
_diffrn_radiation.wavelength_id                    1 
_diffrn_radiation.pdbx_monochromatic_or_laue_m_l   M 
_diffrn_radiation.monochromator                    ? 
_diffrn_radiation.pdbx_diffrn_protocol             'SINGLE WAVELENGTH' 
_diffrn_radiation.pdbx_scattering_type             x-ray 
# 
_diffrn_radiation_wavelength.id           1 
_diffrn_radiation_wavelength.wavelength   . 
_diffrn_radiation_wavelength.wt           1.0 
# 
_diffrn_source.diffrn_id                   1 
_diffrn_source.source                      SYNCHROTRON 
_diffrn_source.type                        'APS BEAMLINE 19-ID' 
_diffrn_source.pdbx_synchrotron_site       APS 
_diffrn_source.pdbx_synchrotron_beamline   19-ID 
_diffrn_source.pdbx_wavelength             ? 
_diffrn_source.pdbx_wavelength_list        ? 
# 
_reflns.entry_id                     3IHO 
_reflns.observed_criterion_sigma_I   ? 
_reflns.observed_criterion_sigma_F   ? 
_reflns.d_resolution_low             51.71 
_reflns.d_resolution_high            2.697 
_reflns.number_obs                   5287 
_reflns.number_all                   ? 
_reflns.percent_possible_obs         93.700 
_reflns.pdbx_Rmerge_I_obs            0.090 
_reflns.pdbx_Rsym_value              ? 
_reflns.pdbx_netI_over_sigmaI        6.300 
_reflns.B_iso_Wilson_estimate        ? 
_reflns.pdbx_redundancy              3.700 
_reflns.R_free_details               ? 
_reflns.limit_h_max                  ? 
_reflns.limit_h_min                  ? 
_reflns.limit_k_max                  ? 
_reflns.limit_k_min                  ? 
_reflns.limit_l_max                  ? 
_reflns.limit_l_min                  ? 
_reflns.observed_criterion_F_max     ? 
_reflns.observed_criterion_F_min     ? 
_reflns.pdbx_chi_squared             ? 
_reflns.pdbx_scaling_rejects         ? 
_reflns.pdbx_ordinal                 1 
_reflns.pdbx_diffrn_id               1 
# 
loop_
_reflns_shell.d_res_high 
_reflns_shell.d_res_low 
_reflns_shell.percent_possible_all 
_reflns_shell.Rmerge_I_obs 
_reflns_shell.pdbx_Rsym_value 
_reflns_shell.meanI_over_sigI_obs 
_reflns_shell.pdbx_redundancy 
_reflns_shell.percent_possible_obs 
_reflns_shell.number_unique_all 
_reflns_shell.number_measured_all 
_reflns_shell.number_measured_obs 
_reflns_shell.number_unique_obs 
_reflns_shell.pdbx_chi_squared 
_reflns_shell.pdbx_ordinal 
_reflns_shell.pdbx_diffrn_id 
2.697 2.80  64.30  0.315 ? ? 2.60 ? ? ? ? ? ? 1  1 
2.80  2.91  79.30  0.322 ? ? 2.90 ? ? ? ? ? ? 2  1 
2.91  3.04  94.20  0.304 ? ? 3.10 ? ? ? ? ? ? 3  1 
3.04  3.20  99.00  0.216 ? ? 3.60 ? ? ? ? ? ? 4  1 
3.20  3.40  99.90  0.169 ? ? 3.90 ? ? ? ? ? ? 5  1 
3.40  3.66  100.00 0.135 ? ? 4.00 ? ? ? ? ? ? 6  1 
3.66  4.03  100.00 0.119 ? ? 4.10 ? ? ? ? ? ? 7  1 
4.03  4.62  100.00 0.084 ? ? 4.10 ? ? ? ? ? ? 8  1 
4.62  5.81  100.00 0.068 ? ? 4.00 ? ? ? ? ? ? 9  1 
5.81  40.00 99.90  0.039 ? ? 4.20 ? ? ? ? ? ? 10 1 
# 
_refine.pdbx_refine_id                           'X-RAY DIFFRACTION' 
_refine.entry_id                                 3IHO 
_refine.ls_number_reflns_obs                     4589 
_refine.ls_number_reflns_all                     ? 
_refine.pdbx_ls_sigma_I                          ? 
_refine.pdbx_ls_sigma_F                          . 
_refine.pdbx_data_cutoff_high_absF               ? 
_refine.pdbx_data_cutoff_low_absF                ? 
_refine.pdbx_data_cutoff_high_rms_absF           ? 
_refine.ls_d_res_low                             51.71 
_refine.ls_d_res_high                            2.70 
_refine.ls_percent_reflns_obs                    90.85 
_refine.ls_R_factor_obs                          0.18735 
_refine.ls_R_factor_all                          ? 
_refine.ls_R_factor_R_work                       0.18248 
_refine.ls_R_factor_R_free                       0.29003 
_refine.ls_R_factor_R_free_error                 ? 
_refine.ls_R_factor_R_free_error_details         ? 
_refine.ls_percent_reflns_R_free                 4.5 
_refine.ls_number_reflns_R_free                  218 
_refine.ls_number_parameters                     ? 
_refine.ls_number_restraints                     ? 
_refine.occupancy_min                            1.00 
_refine.occupancy_max                            1.00 
_refine.correlation_coeff_Fo_to_Fc               0.945 
_refine.correlation_coeff_Fo_to_Fc_free          0.872 
_refine.B_iso_mean                               24.405 
_refine.aniso_B[1][1]                            1.89 
_refine.aniso_B[2][2]                            1.89 
_refine.aniso_B[3][3]                            -2.83 
_refine.aniso_B[1][2]                            0.94 
_refine.aniso_B[1][3]                            0.00 
_refine.aniso_B[2][3]                            0.00 
_refine.solvent_model_details                    MASK 
_refine.solvent_model_param_ksol                 ? 
_refine.solvent_model_param_bsol                 ? 
_refine.pdbx_solvent_vdw_probe_radii             1.40 
_refine.pdbx_solvent_ion_probe_radii             0.80 
_refine.pdbx_solvent_shrinkage_radii             0.80 
_refine.pdbx_ls_cross_valid_method               THROUGHOUT 
_refine.details                                  'HYDROGENS HAVE BEEN ADDED IN THE RIDING POSITIONS' 
_refine.pdbx_starting_model                      ? 
_refine.pdbx_method_to_determine_struct          'MOLECULAR REPLACEMENT' 
_refine.pdbx_isotropic_thermal_model             ? 
_refine.pdbx_stereochemistry_target_values       'MAXIMUM LIKELIHOOD' 
_refine.pdbx_stereochem_target_val_spec_case     ? 
_refine.pdbx_R_Free_selection_details            RANDOM 
_refine.pdbx_overall_ESU_R                       ? 
_refine.pdbx_overall_ESU_R_Free                  0.412 
_refine.overall_SU_ML                            0.286 
_refine.pdbx_overall_phase_error                 ? 
_refine.overall_SU_B                             22.469 
_refine.ls_redundancy_reflns_obs                 ? 
_refine.B_iso_min                                ? 
_refine.B_iso_max                                ? 
_refine.overall_SU_R_Cruickshank_DPI             ? 
_refine.overall_SU_R_free                        ? 
_refine.ls_wR_factor_R_free                      ? 
_refine.ls_wR_factor_R_work                      ? 
_refine.overall_FOM_free_R_set                   ? 
_refine.overall_FOM_work_R_set                   ? 
_refine.pdbx_TLS_residual_ADP_flag               'LIKELY RESIDUAL' 
_refine.pdbx_diffrn_id                           1 
_refine.pdbx_overall_SU_R_free_Cruickshank_DPI   ? 
_refine.pdbx_overall_SU_R_Blow_DPI               ? 
_refine.pdbx_overall_SU_R_free_Blow_DPI          ? 
# 
_refine_hist.pdbx_refine_id                   'X-RAY DIFFRACTION' 
_refine_hist.cycle_id                         LAST 
_refine_hist.pdbx_number_atoms_protein        1146 
_refine_hist.pdbx_number_atoms_nucleic_acid   0 
_refine_hist.pdbx_number_atoms_ligand         0 
_refine_hist.number_atoms_solvent             12 
_refine_hist.number_atoms_total               1158 
_refine_hist.d_res_high                       2.70 
_refine_hist.d_res_low                        51.71 
# 
loop_
_refine_ls_restr.type 
_refine_ls_restr.dev_ideal 
_refine_ls_restr.dev_ideal_target 
_refine_ls_restr.weight 
_refine_ls_restr.number 
_refine_ls_restr.pdbx_refine_id 
_refine_ls_restr.pdbx_restraint_function 
r_bond_refined_d             0.021  0.022  ? 1189 'X-RAY DIFFRACTION' ? 
r_bond_other_d               ?      ?      ? ?    'X-RAY DIFFRACTION' ? 
r_angle_refined_deg          1.978  1.923  ? 1626 'X-RAY DIFFRACTION' ? 
r_angle_other_deg            ?      ?      ? ?    'X-RAY DIFFRACTION' ? 
r_dihedral_angle_1_deg       6.489  5.000  ? 137  'X-RAY DIFFRACTION' ? 
r_dihedral_angle_2_deg       32.271 23.509 ? 57   'X-RAY DIFFRACTION' ? 
r_dihedral_angle_3_deg       18.877 15.000 ? 183  'X-RAY DIFFRACTION' ? 
r_dihedral_angle_4_deg       18.907 15.000 ? 5    'X-RAY DIFFRACTION' ? 
r_chiral_restr               0.125  0.200  ? 168  'X-RAY DIFFRACTION' ? 
r_gen_planes_refined         0.010  0.021  ? 923  'X-RAY DIFFRACTION' ? 
r_gen_planes_other           ?      ?      ? ?    'X-RAY DIFFRACTION' ? 
r_nbd_refined                ?      ?      ? ?    'X-RAY DIFFRACTION' ? 
r_nbd_other                  ?      ?      ? ?    'X-RAY DIFFRACTION' ? 
r_nbtor_refined              ?      ?      ? ?    'X-RAY DIFFRACTION' ? 
r_nbtor_other                ?      ?      ? ?    'X-RAY DIFFRACTION' ? 
r_xyhbond_nbd_refined        ?      ?      ? ?    'X-RAY DIFFRACTION' ? 
r_xyhbond_nbd_other          ?      ?      ? ?    'X-RAY DIFFRACTION' ? 
r_metal_ion_refined          ?      ?      ? ?    'X-RAY DIFFRACTION' ? 
r_metal_ion_other            ?      ?      ? ?    'X-RAY DIFFRACTION' ? 
r_symmetry_vdw_refined       ?      ?      ? ?    'X-RAY DIFFRACTION' ? 
r_symmetry_vdw_other         ?      ?      ? ?    'X-RAY DIFFRACTION' ? 
r_symmetry_hbond_refined     ?      ?      ? ?    'X-RAY DIFFRACTION' ? 
r_symmetry_hbond_other       ?      ?      ? ?    'X-RAY DIFFRACTION' ? 
r_symmetry_metal_ion_refined ?      ?      ? ?    'X-RAY DIFFRACTION' ? 
r_symmetry_metal_ion_other   ?      ?      ? ?    'X-RAY DIFFRACTION' ? 
r_mcbond_it                  0.804  1.500  ? 693  'X-RAY DIFFRACTION' ? 
r_mcbond_other               ?      ?      ? ?    'X-RAY DIFFRACTION' ? 
r_mcangle_it                 1.610  2.000  ? 1119 'X-RAY DIFFRACTION' ? 
r_scbond_it                  2.544  3.000  ? 496  'X-RAY DIFFRACTION' ? 
r_scangle_it                 4.228  4.500  ? 507  'X-RAY DIFFRACTION' ? 
r_rigid_bond_restr           ?      ?      ? ?    'X-RAY DIFFRACTION' ? 
r_sphericity_free            ?      ?      ? ?    'X-RAY DIFFRACTION' ? 
r_sphericity_bonded          ?      ?      ? ?    'X-RAY DIFFRACTION' ? 
# 
_refine_ls_shell.pdbx_refine_id                   'X-RAY DIFFRACTION' 
_refine_ls_shell.pdbx_total_number_of_bins_used   20 
_refine_ls_shell.d_res_high                       2.697 
_refine_ls_shell.d_res_low                        2.767 
_refine_ls_shell.number_reflns_R_work             207 
_refine_ls_shell.R_factor_R_work                  0.164 
_refine_ls_shell.percent_reflns_obs               57.22 
_refine_ls_shell.R_factor_R_free                  0.338 
_refine_ls_shell.R_factor_R_free_error            ? 
_refine_ls_shell.percent_reflns_R_free            ? 
_refine_ls_shell.number_reflns_R_free             11 
_refine_ls_shell.number_reflns_all                ? 
_refine_ls_shell.R_factor_all                     ? 
_refine_ls_shell.redundancy_reflns_obs            ? 
_refine_ls_shell.number_reflns_obs                ? 
# 
_struct.entry_id                  3IHO 
_struct.title                     'The C-terminal glycosylase domain of human MBD4' 
_struct.pdbx_model_details        ? 
_struct.pdbx_CASP_flag            ? 
_struct.pdbx_model_type_details   ? 
# 
_struct_keywords.entry_id        3IHO 
_struct_keywords.pdbx_keywords   HYDROLASE 
_struct_keywords.text            
'MBD4, Structural Genomics, Structural Genomics Consortium, SGC, DNA damage, DNA repair, DNA-binding, Hydrolase, Nucleus' 
# 
loop_
_struct_asym.id 
_struct_asym.pdbx_blank_PDB_chainid_flag 
_struct_asym.pdbx_modified 
_struct_asym.entity_id 
_struct_asym.details 
A N N 1 ? 
B N N 2 ? 
# 
_struct_ref.id                         1 
_struct_ref.db_name                    UNP 
_struct_ref.db_code                    MBD4_HUMAN 
_struct_ref.pdbx_db_accession          O95243 
_struct_ref.entity_id                  1 
_struct_ref.pdbx_seq_one_letter_code   
;KWTPPRSPFNLVQETLFHDPWKLLIATIFLNRTSGKMAIPVLWKFLEKYPSAEVARTADWRDVSELLKPLGLYDLRAKTI
VKFSDEYLTKQWKYPIELHGIGKYGNDSYRIFCVNEWKQVHPEDHKLNKYHDWLWENH
;
_struct_ref.pdbx_align_begin           437 
_struct_ref.pdbx_db_isoform            ? 
# 
_struct_ref_seq.align_id                      1 
_struct_ref_seq.ref_id                        1 
_struct_ref_seq.pdbx_PDB_id_code              3IHO 
_struct_ref_seq.pdbx_strand_id                A 
_struct_ref_seq.seq_align_beg                 1 
_struct_ref_seq.pdbx_seq_align_beg_ins_code   ? 
_struct_ref_seq.seq_align_end                 138 
_struct_ref_seq.pdbx_seq_align_end_ins_code   ? 
_struct_ref_seq.pdbx_db_accession             O95243 
_struct_ref_seq.db_align_beg                  437 
_struct_ref_seq.pdbx_db_align_beg_ins_code    ? 
_struct_ref_seq.db_align_end                  574 
_struct_ref_seq.pdbx_db_align_end_ins_code    ? 
_struct_ref_seq.pdbx_auth_seq_align_beg       437 
_struct_ref_seq.pdbx_auth_seq_align_end       574 
# 
_pdbx_struct_assembly.id                   1 
_pdbx_struct_assembly.details              software_defined_assembly 
_pdbx_struct_assembly.method_details       PISA 
_pdbx_struct_assembly.oligomeric_details   monomeric 
_pdbx_struct_assembly.oligomeric_count     1 
# 
_pdbx_struct_assembly_gen.assembly_id       1 
_pdbx_struct_assembly_gen.oper_expression   1 
_pdbx_struct_assembly_gen.asym_id_list      A,B 
# 
_pdbx_struct_oper_list.id                   1 
_pdbx_struct_oper_list.type                 'identity operation' 
_pdbx_struct_oper_list.name                 1_555 
_pdbx_struct_oper_list.symmetry_operation   x,y,z 
_pdbx_struct_oper_list.matrix[1][1]         1.0000000000 
_pdbx_struct_oper_list.matrix[1][2]         0.0000000000 
_pdbx_struct_oper_list.matrix[1][3]         0.0000000000 
_pdbx_struct_oper_list.vector[1]            0.0000000000 
_pdbx_struct_oper_list.matrix[2][1]         0.0000000000 
_pdbx_struct_oper_list.matrix[2][2]         1.0000000000 
_pdbx_struct_oper_list.matrix[2][3]         0.0000000000 
_pdbx_struct_oper_list.vector[2]            0.0000000000 
_pdbx_struct_oper_list.matrix[3][1]         0.0000000000 
_pdbx_struct_oper_list.matrix[3][2]         0.0000000000 
_pdbx_struct_oper_list.matrix[3][3]         1.0000000000 
_pdbx_struct_oper_list.vector[3]            0.0000000000 
# 
_struct_biol.id        1 
_struct_biol.details   ? 
# 
loop_
_struct_conf.conf_type_id 
_struct_conf.id 
_struct_conf.pdbx_PDB_helix_id 
_struct_conf.beg_label_comp_id 
_struct_conf.beg_label_asym_id 
_struct_conf.beg_label_seq_id 
_struct_conf.pdbx_beg_PDB_ins_code 
_struct_conf.end_label_comp_id 
_struct_conf.end_label_asym_id 
_struct_conf.end_label_seq_id 
_struct_conf.pdbx_end_PDB_ins_code 
_struct_conf.beg_auth_comp_id 
_struct_conf.beg_auth_asym_id 
_struct_conf.beg_auth_seq_id 
_struct_conf.end_auth_comp_id 
_struct_conf.end_auth_asym_id 
_struct_conf.end_auth_seq_id 
_struct_conf.pdbx_PDB_helix_class 
_struct_conf.details 
_struct_conf.pdbx_PDB_helix_length 
HELX_P HELX_P1 1 VAL A 12  ? PHE A 17  ? VAL A 448 PHE A 453 1 ? 6  
HELX_P HELX_P2 2 ASP A 19  ? ASN A 31  ? ASP A 455 ASN A 467 1 ? 13 
HELX_P HELX_P3 3 SER A 34  ? TYR A 49  ? SER A 470 TYR A 485 1 ? 16 
HELX_P HELX_P4 4 SER A 51  ? ARG A 56  ? SER A 487 ARG A 492 1 ? 6  
HELX_P HELX_P5 5 ASP A 59  ? LYS A 68  ? ASP A 495 LYS A 504 1 ? 10 
HELX_P HELX_P6 6 LEU A 72  ? LYS A 90  ? LEU A 508 LYS A 526 1 ? 19 
HELX_P HELX_P7 7 TYR A 94  ? LEU A 98  ? TYR A 530 LEU A 534 5 ? 5  
HELX_P HELX_P8 8 GLY A 102 ? CYS A 113 ? GLY A 538 CYS A 549 1 ? 12 
HELX_P HELX_P9 9 ASP A 124 ? HIS A 138 ? ASP A 560 HIS A 574 1 ? 15 
# 
_struct_conf_type.id          HELX_P 
_struct_conf_type.criteria    ? 
_struct_conf_type.reference   ? 
# 
_struct_mon_prot_cis.pdbx_id                1 
_struct_mon_prot_cis.label_comp_id          LYS 
_struct_mon_prot_cis.label_seq_id           68 
_struct_mon_prot_cis.label_asym_id          A 
_struct_mon_prot_cis.label_alt_id           . 
_struct_mon_prot_cis.pdbx_PDB_ins_code      ? 
_struct_mon_prot_cis.auth_comp_id           LYS 
_struct_mon_prot_cis.auth_seq_id            504 
_struct_mon_prot_cis.auth_asym_id           A 
_struct_mon_prot_cis.pdbx_label_comp_id_2   PRO 
_struct_mon_prot_cis.pdbx_label_seq_id_2    69 
_struct_mon_prot_cis.pdbx_label_asym_id_2   A 
_struct_mon_prot_cis.pdbx_PDB_ins_code_2    ? 
_struct_mon_prot_cis.pdbx_auth_comp_id_2    PRO 
_struct_mon_prot_cis.pdbx_auth_seq_id_2     505 
_struct_mon_prot_cis.pdbx_auth_asym_id_2    A 
_struct_mon_prot_cis.pdbx_PDB_model_num     1 
_struct_mon_prot_cis.pdbx_omega_angle       -2.99 
# 
_pdbx_validate_rmsd_angle.id                         1 
_pdbx_validate_rmsd_angle.PDB_model_num              1 
_pdbx_validate_rmsd_angle.auth_atom_id_1             CB 
_pdbx_validate_rmsd_angle.auth_asym_id_1             A 
_pdbx_validate_rmsd_angle.auth_comp_id_1             LEU 
_pdbx_validate_rmsd_angle.auth_seq_id_1              524 
_pdbx_validate_rmsd_angle.PDB_ins_code_1             ? 
_pdbx_validate_rmsd_angle.label_alt_id_1             ? 
_pdbx_validate_rmsd_angle.auth_atom_id_2             CG 
_pdbx_validate_rmsd_angle.auth_asym_id_2             A 
_pdbx_validate_rmsd_angle.auth_comp_id_2             LEU 
_pdbx_validate_rmsd_angle.auth_seq_id_2              524 
_pdbx_validate_rmsd_angle.PDB_ins_code_2             ? 
_pdbx_validate_rmsd_angle.label_alt_id_2             ? 
_pdbx_validate_rmsd_angle.auth_atom_id_3             CD1 
_pdbx_validate_rmsd_angle.auth_asym_id_3             A 
_pdbx_validate_rmsd_angle.auth_comp_id_3             LEU 
_pdbx_validate_rmsd_angle.auth_seq_id_3              524 
_pdbx_validate_rmsd_angle.PDB_ins_code_3             ? 
_pdbx_validate_rmsd_angle.label_alt_id_3             ? 
_pdbx_validate_rmsd_angle.angle_value                100.55 
_pdbx_validate_rmsd_angle.angle_target_value         111.00 
_pdbx_validate_rmsd_angle.angle_deviation            -10.45 
_pdbx_validate_rmsd_angle.angle_standard_deviation   1.70 
_pdbx_validate_rmsd_angle.linker_flag                N 
# 
loop_
_pdbx_validate_torsion.id 
_pdbx_validate_torsion.PDB_model_num 
_pdbx_validate_torsion.auth_comp_id 
_pdbx_validate_torsion.auth_asym_id 
_pdbx_validate_torsion.auth_seq_id 
_pdbx_validate_torsion.PDB_ins_code 
_pdbx_validate_torsion.label_alt_id 
_pdbx_validate_torsion.phi 
_pdbx_validate_torsion.psi 
1 1 PRO A 444 ? ? -57.97  -1.67 
2 1 ARG A 468 ? ? 36.10   51.89 
3 1 GLU A 552 ? ? -146.06 32.56 
4 1 GLU A 559 ? ? -144.56 51.41 
# 
_pdbx_SG_project.id                    1 
_pdbx_SG_project.project_name          ? 
_pdbx_SG_project.full_name_of_center   'Structural Genomics Consortium' 
_pdbx_SG_project.initial_of_center     SGC 
# 
loop_
_pdbx_refine_tls.pdbx_refine_id 
_pdbx_refine_tls.id 
_pdbx_refine_tls.details 
_pdbx_refine_tls.method 
_pdbx_refine_tls.origin_x 
_pdbx_refine_tls.origin_y 
_pdbx_refine_tls.origin_z 
_pdbx_refine_tls.T[1][1] 
_pdbx_refine_tls.T[2][2] 
_pdbx_refine_tls.T[3][3] 
_pdbx_refine_tls.T[1][2] 
_pdbx_refine_tls.T[1][3] 
_pdbx_refine_tls.T[2][3] 
_pdbx_refine_tls.L[1][1] 
_pdbx_refine_tls.L[2][2] 
_pdbx_refine_tls.L[3][3] 
_pdbx_refine_tls.L[1][2] 
_pdbx_refine_tls.L[1][3] 
_pdbx_refine_tls.L[2][3] 
_pdbx_refine_tls.S[1][1] 
_pdbx_refine_tls.S[1][2] 
_pdbx_refine_tls.S[1][3] 
_pdbx_refine_tls.S[2][1] 
_pdbx_refine_tls.S[2][2] 
_pdbx_refine_tls.S[2][3] 
_pdbx_refine_tls.S[3][1] 
_pdbx_refine_tls.S[3][2] 
_pdbx_refine_tls.S[3][3] 
'X-RAY DIFFRACTION' 1 ? refined 10.5814 6.6311  7.1763  0.2340 0.2410 0.2428 0.0158 -0.0198 -0.0179 1.4236 0.1917 1.8750 0.2843  -1.5426 -0.2261 -0.0347 -0.2814 -0.0472 0.0757 0.0459 -0.1294 0.1104  0.3761  -0.0112 
'X-RAY DIFFRACTION' 2 ? refined -1.6032 -3.5786 -1.7029 0.0845 0.0879 0.0562 0.0339 -0.0074 0.0368  1.2701 4.4999 1.7654 1.5915  0.6880  -0.7185 0.0072  0.0628  0.0829  0.0648 0.0224 0.2001  0.0721  0.0113  -0.0295 
'X-RAY DIFFRACTION' 3 ? refined 4.9905  15.4887 3.7111  0.3987 0.0702 0.4336 0.0983 -0.3220 -0.0248 4.0243 5.1488 3.8661 -1.6204 3.7887  -0.4004 -0.9842 -0.2863 1.1072  0.9547 0.0613 -0.6732 -0.7471 -0.2936 0.9229  
# 
loop_
_pdbx_refine_tls_group.pdbx_refine_id 
_pdbx_refine_tls_group.id 
_pdbx_refine_tls_group.refine_tls_id 
_pdbx_refine_tls_group.beg_auth_asym_id 
_pdbx_refine_tls_group.beg_auth_seq_id 
_pdbx_refine_tls_group.beg_label_asym_id 
_pdbx_refine_tls_group.beg_label_seq_id 
_pdbx_refine_tls_group.end_auth_asym_id 
_pdbx_refine_tls_group.end_auth_seq_id 
_pdbx_refine_tls_group.end_label_asym_id 
_pdbx_refine_tls_group.end_label_seq_id 
_pdbx_refine_tls_group.selection 
_pdbx_refine_tls_group.selection_details 
'X-RAY DIFFRACTION' 1 1 A 411 ? ? A 422 ? ? ? ? 
'X-RAY DIFFRACTION' 2 2 A 423 ? ? A 528 ? ? ? ? 
'X-RAY DIFFRACTION' 3 3 A 529 ? ? A 548 ? ? ? ? 
# 
_phasing.method   MR 
# 
loop_
_chem_comp_atom.comp_id 
_chem_comp_atom.atom_id 
_chem_comp_atom.type_symbol 
_chem_comp_atom.pdbx_aromatic_flag 
_chem_comp_atom.pdbx_stereo_config 
_chem_comp_atom.pdbx_ordinal 
ALA N    N N N 1   
ALA CA   C N S 2   
ALA C    C N N 3   
ALA O    O N N 4   
ALA CB   C N N 5   
ALA OXT  O N N 6   
ALA H    H N N 7   
ALA H2   H N N 8   
ALA HA   H N N 9   
ALA HB1  H N N 10  
ALA HB2  H N N 11  
ALA HB3  H N N 12  
ALA HXT  H N N 13  
ARG N    N N N 14  
ARG CA   C N S 15  
ARG C    C N N 16  
ARG O    O N N 17  
ARG CB   C N N 18  
ARG CG   C N N 19  
ARG CD   C N N 20  
ARG NE   N N N 21  
ARG CZ   C N N 22  
ARG NH1  N N N 23  
ARG NH2  N N N 24  
ARG OXT  O N N 25  
ARG H    H N N 26  
ARG H2   H N N 27  
ARG HA   H N N 28  
ARG HB2  H N N 29  
ARG HB3  H N N 30  
ARG HG2  H N N 31  
ARG HG3  H N N 32  
ARG HD2  H N N 33  
ARG HD3  H N N 34  
ARG HE   H N N 35  
ARG HH11 H N N 36  
ARG HH12 H N N 37  
ARG HH21 H N N 38  
ARG HH22 H N N 39  
ARG HXT  H N N 40  
ASN N    N N N 41  
ASN CA   C N S 42  
ASN C    C N N 43  
ASN O    O N N 44  
ASN CB   C N N 45  
ASN CG   C N N 46  
ASN OD1  O N N 47  
ASN ND2  N N N 48  
ASN OXT  O N N 49  
ASN H    H N N 50  
ASN H2   H N N 51  
ASN HA   H N N 52  
ASN HB2  H N N 53  
ASN HB3  H N N 54  
ASN HD21 H N N 55  
ASN HD22 H N N 56  
ASN HXT  H N N 57  
ASP N    N N N 58  
ASP CA   C N S 59  
ASP C    C N N 60  
ASP O    O N N 61  
ASP CB   C N N 62  
ASP CG   C N N 63  
ASP OD1  O N N 64  
ASP OD2  O N N 65  
ASP OXT  O N N 66  
ASP H    H N N 67  
ASP H2   H N N 68  
ASP HA   H N N 69  
ASP HB2  H N N 70  
ASP HB3  H N N 71  
ASP HD2  H N N 72  
ASP HXT  H N N 73  
CYS N    N N N 74  
CYS CA   C N R 75  
CYS C    C N N 76  
CYS O    O N N 77  
CYS CB   C N N 78  
CYS SG   S N N 79  
CYS OXT  O N N 80  
CYS H    H N N 81  
CYS H2   H N N 82  
CYS HA   H N N 83  
CYS HB2  H N N 84  
CYS HB3  H N N 85  
CYS HG   H N N 86  
CYS HXT  H N N 87  
GLN N    N N N 88  
GLN CA   C N S 89  
GLN C    C N N 90  
GLN O    O N N 91  
GLN CB   C N N 92  
GLN CG   C N N 93  
GLN CD   C N N 94  
GLN OE1  O N N 95  
GLN NE2  N N N 96  
GLN OXT  O N N 97  
GLN H    H N N 98  
GLN H2   H N N 99  
GLN HA   H N N 100 
GLN HB2  H N N 101 
GLN HB3  H N N 102 
GLN HG2  H N N 103 
GLN HG3  H N N 104 
GLN HE21 H N N 105 
GLN HE22 H N N 106 
GLN HXT  H N N 107 
GLU N    N N N 108 
GLU CA   C N S 109 
GLU C    C N N 110 
GLU O    O N N 111 
GLU CB   C N N 112 
GLU CG   C N N 113 
GLU CD   C N N 114 
GLU OE1  O N N 115 
GLU OE2  O N N 116 
GLU OXT  O N N 117 
GLU H    H N N 118 
GLU H2   H N N 119 
GLU HA   H N N 120 
GLU HB2  H N N 121 
GLU HB3  H N N 122 
GLU HG2  H N N 123 
GLU HG3  H N N 124 
GLU HE2  H N N 125 
GLU HXT  H N N 126 
GLY N    N N N 127 
GLY CA   C N N 128 
GLY C    C N N 129 
GLY O    O N N 130 
GLY OXT  O N N 131 
GLY H    H N N 132 
GLY H2   H N N 133 
GLY HA2  H N N 134 
GLY HA3  H N N 135 
GLY HXT  H N N 136 
HIS N    N N N 137 
HIS CA   C N S 138 
HIS C    C N N 139 
HIS O    O N N 140 
HIS CB   C N N 141 
HIS CG   C Y N 142 
HIS ND1  N Y N 143 
HIS CD2  C Y N 144 
HIS CE1  C Y N 145 
HIS NE2  N Y N 146 
HIS OXT  O N N 147 
HIS H    H N N 148 
HIS H2   H N N 149 
HIS HA   H N N 150 
HIS HB2  H N N 151 
HIS HB3  H N N 152 
HIS HD1  H N N 153 
HIS HD2  H N N 154 
HIS HE1  H N N 155 
HIS HE2  H N N 156 
HIS HXT  H N N 157 
HOH O    O N N 158 
HOH H1   H N N 159 
HOH H2   H N N 160 
ILE N    N N N 161 
ILE CA   C N S 162 
ILE C    C N N 163 
ILE O    O N N 164 
ILE CB   C N S 165 
ILE CG1  C N N 166 
ILE CG2  C N N 167 
ILE CD1  C N N 168 
ILE OXT  O N N 169 
ILE H    H N N 170 
ILE H2   H N N 171 
ILE HA   H N N 172 
ILE HB   H N N 173 
ILE HG12 H N N 174 
ILE HG13 H N N 175 
ILE HG21 H N N 176 
ILE HG22 H N N 177 
ILE HG23 H N N 178 
ILE HD11 H N N 179 
ILE HD12 H N N 180 
ILE HD13 H N N 181 
ILE HXT  H N N 182 
LEU N    N N N 183 
LEU CA   C N S 184 
LEU C    C N N 185 
LEU O    O N N 186 
LEU CB   C N N 187 
LEU CG   C N N 188 
LEU CD1  C N N 189 
LEU CD2  C N N 190 
LEU OXT  O N N 191 
LEU H    H N N 192 
LEU H2   H N N 193 
LEU HA   H N N 194 
LEU HB2  H N N 195 
LEU HB3  H N N 196 
LEU HG   H N N 197 
LEU HD11 H N N 198 
LEU HD12 H N N 199 
LEU HD13 H N N 200 
LEU HD21 H N N 201 
LEU HD22 H N N 202 
LEU HD23 H N N 203 
LEU HXT  H N N 204 
LYS N    N N N 205 
LYS CA   C N S 206 
LYS C    C N N 207 
LYS O    O N N 208 
LYS CB   C N N 209 
LYS CG   C N N 210 
LYS CD   C N N 211 
LYS CE   C N N 212 
LYS NZ   N N N 213 
LYS OXT  O N N 214 
LYS H    H N N 215 
LYS H2   H N N 216 
LYS HA   H N N 217 
LYS HB2  H N N 218 
LYS HB3  H N N 219 
LYS HG2  H N N 220 
LYS HG3  H N N 221 
LYS HD2  H N N 222 
LYS HD3  H N N 223 
LYS HE2  H N N 224 
LYS HE3  H N N 225 
LYS HZ1  H N N 226 
LYS HZ2  H N N 227 
LYS HZ3  H N N 228 
LYS HXT  H N N 229 
MET N    N N N 230 
MET CA   C N S 231 
MET C    C N N 232 
MET O    O N N 233 
MET CB   C N N 234 
MET CG   C N N 235 
MET SD   S N N 236 
MET CE   C N N 237 
MET OXT  O N N 238 
MET H    H N N 239 
MET H2   H N N 240 
MET HA   H N N 241 
MET HB2  H N N 242 
MET HB3  H N N 243 
MET HG2  H N N 244 
MET HG3  H N N 245 
MET HE1  H N N 246 
MET HE2  H N N 247 
MET HE3  H N N 248 
MET HXT  H N N 249 
PHE N    N N N 250 
PHE CA   C N S 251 
PHE C    C N N 252 
PHE O    O N N 253 
PHE CB   C N N 254 
PHE CG   C Y N 255 
PHE CD1  C Y N 256 
PHE CD2  C Y N 257 
PHE CE1  C Y N 258 
PHE CE2  C Y N 259 
PHE CZ   C Y N 260 
PHE OXT  O N N 261 
PHE H    H N N 262 
PHE H2   H N N 263 
PHE HA   H N N 264 
PHE HB2  H N N 265 
PHE HB3  H N N 266 
PHE HD1  H N N 267 
PHE HD2  H N N 268 
PHE HE1  H N N 269 
PHE HE2  H N N 270 
PHE HZ   H N N 271 
PHE HXT  H N N 272 
PRO N    N N N 273 
PRO CA   C N S 274 
PRO C    C N N 275 
PRO O    O N N 276 
PRO CB   C N N 277 
PRO CG   C N N 278 
PRO CD   C N N 279 
PRO OXT  O N N 280 
PRO H    H N N 281 
PRO HA   H N N 282 
PRO HB2  H N N 283 
PRO HB3  H N N 284 
PRO HG2  H N N 285 
PRO HG3  H N N 286 
PRO HD2  H N N 287 
PRO HD3  H N N 288 
PRO HXT  H N N 289 
SER N    N N N 290 
SER CA   C N S 291 
SER C    C N N 292 
SER O    O N N 293 
SER CB   C N N 294 
SER OG   O N N 295 
SER OXT  O N N 296 
SER H    H N N 297 
SER H2   H N N 298 
SER HA   H N N 299 
SER HB2  H N N 300 
SER HB3  H N N 301 
SER HG   H N N 302 
SER HXT  H N N 303 
THR N    N N N 304 
THR CA   C N S 305 
THR C    C N N 306 
THR O    O N N 307 
THR CB   C N R 308 
THR OG1  O N N 309 
THR CG2  C N N 310 
THR OXT  O N N 311 
THR H    H N N 312 
THR H2   H N N 313 
THR HA   H N N 314 
THR HB   H N N 315 
THR HG1  H N N 316 
THR HG21 H N N 317 
THR HG22 H N N 318 
THR HG23 H N N 319 
THR HXT  H N N 320 
TRP N    N N N 321 
TRP CA   C N S 322 
TRP C    C N N 323 
TRP O    O N N 324 
TRP CB   C N N 325 
TRP CG   C Y N 326 
TRP CD1  C Y N 327 
TRP CD2  C Y N 328 
TRP NE1  N Y N 329 
TRP CE2  C Y N 330 
TRP CE3  C Y N 331 
TRP CZ2  C Y N 332 
TRP CZ3  C Y N 333 
TRP CH2  C Y N 334 
TRP OXT  O N N 335 
TRP H    H N N 336 
TRP H2   H N N 337 
TRP HA   H N N 338 
TRP HB2  H N N 339 
TRP HB3  H N N 340 
TRP HD1  H N N 341 
TRP HE1  H N N 342 
TRP HE3  H N N 343 
TRP HZ2  H N N 344 
TRP HZ3  H N N 345 
TRP HH2  H N N 346 
TRP HXT  H N N 347 
TYR N    N N N 348 
TYR CA   C N S 349 
TYR C    C N N 350 
TYR O    O N N 351 
TYR CB   C N N 352 
TYR CG   C Y N 353 
TYR CD1  C Y N 354 
TYR CD2  C Y N 355 
TYR CE1  C Y N 356 
TYR CE2  C Y N 357 
TYR CZ   C Y N 358 
TYR OH   O N N 359 
TYR OXT  O N N 360 
TYR H    H N N 361 
TYR H2   H N N 362 
TYR HA   H N N 363 
TYR HB2  H N N 364 
TYR HB3  H N N 365 
TYR HD1  H N N 366 
TYR HD2  H N N 367 
TYR HE1  H N N 368 
TYR HE2  H N N 369 
TYR HH   H N N 370 
TYR HXT  H N N 371 
VAL N    N N N 372 
VAL CA   C N S 373 
VAL C    C N N 374 
VAL O    O N N 375 
VAL CB   C N N 376 
VAL CG1  C N N 377 
VAL CG2  C N N 378 
VAL OXT  O N N 379 
VAL H    H N N 380 
VAL H2   H N N 381 
VAL HA   H N N 382 
VAL HB   H N N 383 
VAL HG11 H N N 384 
VAL HG12 H N N 385 
VAL HG13 H N N 386 
VAL HG21 H N N 387 
VAL HG22 H N N 388 
VAL HG23 H N N 389 
VAL HXT  H N N 390 
# 
loop_
_chem_comp_bond.comp_id 
_chem_comp_bond.atom_id_1 
_chem_comp_bond.atom_id_2 
_chem_comp_bond.value_order 
_chem_comp_bond.pdbx_aromatic_flag 
_chem_comp_bond.pdbx_stereo_config 
_chem_comp_bond.pdbx_ordinal 
ALA N   CA   sing N N 1   
ALA N   H    sing N N 2   
ALA N   H2   sing N N 3   
ALA CA  C    sing N N 4   
ALA CA  CB   sing N N 5   
ALA CA  HA   sing N N 6   
ALA C   O    doub N N 7   
ALA C   OXT  sing N N 8   
ALA CB  HB1  sing N N 9   
ALA CB  HB2  sing N N 10  
ALA CB  HB3  sing N N 11  
ALA OXT HXT  sing N N 12  
ARG N   CA   sing N N 13  
ARG N   H    sing N N 14  
ARG N   H2   sing N N 15  
ARG CA  C    sing N N 16  
ARG CA  CB   sing N N 17  
ARG CA  HA   sing N N 18  
ARG C   O    doub N N 19  
ARG C   OXT  sing N N 20  
ARG CB  CG   sing N N 21  
ARG CB  HB2  sing N N 22  
ARG CB  HB3  sing N N 23  
ARG CG  CD   sing N N 24  
ARG CG  HG2  sing N N 25  
ARG CG  HG3  sing N N 26  
ARG CD  NE   sing N N 27  
ARG CD  HD2  sing N N 28  
ARG CD  HD3  sing N N 29  
ARG NE  CZ   sing N N 30  
ARG NE  HE   sing N N 31  
ARG CZ  NH1  sing N N 32  
ARG CZ  NH2  doub N N 33  
ARG NH1 HH11 sing N N 34  
ARG NH1 HH12 sing N N 35  
ARG NH2 HH21 sing N N 36  
ARG NH2 HH22 sing N N 37  
ARG OXT HXT  sing N N 38  
ASN N   CA   sing N N 39  
ASN N   H    sing N N 40  
ASN N   H2   sing N N 41  
ASN CA  C    sing N N 42  
ASN CA  CB   sing N N 43  
ASN CA  HA   sing N N 44  
ASN C   O    doub N N 45  
ASN C   OXT  sing N N 46  
ASN CB  CG   sing N N 47  
ASN CB  HB2  sing N N 48  
ASN CB  HB3  sing N N 49  
ASN CG  OD1  doub N N 50  
ASN CG  ND2  sing N N 51  
ASN ND2 HD21 sing N N 52  
ASN ND2 HD22 sing N N 53  
ASN OXT HXT  sing N N 54  
ASP N   CA   sing N N 55  
ASP N   H    sing N N 56  
ASP N   H2   sing N N 57  
ASP CA  C    sing N N 58  
ASP CA  CB   sing N N 59  
ASP CA  HA   sing N N 60  
ASP C   O    doub N N 61  
ASP C   OXT  sing N N 62  
ASP CB  CG   sing N N 63  
ASP CB  HB2  sing N N 64  
ASP CB  HB3  sing N N 65  
ASP CG  OD1  doub N N 66  
ASP CG  OD2  sing N N 67  
ASP OD2 HD2  sing N N 68  
ASP OXT HXT  sing N N 69  
CYS N   CA   sing N N 70  
CYS N   H    sing N N 71  
CYS N   H2   sing N N 72  
CYS CA  C    sing N N 73  
CYS CA  CB   sing N N 74  
CYS CA  HA   sing N N 75  
CYS C   O    doub N N 76  
CYS C   OXT  sing N N 77  
CYS CB  SG   sing N N 78  
CYS CB  HB2  sing N N 79  
CYS CB  HB3  sing N N 80  
CYS SG  HG   sing N N 81  
CYS OXT HXT  sing N N 82  
GLN N   CA   sing N N 83  
GLN N   H    sing N N 84  
GLN N   H2   sing N N 85  
GLN CA  C    sing N N 86  
GLN CA  CB   sing N N 87  
GLN CA  HA   sing N N 88  
GLN C   O    doub N N 89  
GLN C   OXT  sing N N 90  
GLN CB  CG   sing N N 91  
GLN CB  HB2  sing N N 92  
GLN CB  HB3  sing N N 93  
GLN CG  CD   sing N N 94  
GLN CG  HG2  sing N N 95  
GLN CG  HG3  sing N N 96  
GLN CD  OE1  doub N N 97  
GLN CD  NE2  sing N N 98  
GLN NE2 HE21 sing N N 99  
GLN NE2 HE22 sing N N 100 
GLN OXT HXT  sing N N 101 
GLU N   CA   sing N N 102 
GLU N   H    sing N N 103 
GLU N   H2   sing N N 104 
GLU CA  C    sing N N 105 
GLU CA  CB   sing N N 106 
GLU CA  HA   sing N N 107 
GLU C   O    doub N N 108 
GLU C   OXT  sing N N 109 
GLU CB  CG   sing N N 110 
GLU CB  HB2  sing N N 111 
GLU CB  HB3  sing N N 112 
GLU CG  CD   sing N N 113 
GLU CG  HG2  sing N N 114 
GLU CG  HG3  sing N N 115 
GLU CD  OE1  doub N N 116 
GLU CD  OE2  sing N N 117 
GLU OE2 HE2  sing N N 118 
GLU OXT HXT  sing N N 119 
GLY N   CA   sing N N 120 
GLY N   H    sing N N 121 
GLY N   H2   sing N N 122 
GLY CA  C    sing N N 123 
GLY CA  HA2  sing N N 124 
GLY CA  HA3  sing N N 125 
GLY C   O    doub N N 126 
GLY C   OXT  sing N N 127 
GLY OXT HXT  sing N N 128 
HIS N   CA   sing N N 129 
HIS N   H    sing N N 130 
HIS N   H2   sing N N 131 
HIS CA  C    sing N N 132 
HIS CA  CB   sing N N 133 
HIS CA  HA   sing N N 134 
HIS C   O    doub N N 135 
HIS C   OXT  sing N N 136 
HIS CB  CG   sing N N 137 
HIS CB  HB2  sing N N 138 
HIS CB  HB3  sing N N 139 
HIS CG  ND1  sing Y N 140 
HIS CG  CD2  doub Y N 141 
HIS ND1 CE1  doub Y N 142 
HIS ND1 HD1  sing N N 143 
HIS CD2 NE2  sing Y N 144 
HIS CD2 HD2  sing N N 145 
HIS CE1 NE2  sing Y N 146 
HIS CE1 HE1  sing N N 147 
HIS NE2 HE2  sing N N 148 
HIS OXT HXT  sing N N 149 
HOH O   H1   sing N N 150 
HOH O   H2   sing N N 151 
ILE N   CA   sing N N 152 
ILE N   H    sing N N 153 
ILE N   H2   sing N N 154 
ILE CA  C    sing N N 155 
ILE CA  CB   sing N N 156 
ILE CA  HA   sing N N 157 
ILE C   O    doub N N 158 
ILE C   OXT  sing N N 159 
ILE CB  CG1  sing N N 160 
ILE CB  CG2  sing N N 161 
ILE CB  HB   sing N N 162 
ILE CG1 CD1  sing N N 163 
ILE CG1 HG12 sing N N 164 
ILE CG1 HG13 sing N N 165 
ILE CG2 HG21 sing N N 166 
ILE CG2 HG22 sing N N 167 
ILE CG2 HG23 sing N N 168 
ILE CD1 HD11 sing N N 169 
ILE CD1 HD12 sing N N 170 
ILE CD1 HD13 sing N N 171 
ILE OXT HXT  sing N N 172 
LEU N   CA   sing N N 173 
LEU N   H    sing N N 174 
LEU N   H2   sing N N 175 
LEU CA  C    sing N N 176 
LEU CA  CB   sing N N 177 
LEU CA  HA   sing N N 178 
LEU C   O    doub N N 179 
LEU C   OXT  sing N N 180 
LEU CB  CG   sing N N 181 
LEU CB  HB2  sing N N 182 
LEU CB  HB3  sing N N 183 
LEU CG  CD1  sing N N 184 
LEU CG  CD2  sing N N 185 
LEU CG  HG   sing N N 186 
LEU CD1 HD11 sing N N 187 
LEU CD1 HD12 sing N N 188 
LEU CD1 HD13 sing N N 189 
LEU CD2 HD21 sing N N 190 
LEU CD2 HD22 sing N N 191 
LEU CD2 HD23 sing N N 192 
LEU OXT HXT  sing N N 193 
LYS N   CA   sing N N 194 
LYS N   H    sing N N 195 
LYS N   H2   sing N N 196 
LYS CA  C    sing N N 197 
LYS CA  CB   sing N N 198 
LYS CA  HA   sing N N 199 
LYS C   O    doub N N 200 
LYS C   OXT  sing N N 201 
LYS CB  CG   sing N N 202 
LYS CB  HB2  sing N N 203 
LYS CB  HB3  sing N N 204 
LYS CG  CD   sing N N 205 
LYS CG  HG2  sing N N 206 
LYS CG  HG3  sing N N 207 
LYS CD  CE   sing N N 208 
LYS CD  HD2  sing N N 209 
LYS CD  HD3  sing N N 210 
LYS CE  NZ   sing N N 211 
LYS CE  HE2  sing N N 212 
LYS CE  HE3  sing N N 213 
LYS NZ  HZ1  sing N N 214 
LYS NZ  HZ2  sing N N 215 
LYS NZ  HZ3  sing N N 216 
LYS OXT HXT  sing N N 217 
MET N   CA   sing N N 218 
MET N   H    sing N N 219 
MET N   H2   sing N N 220 
MET CA  C    sing N N 221 
MET CA  CB   sing N N 222 
MET CA  HA   sing N N 223 
MET C   O    doub N N 224 
MET C   OXT  sing N N 225 
MET CB  CG   sing N N 226 
MET CB  HB2  sing N N 227 
MET CB  HB3  sing N N 228 
MET CG  SD   sing N N 229 
MET CG  HG2  sing N N 230 
MET CG  HG3  sing N N 231 
MET SD  CE   sing N N 232 
MET CE  HE1  sing N N 233 
MET CE  HE2  sing N N 234 
MET CE  HE3  sing N N 235 
MET OXT HXT  sing N N 236 
PHE N   CA   sing N N 237 
PHE N   H    sing N N 238 
PHE N   H2   sing N N 239 
PHE CA  C    sing N N 240 
PHE CA  CB   sing N N 241 
PHE CA  HA   sing N N 242 
PHE C   O    doub N N 243 
PHE C   OXT  sing N N 244 
PHE CB  CG   sing N N 245 
PHE CB  HB2  sing N N 246 
PHE CB  HB3  sing N N 247 
PHE CG  CD1  doub Y N 248 
PHE CG  CD2  sing Y N 249 
PHE CD1 CE1  sing Y N 250 
PHE CD1 HD1  sing N N 251 
PHE CD2 CE2  doub Y N 252 
PHE CD2 HD2  sing N N 253 
PHE CE1 CZ   doub Y N 254 
PHE CE1 HE1  sing N N 255 
PHE CE2 CZ   sing Y N 256 
PHE CE2 HE2  sing N N 257 
PHE CZ  HZ   sing N N 258 
PHE OXT HXT  sing N N 259 
PRO N   CA   sing N N 260 
PRO N   CD   sing N N 261 
PRO N   H    sing N N 262 
PRO CA  C    sing N N 263 
PRO CA  CB   sing N N 264 
PRO CA  HA   sing N N 265 
PRO C   O    doub N N 266 
PRO C   OXT  sing N N 267 
PRO CB  CG   sing N N 268 
PRO CB  HB2  sing N N 269 
PRO CB  HB3  sing N N 270 
PRO CG  CD   sing N N 271 
PRO CG  HG2  sing N N 272 
PRO CG  HG3  sing N N 273 
PRO CD  HD2  sing N N 274 
PRO CD  HD3  sing N N 275 
PRO OXT HXT  sing N N 276 
SER N   CA   sing N N 277 
SER N   H    sing N N 278 
SER N   H2   sing N N 279 
SER CA  C    sing N N 280 
SER CA  CB   sing N N 281 
SER CA  HA   sing N N 282 
SER C   O    doub N N 283 
SER C   OXT  sing N N 284 
SER CB  OG   sing N N 285 
SER CB  HB2  sing N N 286 
SER CB  HB3  sing N N 287 
SER OG  HG   sing N N 288 
SER OXT HXT  sing N N 289 
THR N   CA   sing N N 290 
THR N   H    sing N N 291 
THR N   H2   sing N N 292 
THR CA  C    sing N N 293 
THR CA  CB   sing N N 294 
THR CA  HA   sing N N 295 
THR C   O    doub N N 296 
THR C   OXT  sing N N 297 
THR CB  OG1  sing N N 298 
THR CB  CG2  sing N N 299 
THR CB  HB   sing N N 300 
THR OG1 HG1  sing N N 301 
THR CG2 HG21 sing N N 302 
THR CG2 HG22 sing N N 303 
THR CG2 HG23 sing N N 304 
THR OXT HXT  sing N N 305 
TRP N   CA   sing N N 306 
TRP N   H    sing N N 307 
TRP N   H2   sing N N 308 
TRP CA  C    sing N N 309 
TRP CA  CB   sing N N 310 
TRP CA  HA   sing N N 311 
TRP C   O    doub N N 312 
TRP C   OXT  sing N N 313 
TRP CB  CG   sing N N 314 
TRP CB  HB2  sing N N 315 
TRP CB  HB3  sing N N 316 
TRP CG  CD1  doub Y N 317 
TRP CG  CD2  sing Y N 318 
TRP CD1 NE1  sing Y N 319 
TRP CD1 HD1  sing N N 320 
TRP CD2 CE2  doub Y N 321 
TRP CD2 CE3  sing Y N 322 
TRP NE1 CE2  sing Y N 323 
TRP NE1 HE1  sing N N 324 
TRP CE2 CZ2  sing Y N 325 
TRP CE3 CZ3  doub Y N 326 
TRP CE3 HE3  sing N N 327 
TRP CZ2 CH2  doub Y N 328 
TRP CZ2 HZ2  sing N N 329 
TRP CZ3 CH2  sing Y N 330 
TRP CZ3 HZ3  sing N N 331 
TRP CH2 HH2  sing N N 332 
TRP OXT HXT  sing N N 333 
TYR N   CA   sing N N 334 
TYR N   H    sing N N 335 
TYR N   H2   sing N N 336 
TYR CA  C    sing N N 337 
TYR CA  CB   sing N N 338 
TYR CA  HA   sing N N 339 
TYR C   O    doub N N 340 
TYR C   OXT  sing N N 341 
TYR CB  CG   sing N N 342 
TYR CB  HB2  sing N N 343 
TYR CB  HB3  sing N N 344 
TYR CG  CD1  doub Y N 345 
TYR CG  CD2  sing Y N 346 
TYR CD1 CE1  sing Y N 347 
TYR CD1 HD1  sing N N 348 
TYR CD2 CE2  doub Y N 349 
TYR CD2 HD2  sing N N 350 
TYR CE1 CZ   doub Y N 351 
TYR CE1 HE1  sing N N 352 
TYR CE2 CZ   sing Y N 353 
TYR CE2 HE2  sing N N 354 
TYR CZ  OH   sing N N 355 
TYR OH  HH   sing N N 356 
TYR OXT HXT  sing N N 357 
VAL N   CA   sing N N 358 
VAL N   H    sing N N 359 
VAL N   H2   sing N N 360 
VAL CA  C    sing N N 361 
VAL CA  CB   sing N N 362 
VAL CA  HA   sing N N 363 
VAL C   O    doub N N 364 
VAL C   OXT  sing N N 365 
VAL CB  CG1  sing N N 366 
VAL CB  CG2  sing N N 367 
VAL CB  HB   sing N N 368 
VAL CG1 HG11 sing N N 369 
VAL CG1 HG12 sing N N 370 
VAL CG1 HG13 sing N N 371 
VAL CG2 HG21 sing N N 372 
VAL CG2 HG22 sing N N 373 
VAL CG2 HG23 sing N N 374 
VAL OXT HXT  sing N N 375 
# 
_atom_sites.entry_id                    3IHO 
_atom_sites.fract_transf_matrix[1][1]   0.01203488 
_atom_sites.fract_transf_matrix[1][2]   0.00638463 
_atom_sites.fract_transf_matrix[1][3]   0.00233261 
_atom_sites.fract_transf_matrix[2][1]   0.00187970 
_atom_sites.fract_transf_matrix[2][2]   0.00715202 
_atom_sites.fract_transf_matrix[2][3]   0.01167746 
_atom_sites.fract_transf_matrix[3][1]   0.00472993 
_atom_sites.fract_transf_matrix[3][2]   -0.01112757 
_atom_sites.fract_transf_matrix[3][3]   0.00605387 
_atom_sites.fract_transf_vector[1]      0.152104 
_atom_sites.fract_transf_vector[2]      -0.182884 
_atom_sites.fract_transf_vector[3]      0.235691 
# 
loop_
_atom_type.symbol 
C 
N 
O 
S 
# 
loop_
_atom_site.group_PDB 
_atom_site.id 
_atom_site.type_symbol 
_atom_site.label_atom_id 
_atom_site.label_alt_id 
_atom_site.label_comp_id 
_atom_site.label_asym_id 
_atom_site.label_entity_id 
_atom_site.label_seq_id 
_atom_site.pdbx_PDB_ins_code 
_atom_site.Cartn_x 
_atom_site.Cartn_y 
_atom_site.Cartn_z 
_atom_site.occupancy 
_atom_site.B_iso_or_equiv 
_atom_site.pdbx_formal_charge 
_atom_site.auth_seq_id 
_atom_site.auth_comp_id 
_atom_site.auth_asym_id 
_atom_site.auth_atom_id 
_atom_site.pdbx_PDB_model_num 
ATOM   1    N N   . LYS A 1 1   ? 18.482  1.978   -3.505  1.00 30.67 ? 437 LYS A N   1 
ATOM   2    C CA  . LYS A 1 1   ? 18.909  2.252   -2.085  1.00 30.42 ? 437 LYS A CA  1 
ATOM   3    C C   . LYS A 1 1   ? 18.361  3.621   -1.557  1.00 30.36 ? 437 LYS A C   1 
ATOM   4    O O   . LYS A 1 1   ? 19.128  4.371   -0.925  1.00 30.92 ? 437 LYS A O   1 
ATOM   5    C CB  . LYS A 1 1   ? 20.447  2.209   -1.998  1.00 30.44 ? 437 LYS A CB  1 
ATOM   6    C CG  . LYS A 1 1   ? 21.027  1.599   -0.753  1.00 29.43 ? 437 LYS A CG  1 
ATOM   7    C CD  . LYS A 1 1   ? 22.497  1.873   -0.764  1.00 28.23 ? 437 LYS A CD  1 
ATOM   8    C CE  . LYS A 1 1   ? 22.857  2.470   0.553   1.00 27.77 ? 437 LYS A CE  1 
ATOM   9    N NZ  . LYS A 1 1   ? 24.280  2.251   0.928   1.00 27.64 ? 437 LYS A NZ  1 
ATOM   10   N N   . TRP A 1 2   ? 17.091  3.967   -1.873  1.00 28.73 ? 438 TRP A N   1 
ATOM   11   C CA  . TRP A 1 2   ? 16.384  5.096   -1.227  1.00 27.74 ? 438 TRP A CA  1 
ATOM   12   C C   . TRP A 1 2   ? 15.666  4.619   0.040   1.00 27.75 ? 438 TRP A C   1 
ATOM   13   O O   . TRP A 1 2   ? 14.813  3.714   -0.018  1.00 27.99 ? 438 TRP A O   1 
ATOM   14   C CB  . TRP A 1 2   ? 15.449  5.881   -2.192  1.00 27.11 ? 438 TRP A CB  1 
ATOM   15   C CG  . TRP A 1 2   ? 14.374  6.715   -1.495  1.00 24.33 ? 438 TRP A CG  1 
ATOM   16   C CD1 . TRP A 1 2   ? 13.048  6.415   -1.394  1.00 23.59 ? 438 TRP A CD1 1 
ATOM   17   C CD2 . TRP A 1 2   ? 14.541  7.977   -0.828  1.00 22.58 ? 438 TRP A CD2 1 
ATOM   18   N NE1 . TRP A 1 2   ? 12.378  7.393   -0.684  1.00 21.37 ? 438 TRP A NE1 1 
ATOM   19   C CE2 . TRP A 1 2   ? 13.267  8.359   -0.322  1.00 19.61 ? 438 TRP A CE2 1 
ATOM   20   C CE3 . TRP A 1 2   ? 15.644  8.802   -0.577  1.00 21.72 ? 438 TRP A CE3 1 
ATOM   21   C CZ2 . TRP A 1 2   ? 13.065  9.518   0.413   1.00 17.18 ? 438 TRP A CZ2 1 
ATOM   22   C CZ3 . TRP A 1 2   ? 15.431  9.987   0.148   1.00 20.42 ? 438 TRP A CZ3 1 
ATOM   23   C CH2 . TRP A 1 2   ? 14.155  10.323  0.639   1.00 17.06 ? 438 TRP A CH2 1 
ATOM   24   N N   . THR A 1 3   ? 16.072  5.216   1.171   1.00 27.73 ? 439 THR A N   1 
ATOM   25   C CA  . THR A 1 3   ? 15.590  4.910   2.530   1.00 27.84 ? 439 THR A CA  1 
ATOM   26   C C   . THR A 1 3   ? 14.870  6.126   3.121   1.00 27.22 ? 439 THR A C   1 
ATOM   27   O O   . THR A 1 3   ? 15.526  7.012   3.676   1.00 26.58 ? 439 THR A O   1 
ATOM   28   C CB  . THR A 1 3   ? 16.766  4.557   3.512   1.00 28.56 ? 439 THR A CB  1 
ATOM   29   O OG1 . THR A 1 3   ? 17.658  3.623   2.898   1.00 30.92 ? 439 THR A OG1 1 
ATOM   30   C CG2 . THR A 1 3   ? 16.257  3.962   4.895   1.00 28.48 ? 439 THR A CG2 1 
ATOM   31   N N   . PRO A 1 4   ? 13.523  6.167   3.008   1.00 26.98 ? 440 PRO A N   1 
ATOM   32   C CA  . PRO A 1 4   ? 12.729  7.186   3.665   1.00 27.25 ? 440 PRO A CA  1 
ATOM   33   C C   . PRO A 1 4   ? 13.082  7.315   5.180   1.00 28.60 ? 440 PRO A C   1 
ATOM   34   O O   . PRO A 1 4   ? 13.001  6.328   5.939   1.00 28.32 ? 440 PRO A O   1 
ATOM   35   C CB  . PRO A 1 4   ? 11.297  6.684   3.479   1.00 27.06 ? 440 PRO A CB  1 
ATOM   36   C CG  . PRO A 1 4   ? 11.375  5.389   2.800   1.00 25.88 ? 440 PRO A CG  1 
ATOM   37   C CD  . PRO A 1 4   ? 12.689  5.271   2.190   1.00 26.49 ? 440 PRO A CD  1 
ATOM   38   N N   . PRO A 1 5   ? 13.478  8.530   5.623   1.00 29.01 ? 441 PRO A N   1 
ATOM   39   C CA  . PRO A 1 5   ? 13.833  8.762   7.019   1.00 28.83 ? 441 PRO A CA  1 
ATOM   40   C C   . PRO A 1 5   ? 12.747  8.263   7.939   1.00 28.80 ? 441 PRO A C   1 
ATOM   41   O O   . PRO A 1 5   ? 11.595  8.281   7.566   1.00 28.96 ? 441 PRO A O   1 
ATOM   42   C CB  . PRO A 1 5   ? 13.918  10.271  7.069   1.00 29.46 ? 441 PRO A CB  1 
ATOM   43   C CG  . PRO A 1 5   ? 14.539  10.587  5.681   1.00 29.98 ? 441 PRO A CG  1 
ATOM   44   C CD  . PRO A 1 5   ? 13.711  9.723   4.787   1.00 28.90 ? 441 PRO A CD  1 
ATOM   45   N N   . ARG A 1 6   ? 13.094  7.756   9.113   1.00 29.41 ? 442 ARG A N   1 
ATOM   46   C CA  . ARG A 1 6   ? 12.053  7.325   10.043  1.00 29.54 ? 442 ARG A CA  1 
ATOM   47   C C   . ARG A 1 6   ? 11.521  8.612   10.572  1.00 28.26 ? 442 ARG A C   1 
ATOM   48   O O   . ARG A 1 6   ? 12.263  9.598   10.672  1.00 27.53 ? 442 ARG A O   1 
ATOM   49   C CB  . ARG A 1 6   ? 12.564  6.505   11.211  1.00 30.29 ? 442 ARG A CB  1 
ATOM   50   C CG  . ARG A 1 6   ? 13.552  5.424   10.878  1.00 36.62 ? 442 ARG A CG  1 
ATOM   51   C CD  . ARG A 1 6   ? 14.461  5.080   12.129  1.00 46.49 ? 442 ARG A CD  1 
ATOM   52   N NE  . ARG A 1 6   ? 15.087  3.771   11.931  1.00 52.46 ? 442 ARG A NE  1 
ATOM   53   C CZ  . ARG A 1 6   ? 14.665  2.623   12.463  1.00 56.32 ? 442 ARG A CZ  1 
ATOM   54   N NH1 . ARG A 1 6   ? 13.631  2.580   13.312  1.00 57.34 ? 442 ARG A NH1 1 
ATOM   55   N NH2 . ARG A 1 6   ? 15.302  1.499   12.151  1.00 58.23 ? 442 ARG A NH2 1 
ATOM   56   N N   . SER A 1 7   ? 10.230  8.590   10.902  1.00 27.20 ? 443 SER A N   1 
ATOM   57   C CA  . SER A 1 7   ? 9.498   9.782   11.341  1.00 25.97 ? 443 SER A CA  1 
ATOM   58   C C   . SER A 1 7   ? 8.824   9.543   12.672  1.00 25.23 ? 443 SER A C   1 
ATOM   59   O O   . SER A 1 7   ? 8.460   8.431   12.971  1.00 25.86 ? 443 SER A O   1 
ATOM   60   C CB  . SER A 1 7   ? 8.438   10.188  10.309  1.00 25.46 ? 443 SER A CB  1 
ATOM   61   O OG  . SER A 1 7   ? 7.246   9.440   10.481  1.00 23.03 ? 443 SER A OG  1 
ATOM   62   N N   . PRO A 1 8   ? 8.654   10.588  13.483  1.00 24.72 ? 444 PRO A N   1 
ATOM   63   C CA  . PRO A 1 8   ? 7.891   10.381  14.691  1.00 24.68 ? 444 PRO A CA  1 
ATOM   64   C C   . PRO A 1 8   ? 6.462   9.869   14.527  1.00 24.49 ? 444 PRO A C   1 
ATOM   65   O O   . PRO A 1 8   ? 5.826   9.658   15.556  1.00 24.55 ? 444 PRO A O   1 
ATOM   66   C CB  . PRO A 1 8   ? 7.857   11.767  15.326  1.00 24.39 ? 444 PRO A CB  1 
ATOM   67   C CG  . PRO A 1 8   ? 8.892   12.566  14.605  1.00 25.39 ? 444 PRO A CG  1 
ATOM   68   C CD  . PRO A 1 8   ? 9.589   11.704  13.636  1.00 24.93 ? 444 PRO A CD  1 
ATOM   69   N N   . PHE A 1 9   ? 5.975   9.670   13.288  1.00 24.26 ? 445 PHE A N   1 
ATOM   70   C CA  . PHE A 1 9   ? 4.579   9.262   13.018  1.00 24.10 ? 445 PHE A CA  1 
ATOM   71   C C   . PHE A 1 9   ? 4.334   7.776   12.759  1.00 24.91 ? 445 PHE A C   1 
ATOM   72   O O   . PHE A 1 9   ? 3.183   7.368   12.757  1.00 25.76 ? 445 PHE A O   1 
ATOM   73   C CB  . PHE A 1 9   ? 3.979   10.034  11.856  1.00 23.49 ? 445 PHE A CB  1 
ATOM   74   C CG  . PHE A 1 9   ? 4.098   11.515  11.996  1.00 24.97 ? 445 PHE A CG  1 
ATOM   75   C CD1 . PHE A 1 9   ? 5.063   12.210  11.293  1.00 24.49 ? 445 PHE A CD1 1 
ATOM   76   C CD2 . PHE A 1 9   ? 3.257   12.224  12.876  1.00 26.00 ? 445 PHE A CD2 1 
ATOM   77   C CE1 . PHE A 1 9   ? 5.187   13.566  11.477  1.00 25.27 ? 445 PHE A CE1 1 
ATOM   78   C CE2 . PHE A 1 9   ? 3.370   13.584  13.057  1.00 23.37 ? 445 PHE A CE2 1 
ATOM   79   C CZ  . PHE A 1 9   ? 4.328   14.257  12.364  1.00 25.05 ? 445 PHE A CZ  1 
ATOM   80   N N   . ASN A 1 10  ? 5.387   6.978   12.535  1.00 25.05 ? 446 ASN A N   1 
ATOM   81   C CA  . ASN A 1 10  ? 5.299   5.494   12.356  1.00 24.82 ? 446 ASN A CA  1 
ATOM   82   C C   . ASN A 1 10  ? 4.154   5.014   11.451  1.00 24.77 ? 446 ASN A C   1 
ATOM   83   O O   . ASN A 1 10  ? 3.294   4.187   11.868  1.00 25.06 ? 446 ASN A O   1 
ATOM   84   C CB  . ASN A 1 10  ? 5.318   4.726   13.698  1.00 24.47 ? 446 ASN A CB  1 
ATOM   85   C CG  . ASN A 1 10  ? 6.484   5.157   14.630  1.00 24.04 ? 446 ASN A CG  1 
ATOM   86   O OD1 . ASN A 1 10  ? 7.668   5.075   14.279  1.00 21.70 ? 446 ASN A OD1 1 
ATOM   87   N ND2 . ASN A 1 10  ? 6.128   5.612   15.838  1.00 21.67 ? 446 ASN A ND2 1 
ATOM   88   N N   . LEU A 1 11  ? 4.163   5.567   10.229  1.00 23.91 ? 447 LEU A N   1 
ATOM   89   C CA  . LEU A 1 11  ? 3.290   5.126   9.155   1.00 23.37 ? 447 LEU A CA  1 
ATOM   90   C C   . LEU A 1 11  ? 3.802   3.796   8.730   1.00 23.69 ? 447 LEU A C   1 
ATOM   91   O O   . LEU A 1 11  ? 5.000   3.600   8.587   1.00 23.84 ? 447 LEU A O   1 
ATOM   92   C CB  . LEU A 1 11  ? 3.345   6.004   7.915   1.00 22.22 ? 447 LEU A CB  1 
ATOM   93   C CG  . LEU A 1 11  ? 3.323   7.499   7.995   1.00 20.08 ? 447 LEU A CG  1 
ATOM   94   C CD1 . LEU A 1 11  ? 3.071   7.968   6.592   1.00 16.96 ? 447 LEU A CD1 1 
ATOM   95   C CD2 . LEU A 1 11  ? 2.183   7.832   8.881   1.00 18.27 ? 447 LEU A CD2 1 
ATOM   96   N N   . VAL A 1 12  ? 2.863   2.901   8.492   1.00 23.33 ? 448 VAL A N   1 
ATOM   97   C CA  . VAL A 1 12  ? 3.172   1.569   8.156   1.00 23.03 ? 448 VAL A CA  1 
ATOM   98   C C   . VAL A 1 12  ? 3.988   1.590   6.878   1.00 23.01 ? 448 VAL A C   1 
ATOM   99   O O   . VAL A 1 12  ? 4.813   0.687   6.653   1.00 23.83 ? 448 VAL A O   1 
ATOM   100  C CB  . VAL A 1 12  ? 1.882   0.794   7.987   1.00 23.18 ? 448 VAL A CB  1 
ATOM   101  C CG1 . VAL A 1 12  ? 1.201   1.193   6.682   1.00 24.08 ? 448 VAL A CG1 1 
ATOM   102  C CG2 . VAL A 1 12  ? 2.134   -0.665  8.050   1.00 22.21 ? 448 VAL A CG2 1 
ATOM   103  N N   . GLN A 1 13  ? 3.771   2.618   6.052   1.00 22.02 ? 449 GLN A N   1 
ATOM   104  C CA  . GLN A 1 13  ? 4.538   2.802   4.819   1.00 20.79 ? 449 GLN A CA  1 
ATOM   105  C C   . GLN A 1 13  ? 6.024   2.840   5.130   1.00 20.90 ? 449 GLN A C   1 
ATOM   106  O O   . GLN A 1 13  ? 6.825   2.385   4.369   1.00 21.06 ? 449 GLN A O   1 
ATOM   107  C CB  . GLN A 1 13  ? 4.207   4.156   4.228   1.00 20.75 ? 449 GLN A CB  1 
ATOM   108  C CG  . GLN A 1 13  ? 3.148   4.204   3.215   1.00 19.15 ? 449 GLN A CG  1 
ATOM   109  C CD  . GLN A 1 13  ? 1.814   4.632   3.748   1.00 15.39 ? 449 GLN A CD  1 
ATOM   110  O OE1 . GLN A 1 13  ? 1.541   4.502   4.924   1.00 13.09 ? 449 GLN A OE1 1 
ATOM   111  N NE2 . GLN A 1 13  ? 0.947   5.118   2.844   1.00 15.15 ? 449 GLN A NE2 1 
ATOM   112  N N   . GLU A 1 14  ? 6.394   3.458   6.234   1.00 21.11 ? 450 GLU A N   1 
ATOM   113  C CA  . GLU A 1 14  ? 7.794   3.560   6.617   1.00 22.21 ? 450 GLU A CA  1 
ATOM   114  C C   . GLU A 1 14  ? 8.336   2.200   6.914   1.00 22.32 ? 450 GLU A C   1 
ATOM   115  O O   . GLU A 1 14  ? 9.534   1.999   6.990   1.00 22.06 ? 450 GLU A O   1 
ATOM   116  C CB  . GLU A 1 14  ? 7.951   4.395   7.899   1.00 22.16 ? 450 GLU A CB  1 
ATOM   117  C CG  . GLU A 1 14  ? 7.792   5.874   7.650   1.00 24.64 ? 450 GLU A CG  1 
ATOM   118  C CD  . GLU A 1 14  ? 7.803   6.686   8.901   1.00 25.02 ? 450 GLU A CD  1 
ATOM   119  O OE1 . GLU A 1 14  ? 8.907   7.105   9.336   1.00 25.66 ? 450 GLU A OE1 1 
ATOM   120  O OE2 . GLU A 1 14  ? 6.700   6.921   9.424   1.00 24.80 ? 450 GLU A OE2 1 
ATOM   121  N N   . THR A 1 15  ? 7.443   1.252   7.129   1.00 23.24 ? 451 THR A N   1 
ATOM   122  C CA  . THR A 1 15  ? 7.898   -0.079  7.495   1.00 23.53 ? 451 THR A CA  1 
ATOM   123  C C   . THR A 1 15  ? 8.001   -0.975  6.289   1.00 23.65 ? 451 THR A C   1 
ATOM   124  O O   . THR A 1 15  ? 8.751   -1.948  6.340   1.00 24.61 ? 451 THR A O   1 
ATOM   125  C CB  . THR A 1 15  ? 6.980   -0.741  8.512   1.00 23.45 ? 451 THR A CB  1 
ATOM   126  O OG1 . THR A 1 15  ? 7.039   -0.002  9.741   1.00 25.43 ? 451 THR A OG1 1 
ATOM   127  C CG2 . THR A 1 15  ? 7.444   -2.132  8.763   1.00 22.72 ? 451 THR A CG2 1 
ATOM   128  N N   . LEU A 1 16  ? 7.267   -0.656  5.211   1.00 22.88 ? 452 LEU A N   1 
ATOM   129  C CA  . LEU A 1 16  ? 7.138   -1.545  4.045   1.00 21.61 ? 452 LEU A CA  1 
ATOM   130  C C   . LEU A 1 16  ? 7.772   -1.004  2.794   1.00 21.98 ? 452 LEU A C   1 
ATOM   131  O O   . LEU A 1 16  ? 7.523   -1.514  1.710   1.00 22.16 ? 452 LEU A O   1 
ATOM   132  C CB  . LEU A 1 16  ? 5.665   -1.817  3.757   1.00 20.44 ? 452 LEU A CB  1 
ATOM   133  C CG  . LEU A 1 16  ? 4.974   -2.478  4.938   1.00 18.03 ? 452 LEU A CG  1 
ATOM   134  C CD1 . LEU A 1 16  ? 3.517   -2.306  4.829   1.00 14.05 ? 452 LEU A CD1 1 
ATOM   135  C CD2 . LEU A 1 16  ? 5.343   -3.931  5.036   1.00 15.78 ? 452 LEU A CD2 1 
ATOM   136  N N   . PHE A 1 17  ? 8.588   0.025   2.914   1.00 22.40 ? 453 PHE A N   1 
ATOM   137  C CA  . PHE A 1 17  ? 8.961   0.772   1.718   1.00 23.12 ? 453 PHE A CA  1 
ATOM   138  C C   . PHE A 1 17  ? 9.899   -0.070  0.864   1.00 23.87 ? 453 PHE A C   1 
ATOM   139  O O   . PHE A 1 17  ? 10.067  0.188   -0.333  1.00 23.66 ? 453 PHE A O   1 
ATOM   140  C CB  . PHE A 1 17  ? 9.675   2.070   2.111   1.00 23.46 ? 453 PHE A CB  1 
ATOM   141  C CG  . PHE A 1 17  ? 11.039  1.850   2.715   1.00 22.35 ? 453 PHE A CG  1 
ATOM   142  C CD1 . PHE A 1 17  ? 12.160  1.704   1.905   1.00 23.51 ? 453 PHE A CD1 1 
ATOM   143  C CD2 . PHE A 1 17  ? 11.193  1.767   4.084   1.00 23.57 ? 453 PHE A CD2 1 
ATOM   144  C CE1 . PHE A 1 17  ? 13.432  1.475   2.452   1.00 24.95 ? 453 PHE A CE1 1 
ATOM   145  C CE2 . PHE A 1 17  ? 12.451  1.527   4.651   1.00 24.59 ? 453 PHE A CE2 1 
ATOM   146  C CZ  . PHE A 1 17  ? 13.579  1.381   3.831   1.00 24.20 ? 453 PHE A CZ  1 
ATOM   147  N N   . HIS A 1 18  ? 10.547  -1.045  1.510   1.00 23.90 ? 454 HIS A N   1 
ATOM   148  C CA  . HIS A 1 18  ? 11.615  -1.829  0.895   1.00 24.43 ? 454 HIS A CA  1 
ATOM   149  C C   . HIS A 1 18  ? 11.058  -2.823  -0.124  1.00 23.98 ? 454 HIS A C   1 
ATOM   150  O O   . HIS A 1 18  ? 11.815  -3.453  -0.866  1.00 23.75 ? 454 HIS A O   1 
ATOM   151  C CB  . HIS A 1 18  ? 12.359  -2.597  1.990   1.00 25.08 ? 454 HIS A CB  1 
ATOM   152  C CG  . HIS A 1 18  ? 11.503  -3.630  2.641   1.00 28.98 ? 454 HIS A CG  1 
ATOM   153  N ND1 . HIS A 1 18  ? 10.567  -3.311  3.609   1.00 31.83 ? 454 HIS A ND1 1 
ATOM   154  C CD2 . HIS A 1 18  ? 11.358  -4.963  2.392   1.00 31.79 ? 454 HIS A CD2 1 
ATOM   155  C CE1 . HIS A 1 18  ? 9.912   -4.413  3.959   1.00 33.56 ? 454 HIS A CE1 1 
ATOM   156  N NE2 . HIS A 1 18  ? 10.373  -5.429  3.240   1.00 32.77 ? 454 HIS A NE2 1 
ATOM   157  N N   . ASP A 1 19  ? 9.732   -2.978  -0.130  1.00 24.56 ? 455 ASP A N   1 
ATOM   158  C CA  . ASP A 1 19  ? 8.989   -3.942  -1.000  1.00 24.69 ? 455 ASP A CA  1 
ATOM   159  C C   . ASP A 1 19  ? 7.718   -3.292  -1.547  1.00 23.19 ? 455 ASP A C   1 
ATOM   160  O O   . ASP A 1 19  ? 6.682   -3.264  -0.880  1.00 23.41 ? 455 ASP A O   1 
ATOM   161  C CB  . ASP A 1 19  ? 8.582   -5.192  -0.196  1.00 24.81 ? 455 ASP A CB  1 
ATOM   162  C CG  . ASP A 1 19  ? 7.908   -6.239  -1.040  1.00 28.17 ? 455 ASP A CG  1 
ATOM   163  O OD1 . ASP A 1 19  ? 7.872   -7.388  -0.573  1.00 31.13 ? 455 ASP A OD1 1 
ATOM   164  O OD2 . ASP A 1 19  ? 7.420   -5.951  -2.173  1.00 33.27 ? 455 ASP A OD2 1 
ATOM   165  N N   . PRO A 1 20  ? 7.785   -2.780  -2.759  1.00 22.17 ? 456 PRO A N   1 
ATOM   166  C CA  . PRO A 1 20  ? 6.659   -1.996  -3.202  1.00 21.29 ? 456 PRO A CA  1 
ATOM   167  C C   . PRO A 1 20  ? 5.338   -2.777  -3.186  1.00 21.24 ? 456 PRO A C   1 
ATOM   168  O O   . PRO A 1 20  ? 4.326   -2.255  -2.759  1.00 22.25 ? 456 PRO A O   1 
ATOM   169  C CB  . PRO A 1 20  ? 7.077   -1.572  -4.599  1.00 21.35 ? 456 PRO A CB  1 
ATOM   170  C CG  . PRO A 1 20  ? 8.585   -1.566  -4.567  1.00 20.70 ? 456 PRO A CG  1 
ATOM   171  C CD  . PRO A 1 20  ? 8.928   -2.720  -3.692  1.00 22.41 ? 456 PRO A CD  1 
ATOM   172  N N   . TRP A 1 21  ? 5.317   -4.031  -3.584  1.00 20.63 ? 457 TRP A N   1 
ATOM   173  C CA  . TRP A 1 21  ? 4.063   -4.741  -3.527  1.00 19.91 ? 457 TRP A CA  1 
ATOM   174  C C   . TRP A 1 21  ? 3.340   -4.611  -2.164  1.00 19.95 ? 457 TRP A C   1 
ATOM   175  O O   . TRP A 1 21  ? 2.129   -4.381  -2.091  1.00 20.66 ? 457 TRP A O   1 
ATOM   176  C CB  . TRP A 1 21  ? 4.283   -6.202  -3.873  1.00 20.03 ? 457 TRP A CB  1 
ATOM   177  C CG  . TRP A 1 21  ? 3.011   -6.966  -3.819  1.00 18.99 ? 457 TRP A CG  1 
ATOM   178  C CD1 . TRP A 1 21  ? 2.021   -6.954  -4.742  1.00 16.97 ? 457 TRP A CD1 1 
ATOM   179  C CD2 . TRP A 1 21  ? 2.587   -7.844  -2.780  1.00 18.27 ? 457 TRP A CD2 1 
ATOM   180  N NE1 . TRP A 1 21  ? 1.000   -7.763  -4.348  1.00 17.64 ? 457 TRP A NE1 1 
ATOM   181  C CE2 . TRP A 1 21  ? 1.319   -8.322  -3.139  1.00 18.83 ? 457 TRP A CE2 1 
ATOM   182  C CE3 . TRP A 1 21  ? 3.170   -8.298  -1.583  1.00 18.30 ? 457 TRP A CE3 1 
ATOM   183  C CZ2 . TRP A 1 21  ? 0.608   -9.211  -2.334  1.00 16.94 ? 457 TRP A CZ2 1 
ATOM   184  C CZ3 . TRP A 1 21  ? 2.477   -9.170  -0.797  1.00 15.05 ? 457 TRP A CZ3 1 
ATOM   185  C CH2 . TRP A 1 21  ? 1.202   -9.610  -1.165  1.00 17.00 ? 457 TRP A CH2 1 
ATOM   186  N N   . LYS A 1 22  ? 4.078   -4.758  -1.076  1.00 19.52 ? 458 LYS A N   1 
ATOM   187  C CA  . LYS A 1 22  ? 3.463   -4.807  0.227   1.00 18.60 ? 458 LYS A CA  1 
ATOM   188  C C   . LYS A 1 22  ? 2.961   -3.490  0.586   1.00 18.97 ? 458 LYS A C   1 
ATOM   189  O O   . LYS A 1 22  ? 1.861   -3.380  1.120   1.00 19.95 ? 458 LYS A O   1 
ATOM   190  C CB  . LYS A 1 22  ? 4.479   -5.188  1.224   1.00 19.03 ? 458 LYS A CB  1 
ATOM   191  C CG  . LYS A 1 22  ? 5.101   -6.530  0.933   1.00 19.17 ? 458 LYS A CG  1 
ATOM   192  C CD  . LYS A 1 22  ? 5.794   -7.048  2.173   1.00 20.55 ? 458 LYS A CD  1 
ATOM   193  C CE  . LYS A 1 22  ? 5.961   -8.602  2.117   1.00 22.84 ? 458 LYS A CE  1 
ATOM   194  N NZ  . LYS A 1 22  ? 6.651   -9.137  3.333   1.00 25.89 ? 458 LYS A NZ  1 
ATOM   195  N N   . LEU A 1 23  ? 3.766   -2.462  0.276   1.00 18.81 ? 459 LEU A N   1 
ATOM   196  C CA  . LEU A 1 23  ? 3.440   -1.080  0.595   1.00 16.55 ? 459 LEU A CA  1 
ATOM   197  C C   . LEU A 1 23  ? 2.206   -0.734  -0.198  1.00 16.71 ? 459 LEU A C   1 
ATOM   198  O O   . LEU A 1 23  ? 1.353   0.016   0.282   1.00 17.63 ? 459 LEU A O   1 
ATOM   199  C CB  . LEU A 1 23  ? 4.580   -0.146  0.233   1.00 15.87 ? 459 LEU A CB  1 
ATOM   200  C CG  . LEU A 1 23  ? 4.254   1.363   0.363   1.00 14.55 ? 459 LEU A CG  1 
ATOM   201  C CD1 . LEU A 1 23  ? 5.377   2.047   1.050   1.00 15.49 ? 459 LEU A CD1 1 
ATOM   202  C CD2 . LEU A 1 23  ? 3.977   2.051   -0.937  1.00 10.40 ? 459 LEU A CD2 1 
ATOM   203  N N   . LEU A 1 24  ? 2.113   -1.262  -1.415  1.00 15.33 ? 460 LEU A N   1 
ATOM   204  C CA  . LEU A 1 24  ? 0.981   -0.945  -2.237  1.00 14.86 ? 460 LEU A CA  1 
ATOM   205  C C   . LEU A 1 24  ? -0.261  -1.610  -1.666  1.00 14.54 ? 460 LEU A C   1 
ATOM   206  O O   . LEU A 1 24  ? -1.286  -0.954  -1.444  1.00 15.54 ? 460 LEU A O   1 
ATOM   207  C CB  . LEU A 1 24  ? 1.228   -1.257  -3.697  1.00 14.82 ? 460 LEU A CB  1 
ATOM   208  C CG  . LEU A 1 24  ? 2.298   -0.436  -4.437  1.00 15.68 ? 460 LEU A CG  1 
ATOM   209  C CD1 . LEU A 1 24  ? 2.519   -1.102  -5.780  1.00 15.71 ? 460 LEU A CD1 1 
ATOM   210  C CD2 . LEU A 1 24  ? 1.895   1.042   -4.668  1.00 15.46 ? 460 LEU A CD2 1 
ATOM   211  N N   . ILE A 1 25  ? -0.163  -2.885  -1.361  1.00 14.30 ? 461 ILE A N   1 
ATOM   212  C CA  . ILE A 1 25  ? -1.261  -3.595  -0.699  1.00 14.21 ? 461 ILE A CA  1 
ATOM   213  C C   . ILE A 1 25  ? -1.708  -2.762  0.464   1.00 14.82 ? 461 ILE A C   1 
ATOM   214  O O   . ILE A 1 25  ? -2.892  -2.502  0.620   1.00 14.91 ? 461 ILE A O   1 
ATOM   215  C CB  . ILE A 1 25  ? -0.750  -4.947  -0.172  1.00 14.48 ? 461 ILE A CB  1 
ATOM   216  C CG1 . ILE A 1 25  ? -0.629  -5.951  -1.330  1.00 15.17 ? 461 ILE A CG1 1 
ATOM   217  C CG2 . ILE A 1 25  ? -1.577  -5.464  0.964   1.00 12.32 ? 461 ILE A CG2 1 
ATOM   218  C CD1 . ILE A 1 25  ? -1.869  -6.224  -2.118  1.00 10.59 ? 461 ILE A CD1 1 
ATOM   219  N N   . ALA A 1 26  ? -0.731  -2.286  1.241   1.00 14.73 ? 462 ALA A N   1 
ATOM   220  C CA  . ALA A 1 26  ? -1.004  -1.601  2.478   1.00 14.09 ? 462 ALA A CA  1 
ATOM   221  C C   . ALA A 1 26  ? -1.914  -0.482  2.103   1.00 14.50 ? 462 ALA A C   1 
ATOM   222  O O   . ALA A 1 26  ? -2.950  -0.352  2.698   1.00 14.27 ? 462 ALA A O   1 
ATOM   223  C CB  . ALA A 1 26  ? 0.290   -1.092  3.114   1.00 13.71 ? 462 ALA A CB  1 
ATOM   224  N N   . THR A 1 27  ? -1.568  0.292   1.067   1.00 15.22 ? 463 THR A N   1 
ATOM   225  C CA  . THR A 1 27  ? -2.449  1.431   0.623   1.00 15.72 ? 463 THR A CA  1 
ATOM   226  C C   . THR A 1 27  ? -3.869  1.007   0.240   1.00 16.05 ? 463 THR A C   1 
ATOM   227  O O   . THR A 1 27  ? -4.822  1.692   0.509   1.00 16.43 ? 463 THR A O   1 
ATOM   228  C CB  . THR A 1 27  ? -1.826  2.308   -0.492  1.00 14.97 ? 463 THR A CB  1 
ATOM   229  O OG1 . THR A 1 27  ? -2.008  1.705   -1.772  1.00 14.91 ? 463 THR A OG1 1 
ATOM   230  C CG2 . THR A 1 27  ? -0.375  2.467   -0.278  1.00 13.45 ? 463 THR A CG2 1 
ATOM   231  N N   . ILE A 1 28  ? -4.026  -0.149  -0.369  1.00 17.04 ? 464 ILE A N   1 
ATOM   232  C CA  . ILE A 1 28  ? -5.406  -0.649  -0.597  1.00 17.68 ? 464 ILE A CA  1 
ATOM   233  C C   . ILE A 1 28  ? -6.173  -0.923  0.734   1.00 17.80 ? 464 ILE A C   1 
ATOM   234  O O   . ILE A 1 28  ? -7.382  -0.662  0.851   1.00 17.22 ? 464 ILE A O   1 
ATOM   235  C CB  . ILE A 1 28  ? -5.371  -1.932  -1.500  1.00 17.60 ? 464 ILE A CB  1 
ATOM   236  C CG1 . ILE A 1 28  ? -4.605  -1.640  -2.812  1.00 14.54 ? 464 ILE A CG1 1 
ATOM   237  C CG2 . ILE A 1 28  ? -6.784  -2.504  -1.738  1.00 17.88 ? 464 ILE A CG2 1 
ATOM   238  C CD1 . ILE A 1 28  ? -4.289  -2.913  -3.595  1.00 13.14 ? 464 ILE A CD1 1 
ATOM   239  N N   . PHE A 1 29  ? -5.454  -1.452  1.724   1.00 17.84 ? 465 PHE A N   1 
ATOM   240  C CA  . PHE A 1 29  ? -6.017  -1.658  3.043   1.00 18.58 ? 465 PHE A CA  1 
ATOM   241  C C   . PHE A 1 29  ? -6.445  -0.356  3.715   1.00 19.84 ? 465 PHE A C   1 
ATOM   242  O O   . PHE A 1 29  ? -7.619  -0.179  3.959   1.00 19.19 ? 465 PHE A O   1 
ATOM   243  C CB  . PHE A 1 29  ? -5.034  -2.412  3.895   1.00 19.21 ? 465 PHE A CB  1 
ATOM   244  C CG  . PHE A 1 29  ? -5.124  -3.879  3.733   1.00 17.91 ? 465 PHE A CG  1 
ATOM   245  C CD1 . PHE A 1 29  ? -4.575  -4.481  2.662   1.00 16.40 ? 465 PHE A CD1 1 
ATOM   246  C CD2 . PHE A 1 29  ? -5.771  -4.650  4.668   1.00 19.80 ? 465 PHE A CD2 1 
ATOM   247  C CE1 . PHE A 1 29  ? -4.690  -5.810  2.480   1.00 18.54 ? 465 PHE A CE1 1 
ATOM   248  C CE2 . PHE A 1 29  ? -5.874  -6.000  4.503   1.00 21.41 ? 465 PHE A CE2 1 
ATOM   249  C CZ  . PHE A 1 29  ? -5.327  -6.583  3.391   1.00 20.08 ? 465 PHE A CZ  1 
ATOM   250  N N   . LEU A 1 30  ? -5.496  0.559   3.947   1.00 22.06 ? 466 LEU A N   1 
ATOM   251  C CA  . LEU A 1 30  ? -5.725  1.903   4.551   1.00 23.59 ? 466 LEU A CA  1 
ATOM   252  C C   . LEU A 1 30  ? -6.685  2.806   3.747   1.00 25.75 ? 466 LEU A C   1 
ATOM   253  O O   . LEU A 1 30  ? -7.422  3.660   4.338   1.00 26.03 ? 466 LEU A O   1 
ATOM   254  C CB  . LEU A 1 30  ? -4.401  2.696   4.744   1.00 23.61 ? 466 LEU A CB  1 
ATOM   255  C CG  . LEU A 1 30  ? -3.231  2.384   5.699   1.00 21.42 ? 466 LEU A CG  1 
ATOM   256  C CD1 . LEU A 1 30  ? -3.647  2.161   7.118   1.00 18.84 ? 466 LEU A CD1 1 
ATOM   257  C CD2 . LEU A 1 30  ? -2.674  1.136   5.197   1.00 23.31 ? 466 LEU A CD2 1 
ATOM   258  N N   . ASN A 1 31  ? -6.670  2.649   2.418   1.00 26.59 ? 467 ASN A N   1 
ATOM   259  C CA  . ASN A 1 31  ? -7.519  3.476   1.612   1.00 28.26 ? 467 ASN A CA  1 
ATOM   260  C C   . ASN A 1 31  ? -8.919  3.632   2.249   1.00 28.54 ? 467 ASN A C   1 
ATOM   261  O O   . ASN A 1 31  ? -9.641  2.635   2.441   1.00 27.68 ? 467 ASN A O   1 
ATOM   262  C CB  . ASN A 1 31  ? -7.619  2.966   0.187   1.00 29.08 ? 467 ASN A CB  1 
ATOM   263  C CG  . ASN A 1 31  ? -8.329  3.956   -0.723  1.00 32.58 ? 467 ASN A CG  1 
ATOM   264  O OD1 . ASN A 1 31  ? -7.750  4.976   -1.143  1.00 36.80 ? 467 ASN A OD1 1 
ATOM   265  N ND2 . ASN A 1 31  ? -9.597  3.677   -1.013  1.00 32.77 ? 467 ASN A ND2 1 
ATOM   266  N N   . ARG A 1 32  ? -9.251  4.899   2.574   1.00 29.16 ? 468 ARG A N   1 
ATOM   267  C CA  . ARG A 1 32  ? -10.496 5.341   3.278   1.00 29.13 ? 468 ARG A CA  1 
ATOM   268  C C   . ARG A 1 32  ? -10.955 4.347   4.340   1.00 28.83 ? 468 ARG A C   1 
ATOM   269  O O   . ARG A 1 32  ? -12.101 3.911   4.318   1.00 29.10 ? 468 ARG A O   1 
ATOM   270  C CB  . ARG A 1 32  ? -11.635 5.722   2.286   1.00 29.18 ? 468 ARG A CB  1 
ATOM   271  N N   . THR A 1 33  ? -10.034 3.968   5.240   1.00 28.72 ? 469 THR A N   1 
ATOM   272  C CA  . THR A 1 33  ? -10.306 3.037   6.382   1.00 28.32 ? 469 THR A CA  1 
ATOM   273  C C   . THR A 1 33  ? -9.417  3.378   7.574   1.00 27.96 ? 469 THR A C   1 
ATOM   274  O O   . THR A 1 33  ? -8.245  3.690   7.396   1.00 27.81 ? 469 THR A O   1 
ATOM   275  C CB  . THR A 1 33  ? -10.037 1.573   6.011   1.00 27.86 ? 469 THR A CB  1 
ATOM   276  O OG1 . THR A 1 33  ? -9.120  1.568   4.928   1.00 29.49 ? 469 THR A OG1 1 
ATOM   277  C CG2 . THR A 1 33  ? -11.259 0.884   5.530   1.00 26.19 ? 469 THR A CG2 1 
ATOM   278  N N   . SER A 1 34  ? -9.978  3.352   8.779   1.00 27.88 ? 470 SER A N   1 
ATOM   279  C CA  . SER A 1 34  ? -9.179  3.478   10.007  1.00 27.91 ? 470 SER A CA  1 
ATOM   280  C C   . SER A 1 34  ? -7.873  2.580   9.949   1.00 27.93 ? 470 SER A C   1 
ATOM   281  O O   . SER A 1 34  ? -7.918  1.413   9.519   1.00 27.41 ? 470 SER A O   1 
ATOM   282  C CB  . SER A 1 34  ? -10.069 3.155   11.247  1.00 27.10 ? 470 SER A CB  1 
ATOM   283  N N   . GLY A 1 35  ? -6.717  3.121   10.351  1.00 27.79 ? 471 GLY A N   1 
ATOM   284  C CA  . GLY A 1 35  ? -5.557  2.273   10.685  1.00 27.27 ? 471 GLY A CA  1 
ATOM   285  C C   . GLY A 1 35  ? -5.885  1.357   11.867  1.00 27.71 ? 471 GLY A C   1 
ATOM   286  O O   . GLY A 1 35  ? -5.323  0.274   11.999  1.00 25.96 ? 471 GLY A O   1 
ATOM   287  N N   . LYS A 1 36  ? -6.796  1.813   12.744  1.00 29.12 ? 472 LYS A N   1 
ATOM   288  C CA  . LYS A 1 36  ? -7.332  0.994   13.858  1.00 29.78 ? 472 LYS A CA  1 
ATOM   289  C C   . LYS A 1 36  ? -7.656  -0.401  13.322  1.00 30.11 ? 472 LYS A C   1 
ATOM   290  O O   . LYS A 1 36  ? -7.173  -1.429  13.811  1.00 30.20 ? 472 LYS A O   1 
ATOM   291  C CB  . LYS A 1 36  ? -8.605  1.636   14.459  1.00 29.68 ? 472 LYS A CB  1 
ATOM   292  N N   . MET A 1 37  ? -8.467  -0.403  12.282  1.00 30.71 ? 473 MET A N   1 
ATOM   293  C CA  . MET A 1 37  ? -9.028  -1.607  11.733  1.00 31.55 ? 473 MET A CA  1 
ATOM   294  C C   . MET A 1 37  ? -8.203  -2.215  10.629  1.00 30.15 ? 473 MET A C   1 
ATOM   295  O O   . MET A 1 37  ? -8.202  -3.433  10.475  1.00 31.05 ? 473 MET A O   1 
ATOM   296  C CB  . MET A 1 37  ? -10.388 -1.290  11.150  1.00 32.69 ? 473 MET A CB  1 
ATOM   297  C CG  . MET A 1 37  ? -11.545 -1.692  12.021  1.00 38.12 ? 473 MET A CG  1 
ATOM   298  S SD  . MET A 1 37  ? -12.869 -0.746  11.272  1.00 48.51 ? 473 MET A SD  1 
ATOM   299  C CE  . MET A 1 37  ? -12.881 0.761   12.331  1.00 48.88 ? 473 MET A CE  1 
ATOM   300  N N   . ALA A 1 38  ? -7.529  -1.391  9.838   1.00 28.19 ? 474 ALA A N   1 
ATOM   301  C CA  . ALA A 1 38  ? -6.899  -1.909  8.640   1.00 26.08 ? 474 ALA A CA  1 
ATOM   302  C C   . ALA A 1 38  ? -5.586  -2.578  8.921   1.00 25.03 ? 474 ALA A C   1 
ATOM   303  O O   . ALA A 1 38  ? -5.275  -3.621  8.324   1.00 25.20 ? 474 ALA A O   1 
ATOM   304  C CB  . ALA A 1 38  ? -6.755  -0.838  7.576   1.00 25.92 ? 474 ALA A CB  1 
ATOM   305  N N   . ILE A 1 39  ? -4.813  -2.005  9.839   1.00 23.79 ? 475 ILE A N   1 
ATOM   306  C CA  . ILE A 1 39  ? -3.498  -2.571  10.161  1.00 22.66 ? 475 ILE A CA  1 
ATOM   307  C C   . ILE A 1 39  ? -3.485  -4.014  10.714  1.00 21.27 ? 475 ILE A C   1 
ATOM   308  O O   . ILE A 1 39  ? -2.680  -4.844  10.248  1.00 20.74 ? 475 ILE A O   1 
ATOM   309  C CB  . ILE A 1 39  ? -2.610  -1.624  10.950  1.00 22.48 ? 475 ILE A CB  1 
ATOM   310  C CG1 . ILE A 1 39  ? -2.467  -0.309  10.178  1.00 23.63 ? 475 ILE A CG1 1 
ATOM   311  C CG2 . ILE A 1 39  ? -1.228  -2.216  11.051  1.00 22.86 ? 475 ILE A CG2 1 
ATOM   312  C CD1 . ILE A 1 39  ? -1.773  0.868   10.978  1.00 24.51 ? 475 ILE A CD1 1 
ATOM   313  N N   . PRO A 1 40  ? -4.385  -4.339  11.655  1.00 20.35 ? 476 PRO A N   1 
ATOM   314  C CA  . PRO A 1 40  ? -4.407  -5.750  12.106  1.00 19.51 ? 476 PRO A CA  1 
ATOM   315  C C   . PRO A 1 40  ? -4.723  -6.745  11.008  1.00 19.39 ? 476 PRO A C   1 
ATOM   316  O O   . PRO A 1 40  ? -4.138  -7.815  10.988  1.00 19.17 ? 476 PRO A O   1 
ATOM   317  C CB  . PRO A 1 40  ? -5.485  -5.751  13.168  1.00 18.92 ? 476 PRO A CB  1 
ATOM   318  C CG  . PRO A 1 40  ? -5.406  -4.383  13.741  1.00 19.82 ? 476 PRO A CG  1 
ATOM   319  C CD  . PRO A 1 40  ? -5.139  -3.470  12.573  1.00 19.71 ? 476 PRO A CD  1 
ATOM   320  N N   . VAL A 1 41  ? -5.623  -6.394  10.092  1.00 19.83 ? 477 VAL A N   1 
ATOM   321  C CA  . VAL A 1 41  ? -5.981  -7.267  8.966   1.00 20.32 ? 477 VAL A CA  1 
ATOM   322  C C   . VAL A 1 41  ? -4.893  -7.264  7.867   1.00 20.94 ? 477 VAL A C   1 
ATOM   323  O O   . VAL A 1 41  ? -4.721  -8.242  7.116   1.00 22.12 ? 477 VAL A O   1 
ATOM   324  C CB  . VAL A 1 41  ? -7.343  -6.863  8.349   1.00 20.75 ? 477 VAL A CB  1 
ATOM   325  C CG1 . VAL A 1 41  ? -7.824  -7.882  7.325   1.00 21.78 ? 477 VAL A CG1 1 
ATOM   326  C CG2 . VAL A 1 41  ? -8.387  -6.760  9.409   1.00 21.42 ? 477 VAL A CG2 1 
ATOM   327  N N   . LEU A 1 42  ? -4.146  -6.177  7.755   1.00 20.50 ? 478 LEU A N   1 
ATOM   328  C CA  . LEU A 1 42  ? -3.025  -6.171  6.833   1.00 18.93 ? 478 LEU A CA  1 
ATOM   329  C C   . LEU A 1 42  ? -2.002  -7.188  7.228   1.00 19.26 ? 478 LEU A C   1 
ATOM   330  O O   . LEU A 1 42  ? -1.621  -7.975  6.384   1.00 19.78 ? 478 LEU A O   1 
ATOM   331  C CB  . LEU A 1 42  ? -2.406  -4.787  6.774   1.00 19.04 ? 478 LEU A CB  1 
ATOM   332  C CG  . LEU A 1 42  ? -1.130  -4.572  5.978   1.00 15.80 ? 478 LEU A CG  1 
ATOM   333  C CD1 . LEU A 1 42  ? -1.287  -4.962  4.581   1.00 12.43 ? 478 LEU A CD1 1 
ATOM   334  C CD2 . LEU A 1 42  ? -0.670  -3.133  6.057   1.00 11.51 ? 478 LEU A CD2 1 
ATOM   335  N N   . TRP A 1 43  ? -1.578  -7.213  8.495   1.00 19.26 ? 479 TRP A N   1 
ATOM   336  C CA  . TRP A 1 43  ? -0.530  -8.145  8.909   1.00 19.14 ? 479 TRP A CA  1 
ATOM   337  C C   . TRP A 1 43  ? -0.957  -9.599  8.797   1.00 19.34 ? 479 TRP A C   1 
ATOM   338  O O   . TRP A 1 43  ? -0.178  -10.460 8.404   1.00 19.49 ? 479 TRP A O   1 
ATOM   339  C CB  . TRP A 1 43  ? -0.040  -7.880  10.323  1.00 18.90 ? 479 TRP A CB  1 
ATOM   340  C CG  . TRP A 1 43  ? 0.622   -6.535  10.522  1.00 21.08 ? 479 TRP A CG  1 
ATOM   341  C CD1 . TRP A 1 43  ? 0.357   -5.651  11.520  1.00 22.73 ? 479 TRP A CD1 1 
ATOM   342  C CD2 . TRP A 1 43  ? 1.658   -5.914  9.712   1.00 22.00 ? 479 TRP A CD2 1 
ATOM   343  N NE1 . TRP A 1 43  ? 1.132   -4.521  11.382  1.00 24.05 ? 479 TRP A NE1 1 
ATOM   344  C CE2 . TRP A 1 43  ? 1.939   -4.654  10.286  1.00 21.84 ? 479 TRP A CE2 1 
ATOM   345  C CE3 . TRP A 1 43  ? 2.371   -6.302  8.568   1.00 23.19 ? 479 TRP A CE3 1 
ATOM   346  C CZ2 . TRP A 1 43  ? 2.895   -3.770  9.751   1.00 21.96 ? 479 TRP A CZ2 1 
ATOM   347  C CZ3 . TRP A 1 43  ? 3.340   -5.411  8.035   1.00 23.03 ? 479 TRP A CZ3 1 
ATOM   348  C CH2 . TRP A 1 43  ? 3.577   -4.168  8.620   1.00 20.92 ? 479 TRP A CH2 1 
ATOM   349  N N   . LYS A 1 44  ? -2.200  -9.877  9.145   1.00 19.31 ? 480 LYS A N   1 
ATOM   350  C CA  . LYS A 1 44  ? -2.725  -11.210 8.963   1.00 19.65 ? 480 LYS A CA  1 
ATOM   351  C C   . LYS A 1 44  ? -2.650  -11.555 7.450   1.00 20.28 ? 480 LYS A C   1 
ATOM   352  O O   . LYS A 1 44  ? -2.294  -12.658 7.095   1.00 21.11 ? 480 LYS A O   1 
ATOM   353  C CB  . LYS A 1 44  ? -4.128  -11.356 9.602   1.00 18.31 ? 480 LYS A CB  1 
ATOM   354  N N   . PHE A 1 45  ? -2.922  -10.598 6.550   1.00 21.61 ? 481 PHE A N   1 
ATOM   355  C CA  . PHE A 1 45  ? -2.882  -10.848 5.086   1.00 20.53 ? 481 PHE A CA  1 
ATOM   356  C C   . PHE A 1 45  ? -1.465  -11.073 4.531   1.00 20.84 ? 481 PHE A C   1 
ATOM   357  O O   . PHE A 1 45  ? -1.277  -11.948 3.696   1.00 20.71 ? 481 PHE A O   1 
ATOM   358  C CB  . PHE A 1 45  ? -3.580  -9.732  4.306   1.00 20.82 ? 481 PHE A CB  1 
ATOM   359  C CG  . PHE A 1 45  ? -3.352  -9.811  2.813   1.00 19.31 ? 481 PHE A CG  1 
ATOM   360  C CD1 . PHE A 1 45  ? -4.234  -10.505 1.995   1.00 20.48 ? 481 PHE A CD1 1 
ATOM   361  C CD2 . PHE A 1 45  ? -2.235  -9.257  2.248   1.00 18.13 ? 481 PHE A CD2 1 
ATOM   362  C CE1 . PHE A 1 45  ? -3.998  -10.621 0.625   1.00 18.65 ? 481 PHE A CE1 1 
ATOM   363  C CE2 . PHE A 1 45  ? -1.993  -9.375  0.895   1.00 18.99 ? 481 PHE A CE2 1 
ATOM   364  C CZ  . PHE A 1 45  ? -2.872  -10.067 0.087   1.00 16.79 ? 481 PHE A CZ  1 
ATOM   365  N N   . LEU A 1 46  ? -0.482  -10.267 4.964   1.00 20.63 ? 482 LEU A N   1 
ATOM   366  C CA  . LEU A 1 46  ? 0.908   -10.480 4.564   1.00 19.29 ? 482 LEU A CA  1 
ATOM   367  C C   . LEU A 1 46  ? 1.448   -11.765 5.141   1.00 19.81 ? 482 LEU A C   1 
ATOM   368  O O   . LEU A 1 46  ? 2.151   -12.515 4.453   1.00 20.47 ? 482 LEU A O   1 
ATOM   369  C CB  . LEU A 1 46  ? 1.795   -9.303  4.930   1.00 18.00 ? 482 LEU A CB  1 
ATOM   370  C CG  . LEU A 1 46  ? 1.349   -8.068  4.142   1.00 16.93 ? 482 LEU A CG  1 
ATOM   371  C CD1 . LEU A 1 46  ? 2.019   -6.827  4.664   1.00 12.64 ? 482 LEU A CD1 1 
ATOM   372  C CD2 . LEU A 1 46  ? 1.592   -8.230  2.670   1.00 13.81 ? 482 LEU A CD2 1 
ATOM   373  N N   . GLU A 1 47  ? 1.109   -12.056 6.388   1.00 20.04 ? 483 GLU A N   1 
ATOM   374  C CA  . GLU A 1 47  ? 1.472   -13.358 6.941   1.00 19.78 ? 483 GLU A CA  1 
ATOM   375  C C   . GLU A 1 47  ? 0.971   -14.476 6.063   1.00 18.64 ? 483 GLU A C   1 
ATOM   376  O O   . GLU A 1 47  ? 1.717   -15.366 5.759   1.00 19.96 ? 483 GLU A O   1 
ATOM   377  C CB  . GLU A 1 47  ? 1.042   -13.521 8.397   1.00 20.36 ? 483 GLU A CB  1 
ATOM   378  C CG  . GLU A 1 47  ? 2.053   -12.880 9.382   1.00 25.52 ? 483 GLU A CG  1 
ATOM   379  C CD  . GLU A 1 47  ? 1.385   -12.242 10.593  1.00 31.52 ? 483 GLU A CD  1 
ATOM   380  O OE1 . GLU A 1 47  ? 0.175   -12.468 10.744  1.00 36.00 ? 483 GLU A OE1 1 
ATOM   381  O OE2 . GLU A 1 47  ? 2.042   -11.521 11.393  1.00 33.19 ? 483 GLU A OE2 1 
ATOM   382  N N   . LYS A 1 48  ? -0.261  -14.425 5.595   1.00 17.63 ? 484 LYS A N   1 
ATOM   383  C CA  . LYS A 1 48  ? -0.799  -15.529 4.803   1.00 16.56 ? 484 LYS A CA  1 
ATOM   384  C C   . LYS A 1 48  ? -0.421  -15.508 3.294   1.00 17.02 ? 484 LYS A C   1 
ATOM   385  O O   . LYS A 1 48  ? -0.417  -16.551 2.626   1.00 17.56 ? 484 LYS A O   1 
ATOM   386  C CB  . LYS A 1 48  ? -2.306  -15.663 5.048   1.00 15.99 ? 484 LYS A CB  1 
ATOM   387  C CG  . LYS A 1 48  ? -2.901  -16.916 4.453   1.00 15.51 ? 484 LYS A CG  1 
ATOM   388  C CD  . LYS A 1 48  ? -4.322  -17.149 4.872   1.00 15.26 ? 484 LYS A CD  1 
ATOM   389  C CE  . LYS A 1 48  ? -4.856  -18.134 3.899   1.00 19.04 ? 484 LYS A CE  1 
ATOM   390  N NZ  . LYS A 1 48  ? -6.221  -18.584 4.130   1.00 18.57 ? 484 LYS A NZ  1 
ATOM   391  N N   . TYR A 1 49  ? -0.097  -14.321 2.776   1.00 17.49 ? 485 TYR A N   1 
ATOM   392  C CA  . TYR A 1 49  ? 0.199   -14.073 1.360   1.00 17.07 ? 485 TYR A CA  1 
ATOM   393  C C   . TYR A 1 49  ? 1.430   -13.193 1.281   1.00 18.11 ? 485 TYR A C   1 
ATOM   394  O O   . TYR A 1 49  ? 1.315   -12.024 1.052   1.00 19.03 ? 485 TYR A O   1 
ATOM   395  C CB  . TYR A 1 49  ? -0.959  -13.343 0.721   1.00 15.56 ? 485 TYR A CB  1 
ATOM   396  C CG  . TYR A 1 49  ? -2.244  -14.102 0.754   1.00 14.24 ? 485 TYR A CG  1 
ATOM   397  C CD1 . TYR A 1 49  ? -3.185  -13.904 1.767   1.00 13.17 ? 485 TYR A CD1 1 
ATOM   398  C CD2 . TYR A 1 49  ? -2.530  -15.043 -0.261  1.00 12.91 ? 485 TYR A CD2 1 
ATOM   399  C CE1 . TYR A 1 49  ? -4.423  -14.618 1.738   1.00 14.65 ? 485 TYR A CE1 1 
ATOM   400  C CE2 . TYR A 1 49  ? -3.710  -15.766 -0.297  1.00 10.18 ? 485 TYR A CE2 1 
ATOM   401  C CZ  . TYR A 1 49  ? -4.651  -15.561 0.689   1.00 14.06 ? 485 TYR A CZ  1 
ATOM   402  O OH  . TYR A 1 49  ? -5.802  -16.333 0.614   1.00 15.98 ? 485 TYR A OH  1 
ATOM   403  N N   . PRO A 1 50  ? 2.628   -13.757 1.472   1.00 19.31 ? 486 PRO A N   1 
ATOM   404  C CA  . PRO A 1 50  ? 3.743   -12.852 1.710   1.00 19.31 ? 486 PRO A CA  1 
ATOM   405  C C   . PRO A 1 50  ? 4.385   -12.269 0.446   1.00 20.23 ? 486 PRO A C   1 
ATOM   406  O O   . PRO A 1 50  ? 5.427   -11.605 0.555   1.00 21.37 ? 486 PRO A O   1 
ATOM   407  C CB  . PRO A 1 50  ? 4.747   -13.752 2.422   1.00 19.67 ? 486 PRO A CB  1 
ATOM   408  C CG  . PRO A 1 50  ? 4.492   -15.143 1.829   1.00 19.08 ? 486 PRO A CG  1 
ATOM   409  C CD  . PRO A 1 50  ? 3.003   -15.189 1.617   1.00 19.14 ? 486 PRO A CD  1 
ATOM   410  N N   . SER A 1 51  ? 3.798   -12.516 -0.729  1.00 20.13 ? 487 SER A N   1 
ATOM   411  C CA  . SER A 1 51  ? 4.356   -12.070 -2.002  1.00 19.69 ? 487 SER A CA  1 
ATOM   412  C C   . SER A 1 51  ? 3.248   -12.095 -3.025  1.00 19.88 ? 487 SER A C   1 
ATOM   413  O O   . SER A 1 51  ? 2.313   -12.880 -2.882  1.00 19.29 ? 487 SER A O   1 
ATOM   414  C CB  . SER A 1 51  ? 5.421   -13.041 -2.474  1.00 19.97 ? 487 SER A CB  1 
ATOM   415  O OG  . SER A 1 51  ? 4.843   -14.227 -3.052  1.00 20.48 ? 487 SER A OG  1 
ATOM   416  N N   . ALA A 1 52  ? 3.383   -11.269 -4.072  1.00 20.76 ? 488 ALA A N   1 
ATOM   417  C CA  . ALA A 1 52  ? 2.377   -11.115 -5.139  1.00 20.84 ? 488 ALA A CA  1 
ATOM   418  C C   . ALA A 1 52  ? 2.121   -12.438 -5.824  1.00 21.81 ? 488 ALA A C   1 
ATOM   419  O O   . ALA A 1 52  ? 0.979   -12.770 -6.165  1.00 21.87 ? 488 ALA A O   1 
ATOM   420  C CB  . ALA A 1 52  ? 2.874   -10.143 -6.136  1.00 20.84 ? 488 ALA A CB  1 
ATOM   421  N N   . GLU A 1 53  ? 3.217   -13.179 -5.989  1.00 22.42 ? 489 GLU A N   1 
ATOM   422  C CA  . GLU A 1 53  ? 3.285   -14.473 -6.622  1.00 24.04 ? 489 GLU A CA  1 
ATOM   423  C C   . GLU A 1 53  ? 2.266   -15.417 -6.083  1.00 23.52 ? 489 GLU A C   1 
ATOM   424  O O   . GLU A 1 53  ? 1.623   -16.084 -6.863  1.00 24.25 ? 489 GLU A O   1 
ATOM   425  C CB  . GLU A 1 53  ? 4.654   -15.088 -6.344  1.00 25.28 ? 489 GLU A CB  1 
ATOM   426  C CG  . GLU A 1 53  ? 5.804   -14.577 -7.235  1.00 31.87 ? 489 GLU A CG  1 
ATOM   427  C CD  . GLU A 1 53  ? 6.505   -13.270 -6.769  1.00 39.45 ? 489 GLU A CD  1 
ATOM   428  O OE1 . GLU A 1 53  ? 6.049   -12.578 -5.795  1.00 41.43 ? 489 GLU A OE1 1 
ATOM   429  O OE2 . GLU A 1 53  ? 7.544   -12.949 -7.419  1.00 41.96 ? 489 GLU A OE2 1 
ATOM   430  N N   . VAL A 1 54  ? 2.165   -15.464 -4.747  1.00 22.69 ? 490 VAL A N   1 
ATOM   431  C CA  . VAL A 1 54  ? 1.188   -16.219 -3.998  1.00 21.80 ? 490 VAL A CA  1 
ATOM   432  C C   . VAL A 1 54  ? -0.159  -15.582 -4.060  1.00 21.42 ? 490 VAL A C   1 
ATOM   433  O O   . VAL A 1 54  ? -1.144  -16.270 -4.187  1.00 22.77 ? 490 VAL A O   1 
ATOM   434  C CB  . VAL A 1 54  ? 1.507   -16.234 -2.498  1.00 22.36 ? 490 VAL A CB  1 
ATOM   435  C CG1 . VAL A 1 54  ? 0.373   -16.820 -1.745  1.00 22.54 ? 490 VAL A CG1 1 
ATOM   436  C CG2 . VAL A 1 54  ? 2.688   -17.047 -2.211  1.00 20.89 ? 490 VAL A CG2 1 
ATOM   437  N N   . ALA A 1 55  ? -0.214  -14.274 -3.927  1.00 20.57 ? 491 ALA A N   1 
ATOM   438  C CA  . ALA A 1 55  ? -1.483  -13.552 -3.997  1.00 20.14 ? 491 ALA A CA  1 
ATOM   439  C C   . ALA A 1 55  ? -2.240  -13.739 -5.296  1.00 20.38 ? 491 ALA A C   1 
ATOM   440  O O   . ALA A 1 55  ? -3.390  -14.154 -5.288  1.00 21.02 ? 491 ALA A O   1 
ATOM   441  C CB  . ALA A 1 55  ? -1.281  -12.124 -3.747  1.00 19.01 ? 491 ALA A CB  1 
ATOM   442  N N   . ARG A 1 56  ? -1.605  -13.435 -6.411  1.00 20.63 ? 492 ARG A N   1 
ATOM   443  C CA  . ARG A 1 56  ? -2.274  -13.493 -7.700  1.00 20.98 ? 492 ARG A CA  1 
ATOM   444  C C   . ARG A 1 56  ? -2.912  -14.850 -7.981  1.00 21.23 ? 492 ARG A C   1 
ATOM   445  O O   . ARG A 1 56  ? -3.736  -14.998 -8.885  1.00 21.24 ? 492 ARG A O   1 
ATOM   446  C CB  . ARG A 1 56  ? -1.249  -13.268 -8.771  1.00 21.44 ? 492 ARG A CB  1 
ATOM   447  C CG  . ARG A 1 56  ? -0.267  -14.360 -8.819  1.00 23.75 ? 492 ARG A CG  1 
ATOM   448  C CD  . ARG A 1 56  ? 0.568   -14.234 -10.010 1.00 26.13 ? 492 ARG A CD  1 
ATOM   449  N NE  . ARG A 1 56  ? -0.175  -14.441 -11.225 1.00 28.76 ? 492 ARG A NE  1 
ATOM   450  C CZ  . ARG A 1 56  ? 0.444   -14.525 -12.387 1.00 31.89 ? 492 ARG A CZ  1 
ATOM   451  N NH1 . ARG A 1 56  ? 1.782   -14.461 -12.381 1.00 30.91 ? 492 ARG A NH1 1 
ATOM   452  N NH2 . ARG A 1 56  ? -0.245  -14.676 -13.522 1.00 30.69 ? 492 ARG A NH2 1 
ATOM   453  N N   . THR A 1 57  ? -2.512  -15.837 -7.196  1.00 20.78 ? 493 THR A N   1 
ATOM   454  C CA  . THR A 1 57  ? -2.929  -17.191 -7.406  1.00 20.66 ? 493 THR A CA  1 
ATOM   455  C C   . THR A 1 57  ? -4.187  -17.574 -6.684  1.00 20.20 ? 493 THR A C   1 
ATOM   456  O O   . THR A 1 57  ? -4.906  -18.452 -7.122  1.00 20.26 ? 493 THR A O   1 
ATOM   457  C CB  . THR A 1 57  ? -1.804  -18.059 -6.970  1.00 20.59 ? 493 THR A CB  1 
ATOM   458  O OG1 . THR A 1 57  ? -1.114  -18.423 -8.147  1.00 21.99 ? 493 THR A OG1 1 
ATOM   459  C CG2 . THR A 1 57  ? -2.251  -19.297 -6.256  1.00 22.53 ? 493 THR A CG2 1 
ATOM   460  N N   . ALA A 1 58  ? -4.436  -16.904 -5.566  1.00 20.41 ? 494 ALA A N   1 
ATOM   461  C CA  . ALA A 1 58  ? -5.521  -17.216 -4.658  1.00 20.02 ? 494 ALA A CA  1 
ATOM   462  C C   . ALA A 1 58  ? -6.883  -16.861 -5.240  1.00 20.72 ? 494 ALA A C   1 
ATOM   463  O O   . ALA A 1 58  ? -7.026  -16.195 -6.301  1.00 21.31 ? 494 ALA A O   1 
ATOM   464  C CB  . ALA A 1 58  ? -5.315  -16.476 -3.412  1.00 19.15 ? 494 ALA A CB  1 
ATOM   465  N N   . ASP A 1 59  ? -7.897  -17.276 -4.514  1.00 20.29 ? 495 ASP A N   1 
ATOM   466  C CA  . ASP A 1 59  ? -9.259  -17.175 -4.977  1.00 19.85 ? 495 ASP A CA  1 
ATOM   467  C C   . ASP A 1 59  ? -9.865  -16.160 -4.063  1.00 18.74 ? 495 ASP A C   1 
ATOM   468  O O   . ASP A 1 59  ? -9.783  -16.290 -2.836  1.00 18.63 ? 495 ASP A O   1 
ATOM   469  C CB  . ASP A 1 59  ? -9.901  -18.564 -4.822  1.00 21.26 ? 495 ASP A CB  1 
ATOM   470  C CG  . ASP A 1 59  ? -11.413 -18.545 -4.786  1.00 24.59 ? 495 ASP A CG  1 
ATOM   471  O OD1 . ASP A 1 59  ? -12.045 -17.482 -4.979  1.00 30.32 ? 495 ASP A OD1 1 
ATOM   472  O OD2 . ASP A 1 59  ? -11.989 -19.626 -4.545  1.00 29.93 ? 495 ASP A OD2 1 
ATOM   473  N N   . TRP A 1 60  ? -10.481 -15.144 -4.646  1.00 17.71 ? 496 TRP A N   1 
ATOM   474  C CA  . TRP A 1 60  ? -10.893 -13.988 -3.889  1.00 16.51 ? 496 TRP A CA  1 
ATOM   475  C C   . TRP A 1 60  ? -11.882 -14.338 -2.793  1.00 16.48 ? 496 TRP A C   1 
ATOM   476  O O   . TRP A 1 60  ? -11.829 -13.733 -1.722  1.00 17.16 ? 496 TRP A O   1 
ATOM   477  C CB  . TRP A 1 60  ? -11.438 -12.915 -4.793  1.00 16.75 ? 496 TRP A CB  1 
ATOM   478  C CG  . TRP A 1 60  ? -12.688 -13.321 -5.477  1.00 17.51 ? 496 TRP A CG  1 
ATOM   479  C CD1 . TRP A 1 60  ? -12.812 -14.037 -6.646  1.00 16.48 ? 496 TRP A CD1 1 
ATOM   480  C CD2 . TRP A 1 60  ? -13.998 -13.074 -5.020  1.00 17.14 ? 496 TRP A CD2 1 
ATOM   481  N NE1 . TRP A 1 60  ? -14.128 -14.239 -6.935  1.00 13.91 ? 496 TRP A NE1 1 
ATOM   482  C CE2 . TRP A 1 60  ? -14.883 -13.657 -5.954  1.00 16.58 ? 496 TRP A CE2 1 
ATOM   483  C CE3 . TRP A 1 60  ? -14.521 -12.422 -3.899  1.00 16.46 ? 496 TRP A CE3 1 
ATOM   484  C CZ2 . TRP A 1 60  ? -16.274 -13.588 -5.809  1.00 18.03 ? 496 TRP A CZ2 1 
ATOM   485  C CZ3 . TRP A 1 60  ? -15.878 -12.343 -3.754  1.00 16.85 ? 496 TRP A CZ3 1 
ATOM   486  C CH2 . TRP A 1 60  ? -16.754 -12.926 -4.706  1.00 17.51 ? 496 TRP A CH2 1 
ATOM   487  N N   . ARG A 1 61  ? -12.736 -15.329 -3.006  1.00 15.14 ? 497 ARG A N   1 
ATOM   488  C CA  . ARG A 1 61  ? -13.627 -15.786 -1.915  1.00 15.41 ? 497 ARG A CA  1 
ATOM   489  C C   . ARG A 1 61  ? -12.909 -16.086 -0.590  1.00 15.62 ? 497 ARG A C   1 
ATOM   490  O O   . ARG A 1 61  ? -13.470 -15.842 0.468   1.00 16.35 ? 497 ARG A O   1 
ATOM   491  C CB  . ARG A 1 61  ? -14.488 -16.990 -2.343  1.00 15.57 ? 497 ARG A CB  1 
ATOM   492  C CG  . ARG A 1 61  ? -15.607 -16.682 -3.410  1.00 18.55 ? 497 ARG A CG  1 
ATOM   493  C CD  . ARG A 1 61  ? -15.928 -17.853 -4.379  1.00 23.72 ? 497 ARG A CD  1 
ATOM   494  N NE  . ARG A 1 61  ? -16.510 -17.372 -5.632  1.00 31.39 ? 497 ARG A NE  1 
ATOM   495  C CZ  . ARG A 1 61  ? -17.771 -16.909 -5.802  1.00 35.58 ? 497 ARG A CZ  1 
ATOM   496  N NH1 . ARG A 1 61  ? -18.658 -16.885 -4.792  1.00 35.97 ? 497 ARG A NH1 1 
ATOM   497  N NH2 . ARG A 1 61  ? -18.160 -16.467 -7.009  1.00 36.58 ? 497 ARG A NH2 1 
ATOM   498  N N   . ASP A 1 62  ? -11.680 -16.616 -0.641  1.00 15.39 ? 498 ASP A N   1 
ATOM   499  C CA  . ASP A 1 62  ? -10.932 -16.969 0.542   1.00 14.96 ? 498 ASP A CA  1 
ATOM   500  C C   . ASP A 1 62  ? -10.214 -15.712 1.045   1.00 16.11 ? 498 ASP A C   1 
ATOM   501  O O   . ASP A 1 62  ? -10.112 -15.442 2.277   1.00 15.77 ? 498 ASP A O   1 
ATOM   502  C CB  . ASP A 1 62  ? -9.875  -17.983 0.198   1.00 14.73 ? 498 ASP A CB  1 
ATOM   503  C CG  . ASP A 1 62  ? -10.444 -19.286 -0.344  1.00 15.77 ? 498 ASP A CG  1 
ATOM   504  O OD1 . ASP A 1 62  ? -11.554 -19.745 0.034   1.00 15.69 ? 498 ASP A OD1 1 
ATOM   505  O OD2 . ASP A 1 62  ? -9.742  -19.871 -1.182  1.00 16.90 ? 498 ASP A OD2 1 
ATOM   506  N N   . VAL A 1 63  ? -9.727  -14.919 0.090   1.00 15.36 ? 499 VAL A N   1 
ATOM   507  C CA  . VAL A 1 63  ? -9.122  -13.673 0.491   1.00 15.17 ? 499 VAL A CA  1 
ATOM   508  C C   . VAL A 1 63  ? -10.152 -12.828 1.258   1.00 17.02 ? 499 VAL A C   1 
ATOM   509  O O   . VAL A 1 63  ? -9.883  -12.300 2.360   1.00 18.42 ? 499 VAL A O   1 
ATOM   510  C CB  . VAL A 1 63  ? -8.513  -12.924 -0.661  1.00 14.17 ? 499 VAL A CB  1 
ATOM   511  C CG1 . VAL A 1 63  ? -7.795  -11.761 -0.154  1.00 11.75 ? 499 VAL A CG1 1 
ATOM   512  C CG2 . VAL A 1 63  ? -7.492  -13.814 -1.395  1.00 13.61 ? 499 VAL A CG2 1 
ATOM   513  N N   . SER A 1 64  ? -11.362 -12.767 0.728   1.00 17.63 ? 500 SER A N   1 
ATOM   514  C CA  . SER A 1 64  ? -12.400 -11.999 1.362   1.00 17.80 ? 500 SER A CA  1 
ATOM   515  C C   . SER A 1 64  ? -12.671 -12.501 2.787   1.00 18.28 ? 500 SER A C   1 
ATOM   516  O O   . SER A 1 64  ? -12.963 -11.717 3.734   1.00 18.44 ? 500 SER A O   1 
ATOM   517  C CB  . SER A 1 64  ? -13.654 -12.128 0.541   1.00 17.71 ? 500 SER A CB  1 
ATOM   518  O OG  . SER A 1 64  ? -14.676 -11.420 1.184   1.00 19.52 ? 500 SER A OG  1 
ATOM   519  N N   . GLU A 1 65  ? -12.590 -13.815 2.937   1.00 17.70 ? 501 GLU A N   1 
ATOM   520  C CA  . GLU A 1 65  ? -13.058 -14.406 4.143   1.00 17.39 ? 501 GLU A CA  1 
ATOM   521  C C   . GLU A 1 65  ? -12.108 -13.887 5.171   1.00 17.09 ? 501 GLU A C   1 
ATOM   522  O O   . GLU A 1 65  ? -12.499 -13.489 6.264   1.00 16.65 ? 501 GLU A O   1 
ATOM   523  C CB  . GLU A 1 65  ? -12.960 -15.905 4.018   1.00 17.41 ? 501 GLU A CB  1 
ATOM   524  C CG  . GLU A 1 65  ? -13.636 -16.596 5.145   1.00 22.33 ? 501 GLU A CG  1 
ATOM   525  C CD  . GLU A 1 65  ? -15.132 -16.302 5.170   1.00 29.28 ? 501 GLU A CD  1 
ATOM   526  O OE1 . GLU A 1 65  ? -15.658 -15.942 4.091   1.00 35.19 ? 501 GLU A OE1 1 
ATOM   527  O OE2 . GLU A 1 65  ? -15.791 -16.428 6.235   1.00 28.99 ? 501 GLU A OE2 1 
ATOM   528  N N   . LEU A 1 66  ? -10.842 -13.868 4.787   1.00 16.72 ? 502 LEU A N   1 
ATOM   529  C CA  . LEU A 1 66  ? -9.822  -13.419 5.670   1.00 17.02 ? 502 LEU A CA  1 
ATOM   530  C C   . LEU A 1 66  ? -9.878  -11.915 5.939   1.00 18.68 ? 502 LEU A C   1 
ATOM   531  O O   . LEU A 1 66  ? -9.446  -11.481 7.012   1.00 18.80 ? 502 LEU A O   1 
ATOM   532  C CB  . LEU A 1 66  ? -8.440  -13.807 5.129   1.00 16.65 ? 502 LEU A CB  1 
ATOM   533  C CG  . LEU A 1 66  ? -7.361  -13.195 5.997   1.00 12.96 ? 502 LEU A CG  1 
ATOM   534  C CD1 . LEU A 1 66  ? -7.091  -14.074 7.179   1.00 12.52 ? 502 LEU A CD1 1 
ATOM   535  C CD2 . LEU A 1 66  ? -6.146  -12.938 5.220   1.00 11.70 ? 502 LEU A CD2 1 
ATOM   536  N N   . LEU A 1 67  ? -10.371 -11.116 4.977   1.00 20.12 ? 503 LEU A N   1 
ATOM   537  C CA  . LEU A 1 67  ? -10.491 -9.631  5.159   1.00 20.91 ? 503 LEU A CA  1 
ATOM   538  C C   . LEU A 1 67  ? -11.737 -9.197  5.943   1.00 22.04 ? 503 LEU A C   1 
ATOM   539  O O   . LEU A 1 67  ? -11.778 -8.095  6.497   1.00 21.61 ? 503 LEU A O   1 
ATOM   540  C CB  . LEU A 1 67  ? -10.467 -8.894  3.818   1.00 19.91 ? 503 LEU A CB  1 
ATOM   541  C CG  . LEU A 1 67  ? -9.165  -9.021  3.049   1.00 21.25 ? 503 LEU A CG  1 
ATOM   542  C CD1 . LEU A 1 67  ? -9.191  -8.211  1.795   1.00 19.82 ? 503 LEU A CD1 1 
ATOM   543  C CD2 . LEU A 1 67  ? -7.995  -8.604  3.905   1.00 23.16 ? 503 LEU A CD2 1 
ATOM   544  N N   . LYS A 1 68  ? -12.759 -10.057 5.963   1.00 23.67 ? 504 LYS A N   1 
ATOM   545  C CA  . LYS A 1 68  ? -13.957 -9.826  6.750   1.00 25.38 ? 504 LYS A CA  1 
ATOM   546  C C   . LYS A 1 68  ? -13.551 -9.291  8.136   1.00 27.77 ? 504 LYS A C   1 
ATOM   547  O O   . LYS A 1 68  ? -12.558 -9.756  8.735   1.00 28.59 ? 504 LYS A O   1 
ATOM   548  C CB  . LYS A 1 68  ? -14.736 -11.120 6.849   1.00 24.12 ? 504 LYS A CB  1 
ATOM   549  C CG  . LYS A 1 68  ? -16.187 -10.954 6.699   1.00 24.66 ? 504 LYS A CG  1 
ATOM   550  C CD  . LYS A 1 68  ? -16.879 -12.248 6.332   1.00 25.66 ? 504 LYS A CD  1 
ATOM   551  C CE  . LYS A 1 68  ? -16.937 -12.387 4.821   1.00 27.69 ? 504 LYS A CE  1 
ATOM   552  N NZ  . LYS A 1 68  ? -17.972 -13.376 4.372   1.00 29.49 ? 504 LYS A NZ  1 
ATOM   553  N N   . PRO A 1 69  ? -14.269 -8.276  8.647   1.00 29.66 ? 505 PRO A N   1 
ATOM   554  C CA  . PRO A 1 69  ? -15.387 -7.517  8.066   1.00 30.87 ? 505 PRO A CA  1 
ATOM   555  C C   . PRO A 1 69  ? -14.966 -6.063  7.704   1.00 30.81 ? 505 PRO A C   1 
ATOM   556  O O   . PRO A 1 69  ? -15.775 -5.139  7.787   1.00 31.19 ? 505 PRO A O   1 
ATOM   557  C CB  . PRO A 1 69  ? -16.451 -7.535  9.205   1.00 31.09 ? 505 PRO A CB  1 
ATOM   558  C CG  . PRO A 1 69  ? -15.593 -7.689  10.529  1.00 30.98 ? 505 PRO A CG  1 
ATOM   559  C CD  . PRO A 1 69  ? -14.099 -7.900  10.063  1.00 30.36 ? 505 PRO A CD  1 
ATOM   560  N N   . LEU A 1 70  ? -13.711 -5.930  7.281   1.00 30.57 ? 506 LEU A N   1 
ATOM   561  C CA  . LEU A 1 70  ? -13.073 -4.696  6.878   1.00 30.16 ? 506 LEU A CA  1 
ATOM   562  C C   . LEU A 1 70  ? -13.910 -3.724  6.057   1.00 31.04 ? 506 LEU A C   1 
ATOM   563  O O   . LEU A 1 70  ? -13.724 -2.499  6.147   1.00 32.23 ? 506 LEU A O   1 
ATOM   564  C CB  . LEU A 1 70  ? -11.810 -5.027  6.108   1.00 29.58 ? 506 LEU A CB  1 
ATOM   565  C CG  . LEU A 1 70  ? -10.699 -4.009  6.151   1.00 26.95 ? 506 LEU A CG  1 
ATOM   566  C CD1 . LEU A 1 70  ? -10.441 -3.656  7.577   1.00 25.28 ? 506 LEU A CD1 1 
ATOM   567  C CD2 . LEU A 1 70  ? -9.455  -4.584  5.467   1.00 24.18 ? 506 LEU A CD2 1 
ATOM   568  N N   . GLY A 1 71  ? -14.814 -4.221  5.231   1.00 30.83 ? 507 GLY A N   1 
ATOM   569  C CA  . GLY A 1 71  ? -15.705 -3.262  4.588   1.00 30.38 ? 507 GLY A CA  1 
ATOM   570  C C   . GLY A 1 71  ? -15.349 -3.129  3.136   1.00 30.18 ? 507 GLY A C   1 
ATOM   571  O O   . GLY A 1 71  ? -14.282 -2.619  2.778   1.00 29.39 ? 507 GLY A O   1 
ATOM   572  N N   . LEU A 1 72  ? -16.291 -3.588  2.311   1.00 30.37 ? 508 LEU A N   1 
ATOM   573  C CA  . LEU A 1 72  ? -16.110 -3.741  0.896   1.00 29.82 ? 508 LEU A CA  1 
ATOM   574  C C   . LEU A 1 72  ? -14.988 -4.750  0.880   1.00 29.57 ? 508 LEU A C   1 
ATOM   575  O O   . LEU A 1 72  ? -13.993 -4.574  0.186   1.00 30.58 ? 508 LEU A O   1 
ATOM   576  C CB  . LEU A 1 72  ? -15.736 -2.381  0.261   1.00 29.85 ? 508 LEU A CB  1 
ATOM   577  N N   . TYR A 1 73  ? -15.106 -5.781  1.716   1.00 28.96 ? 509 TYR A N   1 
ATOM   578  C CA  . TYR A 1 73  ? -14.069 -6.819  1.795   1.00 27.87 ? 509 TYR A CA  1 
ATOM   579  C C   . TYR A 1 73  ? -14.065 -7.624  0.535   1.00 27.39 ? 509 TYR A C   1 
ATOM   580  O O   . TYR A 1 73  ? -13.012 -8.032  0.075   1.00 28.10 ? 509 TYR A O   1 
ATOM   581  C CB  . TYR A 1 73  ? -14.216 -7.729  3.014   1.00 27.89 ? 509 TYR A CB  1 
ATOM   582  C CG  . TYR A 1 73  ? -15.622 -8.235  3.285   1.00 29.79 ? 509 TYR A CG  1 
ATOM   583  C CD1 . TYR A 1 73  ? -16.153 -9.328  2.588   1.00 32.62 ? 509 TYR A CD1 1 
ATOM   584  C CD2 . TYR A 1 73  ? -16.433 -7.624  4.251   1.00 29.29 ? 509 TYR A CD2 1 
ATOM   585  C CE1 . TYR A 1 73  ? -17.476 -9.785  2.844   1.00 32.35 ? 509 TYR A CE1 1 
ATOM   586  C CE2 . TYR A 1 73  ? -17.727 -8.075  4.513   1.00 29.50 ? 509 TYR A CE2 1 
ATOM   587  C CZ  . TYR A 1 73  ? -18.243 -9.140  3.807   1.00 31.02 ? 509 TYR A CZ  1 
ATOM   588  O OH  . TYR A 1 73  ? -19.512 -9.571  4.087   1.00 31.84 ? 509 TYR A OH  1 
ATOM   589  N N   . ASP A 1 74  ? -15.229 -7.848  -0.053  1.00 27.14 ? 510 ASP A N   1 
ATOM   590  C CA  . ASP A 1 74  ? -15.282 -8.513  -1.348  1.00 27.05 ? 510 ASP A CA  1 
ATOM   591  C C   . ASP A 1 74  ? -14.506 -7.754  -2.368  1.00 25.85 ? 510 ASP A C   1 
ATOM   592  O O   . ASP A 1 74  ? -13.575 -8.276  -2.930  1.00 26.28 ? 510 ASP A O   1 
ATOM   593  C CB  . ASP A 1 74  ? -16.707 -8.632  -1.829  1.00 27.73 ? 510 ASP A CB  1 
ATOM   594  C CG  . ASP A 1 74  ? -17.417 -9.835  -1.242  1.00 32.39 ? 510 ASP A CG  1 
ATOM   595  O OD1 . ASP A 1 74  ? -16.752 -10.863 -0.843  1.00 32.75 ? 510 ASP A OD1 1 
ATOM   596  O OD2 . ASP A 1 74  ? -18.670 -9.738  -1.184  1.00 36.02 ? 510 ASP A OD2 1 
ATOM   597  N N   . LEU A 1 75  ? -14.909 -6.514  -2.597  1.00 25.09 ? 511 LEU A N   1 
ATOM   598  C CA  . LEU A 1 75  ? -14.277 -5.645  -3.564  1.00 24.17 ? 511 LEU A CA  1 
ATOM   599  C C   . LEU A 1 75  ? -12.783 -5.542  -3.271  1.00 23.82 ? 511 LEU A C   1 
ATOM   600  O O   . LEU A 1 75  ? -11.969 -5.666  -4.201  1.00 24.79 ? 511 LEU A O   1 
ATOM   601  C CB  . LEU A 1 75  ? -14.970 -4.251  -3.656  1.00 24.47 ? 511 LEU A CB  1 
ATOM   602  N N   . ARG A 1 76  ? -12.391 -5.343  -2.013  1.00 22.38 ? 512 ARG A N   1 
ATOM   603  C CA  . ARG A 1 76  ? -10.950 -5.258  -1.727  1.00 21.62 ? 512 ARG A CA  1 
ATOM   604  C C   . ARG A 1 76  ? -10.247 -6.532  -2.051  1.00 20.72 ? 512 ARG A C   1 
ATOM   605  O O   . ARG A 1 76  ? -9.123  -6.505  -2.478  1.00 21.47 ? 512 ARG A O   1 
ATOM   606  C CB  . ARG A 1 76  ? -10.644 -4.867  -0.285  1.00 22.07 ? 512 ARG A CB  1 
ATOM   607  C CG  . ARG A 1 76  ? -10.755 -3.391  -0.047  1.00 22.92 ? 512 ARG A CG  1 
ATOM   608  C CD  . ARG A 1 76  ? -10.179 -3.144  1.265   1.00 27.05 ? 512 ARG A CD  1 
ATOM   609  N NE  . ARG A 1 76  ? -11.211 -2.737  2.190   1.00 31.99 ? 512 ARG A NE  1 
ATOM   610  C CZ  . ARG A 1 76  ? -11.256 -1.534  2.742   1.00 34.14 ? 512 ARG A CZ  1 
ATOM   611  N NH1 . ARG A 1 76  ? -10.316 -0.648  2.466   1.00 37.02 ? 512 ARG A NH1 1 
ATOM   612  N NH2 . ARG A 1 76  ? -12.230 -1.217  3.574   1.00 36.53 ? 512 ARG A NH2 1 
ATOM   613  N N   . ALA A 1 77  ? -10.896 -7.671  -1.865  1.00 20.28 ? 513 ALA A N   1 
ATOM   614  C CA  . ALA A 1 77  ? -10.241 -8.949  -2.113  1.00 19.05 ? 513 ALA A CA  1 
ATOM   615  C C   . ALA A 1 77  ? -9.920  -9.095  -3.577  1.00 19.07 ? 513 ALA A C   1 
ATOM   616  O O   . ALA A 1 77  ? -8.812  -9.425  -3.903  1.00 19.76 ? 513 ALA A O   1 
ATOM   617  C CB  . ALA A 1 77  ? -11.137 -10.028 -1.712  1.00 19.56 ? 513 ALA A CB  1 
ATOM   618  N N   . LYS A 1 78  ? -10.908 -8.852  -4.448  1.00 18.32 ? 514 LYS A N   1 
ATOM   619  C CA  . LYS A 1 78  ? -10.790 -8.997  -5.901  1.00 17.49 ? 514 LYS A CA  1 
ATOM   620  C C   . LYS A 1 78  ? -9.732  -8.068  -6.434  1.00 16.42 ? 514 LYS A C   1 
ATOM   621  O O   . LYS A 1 78  ? -8.964  -8.417  -7.296  1.00 16.61 ? 514 LYS A O   1 
ATOM   622  C CB  . LYS A 1 78  ? -12.136 -8.691  -6.607  1.00 18.01 ? 514 LYS A CB  1 
ATOM   623  C CG  . LYS A 1 78  ? -13.389 -9.502  -6.166  1.00 20.04 ? 514 LYS A CG  1 
ATOM   624  C CD  . LYS A 1 78  ? -14.522 -9.471  -7.215  1.00 22.90 ? 514 LYS A CD  1 
ATOM   625  C CE  . LYS A 1 78  ? -15.911 -9.501  -6.519  1.00 26.11 ? 514 LYS A CE  1 
ATOM   626  N NZ  . LYS A 1 78  ? -17.117 -9.885  -7.374  1.00 27.15 ? 514 LYS A NZ  1 
ATOM   627  N N   . THR A 1 79  ? -9.706  -6.859  -5.913  1.00 15.89 ? 515 THR A N   1 
ATOM   628  C CA  . THR A 1 79  ? -8.673  -5.879  -6.240  1.00 15.46 ? 515 THR A CA  1 
ATOM   629  C C   . THR A 1 79  ? -7.255  -6.388  -5.942  1.00 14.41 ? 515 THR A C   1 
ATOM   630  O O   . THR A 1 79  ? -6.343  -6.276  -6.762  1.00 13.63 ? 515 THR A O   1 
ATOM   631  C CB  . THR A 1 79  ? -8.956  -4.663  -5.374  1.00 15.82 ? 515 THR A CB  1 
ATOM   632  O OG1 . THR A 1 79  ? -10.308 -4.252  -5.643  1.00 19.39 ? 515 THR A OG1 1 
ATOM   633  C CG2 . THR A 1 79  ? -7.962  -3.531  -5.586  1.00 13.27 ? 515 THR A CG2 1 
ATOM   634  N N   . ILE A 1 80  ? -7.085  -6.929  -4.748  1.00 13.30 ? 516 ILE A N   1 
ATOM   635  C CA  . ILE A 1 80  ? -5.789  -7.364  -4.289  1.00 13.22 ? 516 ILE A CA  1 
ATOM   636  C C   . ILE A 1 80  ? -5.287  -8.446  -5.217  1.00 13.46 ? 516 ILE A C   1 
ATOM   637  O O   . ILE A 1 80  ? -4.148  -8.400  -5.692  1.00 15.41 ? 516 ILE A O   1 
ATOM   638  C CB  . ILE A 1 80  ? -5.874  -7.903  -2.879  1.00 13.30 ? 516 ILE A CB  1 
ATOM   639  C CG1 . ILE A 1 80  ? -5.912  -6.748  -1.893  1.00 12.94 ? 516 ILE A CG1 1 
ATOM   640  C CG2 . ILE A 1 80  ? -4.738  -8.760  -2.597  1.00 10.47 ? 516 ILE A CG2 1 
ATOM   641  C CD1 . ILE A 1 80  ? -6.343  -7.135  -0.516  1.00 11.31 ? 516 ILE A CD1 1 
ATOM   642  N N   . VAL A 1 81  ? -6.142  -9.389  -5.540  1.00 12.08 ? 517 VAL A N   1 
ATOM   643  C CA  . VAL A 1 81  ? -5.750  -10.426 -6.484  1.00 11.72 ? 517 VAL A CA  1 
ATOM   644  C C   . VAL A 1 81  ? -5.369  -9.858  -7.845  1.00 12.44 ? 517 VAL A C   1 
ATOM   645  O O   . VAL A 1 81  ? -4.287  -10.133 -8.350  1.00 12.21 ? 517 VAL A O   1 
ATOM   646  C CB  . VAL A 1 81  ? -6.841  -11.495 -6.619  1.00 11.05 ? 517 VAL A CB  1 
ATOM   647  C CG1 . VAL A 1 81  ? -6.460  -12.445 -7.665  1.00 9.93  ? 517 VAL A CG1 1 
ATOM   648  C CG2 . VAL A 1 81  ? -6.988  -12.216 -5.283  1.00 11.08 ? 517 VAL A CG2 1 
ATOM   649  N N   . LYS A 1 82  ? -6.251  -9.042  -8.433  1.00 13.47 ? 518 LYS A N   1 
ATOM   650  C CA  . LYS A 1 82  ? -6.014  -8.554  -9.751  1.00 13.89 ? 518 LYS A CA  1 
ATOM   651  C C   . LYS A 1 82  ? -4.796  -7.611  -9.804  1.00 14.13 ? 518 LYS A C   1 
ATOM   652  O O   . LYS A 1 82  ? -3.948  -7.764  -10.702 1.00 13.76 ? 518 LYS A O   1 
ATOM   653  C CB  . LYS A 1 82  ? -7.264  -7.937  -10.313 1.00 14.62 ? 518 LYS A CB  1 
ATOM   654  C CG  . LYS A 1 82  ? -7.038  -7.527  -11.728 1.00 18.12 ? 518 LYS A CG  1 
ATOM   655  C CD  . LYS A 1 82  ? -8.321  -7.187  -12.419 1.00 23.37 ? 518 LYS A CD  1 
ATOM   656  C CE  . LYS A 1 82  ? -8.043  -6.778  -13.845 1.00 21.67 ? 518 LYS A CE  1 
ATOM   657  N NZ  . LYS A 1 82  ? -9.266  -7.225  -14.494 1.00 25.06 ? 518 LYS A NZ  1 
ATOM   658  N N   . PHE A 1 83  ? -4.679  -6.686  -8.841  1.00 14.40 ? 519 PHE A N   1 
ATOM   659  C CA  . PHE A 1 83  ? -3.479  -5.833  -8.710  1.00 15.12 ? 519 PHE A CA  1 
ATOM   660  C C   . PHE A 1 83  ? -2.195  -6.645  -8.579  1.00 15.31 ? 519 PHE A C   1 
ATOM   661  O O   . PHE A 1 83  ? -1.230  -6.343  -9.246  1.00 16.35 ? 519 PHE A O   1 
ATOM   662  C CB  . PHE A 1 83  ? -3.581  -4.908  -7.521  1.00 14.90 ? 519 PHE A CB  1 
ATOM   663  C CG  . PHE A 1 83  ? -2.238  -4.582  -6.888  1.00 18.10 ? 519 PHE A CG  1 
ATOM   664  C CD1 . PHE A 1 83  ? -1.353  -3.650  -7.480  1.00 21.98 ? 519 PHE A CD1 1 
ATOM   665  C CD2 . PHE A 1 83  ? -1.853  -5.165  -5.674  1.00 15.46 ? 519 PHE A CD2 1 
ATOM   666  C CE1 . PHE A 1 83  ? -0.088  -3.326  -6.834  1.00 19.34 ? 519 PHE A CE1 1 
ATOM   667  C CE2 . PHE A 1 83  ? -0.625  -4.855  -5.068  1.00 14.12 ? 519 PHE A CE2 1 
ATOM   668  C CZ  . PHE A 1 83  ? 0.253   -3.954  -5.650  1.00 14.67 ? 519 PHE A CZ  1 
ATOM   669  N N   . SER A 1 84  ? -2.166  -7.659  -7.715  1.00 15.03 ? 520 SER A N   1 
ATOM   670  C CA  . SER A 1 84  ? -0.978  -8.542  -7.614  1.00 14.20 ? 520 SER A CA  1 
ATOM   671  C C   . SER A 1 84  ? -0.580  -9.213  -8.956  1.00 15.00 ? 520 SER A C   1 
ATOM   672  O O   . SER A 1 84  ? 0.579   -9.223  -9.353  1.00 15.50 ? 520 SER A O   1 
ATOM   673  C CB  . SER A 1 84  ? -1.200  -9.595  -6.509  1.00 14.14 ? 520 SER A CB  1 
ATOM   674  O OG  . SER A 1 84  ? -1.431  -9.055  -5.194  1.00 10.01 ? 520 SER A OG  1 
ATOM   675  N N   . ASP A 1 85  ? -1.538  -9.751  -9.688  1.00 15.44 ? 521 ASP A N   1 
ATOM   676  C CA  . ASP A 1 85  ? -1.220  -10.290 -10.993 1.00 16.71 ? 521 ASP A CA  1 
ATOM   677  C C   . ASP A 1 85  ? -0.623  -9.242  -11.951 1.00 17.00 ? 521 ASP A C   1 
ATOM   678  O O   . ASP A 1 85  ? 0.405   -9.470  -12.567 1.00 17.98 ? 521 ASP A O   1 
ATOM   679  C CB  . ASP A 1 85  ? -2.463  -10.947 -11.562 1.00 17.50 ? 521 ASP A CB  1 
ATOM   680  C CG  . ASP A 1 85  ? -2.313  -11.382 -13.012 1.00 21.92 ? 521 ASP A CG  1 
ATOM   681  O OD1 . ASP A 1 85  ? -1.195  -11.716 -13.519 1.00 26.66 ? 521 ASP A OD1 1 
ATOM   682  O OD2 . ASP A 1 85  ? -3.384  -11.415 -13.656 1.00 27.62 ? 521 ASP A OD2 1 
ATOM   683  N N   . GLU A 1 86  ? -1.257  -8.084  -12.047 1.00 17.18 ? 522 GLU A N   1 
ATOM   684  C CA  . GLU A 1 86  ? -0.795  -6.967  -12.866 1.00 16.49 ? 522 GLU A CA  1 
ATOM   685  C C   . GLU A 1 86  ? 0.555   -6.454  -12.438 1.00 15.96 ? 522 GLU A C   1 
ATOM   686  O O   . GLU A 1 86  ? 1.376   -6.122  -13.270 1.00 15.72 ? 522 GLU A O   1 
ATOM   687  C CB  . GLU A 1 86  ? -1.802  -5.824  -12.791 1.00 16.17 ? 522 GLU A CB  1 
ATOM   688  C CG  . GLU A 1 86  ? -3.090  -6.146  -13.498 1.00 18.65 ? 522 GLU A CG  1 
ATOM   689  C CD  . GLU A 1 86  ? -3.787  -4.923  -14.116 1.00 22.60 ? 522 GLU A CD  1 
ATOM   690  O OE1 . GLU A 1 86  ? -3.523  -3.773  -13.709 1.00 24.28 ? 522 GLU A OE1 1 
ATOM   691  O OE2 . GLU A 1 86  ? -4.616  -5.115  -15.037 1.00 25.40 ? 522 GLU A OE2 1 
ATOM   692  N N   . TYR A 1 87  ? 0.787   -6.396  -11.141 1.00 16.21 ? 523 TYR A N   1 
ATOM   693  C CA  . TYR A 1 87  ? 2.071   -5.974  -10.592 1.00 17.06 ? 523 TYR A CA  1 
ATOM   694  C C   . TYR A 1 87  ? 3.209   -6.803  -11.164 1.00 18.17 ? 523 TYR A C   1 
ATOM   695  O O   . TYR A 1 87  ? 4.234   -6.242  -11.593 1.00 19.17 ? 523 TYR A O   1 
ATOM   696  C CB  . TYR A 1 87  ? 2.053   -6.085  -9.070  1.00 16.82 ? 523 TYR A CB  1 
ATOM   697  C CG  . TYR A 1 87  ? 3.347   -5.765  -8.362  1.00 16.57 ? 523 TYR A CG  1 
ATOM   698  C CD1 . TYR A 1 87  ? 3.608   -4.487  -7.879  1.00 18.03 ? 523 TYR A CD1 1 
ATOM   699  C CD2 . TYR A 1 87  ? 4.305   -6.752  -8.125  1.00 17.15 ? 523 TYR A CD2 1 
ATOM   700  C CE1 . TYR A 1 87  ? 4.837   -4.195  -7.194  1.00 18.75 ? 523 TYR A CE1 1 
ATOM   701  C CE2 . TYR A 1 87  ? 5.516   -6.468  -7.450  1.00 16.60 ? 523 TYR A CE2 1 
ATOM   702  C CZ  . TYR A 1 87  ? 5.767   -5.206  -6.988  1.00 15.74 ? 523 TYR A CZ  1 
ATOM   703  O OH  . TYR A 1 87  ? 6.947   -4.950  -6.351  1.00 14.17 ? 523 TYR A OH  1 
ATOM   704  N N   . LEU A 1 88  ? 3.058   -8.125  -11.193 1.00 18.35 ? 524 LEU A N   1 
ATOM   705  C CA  . LEU A 1 88  ? 4.118   -8.904  -11.755 1.00 18.70 ? 524 LEU A CA  1 
ATOM   706  C C   . LEU A 1 88  ? 4.115   -8.909  -13.248 1.00 19.97 ? 524 LEU A C   1 
ATOM   707  O O   . LEU A 1 88  ? 5.184   -8.738  -13.830 1.00 21.46 ? 524 LEU A O   1 
ATOM   708  C CB  . LEU A 1 88  ? 4.088   -10.320 -11.244 1.00 18.31 ? 524 LEU A CB  1 
ATOM   709  C CG  . LEU A 1 88  ? 4.251   -10.435 -9.753  1.00 16.65 ? 524 LEU A CG  1 
ATOM   710  C CD1 . LEU A 1 88  ? 3.824   -11.798 -9.545  1.00 17.09 ? 524 LEU A CD1 1 
ATOM   711  C CD2 . LEU A 1 88  ? 5.675   -10.222 -9.259  1.00 12.28 ? 524 LEU A CD2 1 
ATOM   712  N N   . THR A 1 89  ? 2.943   -9.097  -13.866 1.00 21.08 ? 525 THR A N   1 
ATOM   713  C CA  . THR A 1 89  ? 2.854   -9.441  -15.303 1.00 22.45 ? 525 THR A CA  1 
ATOM   714  C C   . THR A 1 89  ? 3.001   -8.281  -16.295 1.00 23.15 ? 525 THR A C   1 
ATOM   715  O O   . THR A 1 89  ? 3.488   -8.489  -17.416 1.00 24.56 ? 525 THR A O   1 
ATOM   716  C CB  . THR A 1 89  ? 1.631   -10.330 -15.653 1.00 22.09 ? 525 THR A CB  1 
ATOM   717  O OG1 . THR A 1 89  ? 0.467   -9.841  -14.999 1.00 23.66 ? 525 THR A OG1 1 
ATOM   718  C CG2 . THR A 1 89  ? 1.853   -11.714 -15.141 1.00 23.83 ? 525 THR A CG2 1 
ATOM   719  N N   . LYS A 1 90  ? 2.625   -7.072  -15.872 1.00 23.52 ? 526 LYS A N   1 
ATOM   720  C CA  . LYS A 1 90  ? 2.715   -5.837  -16.656 1.00 22.82 ? 526 LYS A CA  1 
ATOM   721  C C   . LYS A 1 90  ? 4.035   -5.063  -16.493 1.00 23.00 ? 526 LYS A C   1 
ATOM   722  O O   . LYS A 1 90  ? 4.601   -4.996  -15.408 1.00 23.01 ? 526 LYS A O   1 
ATOM   723  C CB  . LYS A 1 90  ? 1.550   -4.912  -16.278 1.00 22.93 ? 526 LYS A CB  1 
ATOM   724  C CG  . LYS A 1 90  ? 0.304   -5.103  -17.067 1.00 24.06 ? 526 LYS A CG  1 
ATOM   725  C CD  . LYS A 1 90  ? -0.697  -4.047  -16.709 1.00 29.23 ? 526 LYS A CD  1 
ATOM   726  C CE  . LYS A 1 90  ? -2.086  -4.482  -17.166 1.00 33.49 ? 526 LYS A CE  1 
ATOM   727  N NZ  . LYS A 1 90  ? -2.399  -4.099  -18.572 1.00 36.99 ? 526 LYS A NZ  1 
ATOM   728  N N   . GLN A 1 91  ? 4.488   -4.450  -17.581 1.00 23.57 ? 527 GLN A N   1 
ATOM   729  C CA  . GLN A 1 91  ? 5.739   -3.733  -17.614 1.00 24.27 ? 527 GLN A CA  1 
ATOM   730  C C   . GLN A 1 91  ? 5.331   -2.313  -17.370 1.00 24.76 ? 527 GLN A C   1 
ATOM   731  O O   . GLN A 1 91  ? 4.871   -1.635  -18.294 1.00 26.01 ? 527 GLN A O   1 
ATOM   732  C CB  . GLN A 1 91  ? 6.417   -3.854  -18.996 1.00 24.31 ? 527 GLN A CB  1 
ATOM   733  N N   . TRP A 1 92  ? 5.514   -1.859  -16.135 1.00 24.54 ? 528 TRP A N   1 
ATOM   734  C CA  . TRP A 1 92  ? 5.096   -0.519  -15.675 1.00 23.67 ? 528 TRP A CA  1 
ATOM   735  C C   . TRP A 1 92  ? 6.237   0.298   -15.058 1.00 23.56 ? 528 TRP A C   1 
ATOM   736  O O   . TRP A 1 92  ? 7.151   -0.291  -14.456 1.00 25.08 ? 528 TRP A O   1 
ATOM   737  C CB  . TRP A 1 92  ? 4.024   -0.695  -14.591 1.00 23.41 ? 528 TRP A CB  1 
ATOM   738  C CG  . TRP A 1 92  ? 4.444   -1.576  -13.395 1.00 21.37 ? 528 TRP A CG  1 
ATOM   739  C CD1 . TRP A 1 92  ? 4.330   -2.933  -13.292 1.00 18.94 ? 528 TRP A CD1 1 
ATOM   740  C CD2 . TRP A 1 92  ? 5.008   -1.135  -12.157 1.00 19.97 ? 528 TRP A CD2 1 
ATOM   741  N NE1 . TRP A 1 92  ? 4.778   -3.363  -12.071 1.00 16.29 ? 528 TRP A NE1 1 
ATOM   742  C CE2 . TRP A 1 92  ? 5.202   -2.281  -11.352 1.00 18.00 ? 528 TRP A CE2 1 
ATOM   743  C CE3 . TRP A 1 92  ? 5.357   0.124   -11.635 1.00 20.49 ? 528 TRP A CE3 1 
ATOM   744  C CZ2 . TRP A 1 92  ? 5.746   -2.210  -10.065 1.00 17.68 ? 528 TRP A CZ2 1 
ATOM   745  C CZ3 . TRP A 1 92  ? 5.909   0.185   -10.355 1.00 17.83 ? 528 TRP A CZ3 1 
ATOM   746  C CH2 . TRP A 1 92  ? 6.094   -0.968  -9.592  1.00 18.13 ? 528 TRP A CH2 1 
ATOM   747  N N   . LYS A 1 93  ? 6.161   1.626   -15.152 1.00 22.21 ? 529 LYS A N   1 
ATOM   748  C CA  . LYS A 1 93  ? 7.062   2.522   -14.388 1.00 21.29 ? 529 LYS A CA  1 
ATOM   749  C C   . LYS A 1 93  ? 6.447   3.125   -13.081 1.00 20.47 ? 529 LYS A C   1 
ATOM   750  O O   . LYS A 1 93  ? 7.148   3.266   -12.067 1.00 20.36 ? 529 LYS A O   1 
ATOM   751  C CB  . LYS A 1 93  ? 7.686   3.622   -15.293 1.00 21.20 ? 529 LYS A CB  1 
ATOM   752  N N   . TYR A 1 94  ? 5.168   3.484   -13.098 1.00 18.56 ? 530 TYR A N   1 
ATOM   753  C CA  . TYR A 1 94  ? 4.534   3.933   -11.865 1.00 18.71 ? 530 TYR A CA  1 
ATOM   754  C C   . TYR A 1 94  ? 3.367   3.055   -11.554 1.00 17.95 ? 530 TYR A C   1 
ATOM   755  O O   . TYR A 1 94  ? 2.704   2.591   -12.476 1.00 19.11 ? 530 TYR A O   1 
ATOM   756  C CB  . TYR A 1 94  ? 4.085   5.395   -11.939 1.00 18.91 ? 530 TYR A CB  1 
ATOM   757  C CG  . TYR A 1 94  ? 5.276   6.304   -11.892 1.00 20.18 ? 530 TYR A CG  1 
ATOM   758  C CD1 . TYR A 1 94  ? 5.943   6.639   -13.055 1.00 20.32 ? 530 TYR A CD1 1 
ATOM   759  C CD2 . TYR A 1 94  ? 5.773   6.755   -10.691 1.00 21.79 ? 530 TYR A CD2 1 
ATOM   760  C CE1 . TYR A 1 94  ? 7.038   7.416   -13.046 1.00 22.11 ? 530 TYR A CE1 1 
ATOM   761  C CE2 . TYR A 1 94  ? 6.872   7.545   -10.660 1.00 23.64 ? 530 TYR A CE2 1 
ATOM   762  C CZ  . TYR A 1 94  ? 7.515   7.874   -11.848 1.00 25.00 ? 530 TYR A CZ  1 
ATOM   763  O OH  . TYR A 1 94  ? 8.654   8.665   -11.856 1.00 25.55 ? 530 TYR A OH  1 
ATOM   764  N N   . PRO A 1 95  ? 3.086   2.858   -10.266 1.00 16.23 ? 531 PRO A N   1 
ATOM   765  C CA  . PRO A 1 95  ? 2.068   1.956   -9.854  1.00 16.05 ? 531 PRO A CA  1 
ATOM   766  C C   . PRO A 1 95  ? 0.668   2.500   -10.066 1.00 16.32 ? 531 PRO A C   1 
ATOM   767  O O   . PRO A 1 95  ? -0.272  1.729   -10.009 1.00 18.04 ? 531 PRO A O   1 
ATOM   768  C CB  . PRO A 1 95  ? 2.373   1.743   -8.383  1.00 15.97 ? 531 PRO A CB  1 
ATOM   769  C CG  . PRO A 1 95  ? 3.064   2.947   -7.976  1.00 15.41 ? 531 PRO A CG  1 
ATOM   770  C CD  . PRO A 1 95  ? 3.700   3.550   -9.132  1.00 16.31 ? 531 PRO A CD  1 
ATOM   771  N N   . ILE A 1 96  ? 0.521   3.781   -10.350 1.00 15.58 ? 532 ILE A N   1 
ATOM   772  C CA  . ILE A 1 96  ? -0.751  4.279   -10.782 1.00 15.02 ? 532 ILE A CA  1 
ATOM   773  C C   . ILE A 1 96  ? -1.252  3.615   -12.046 1.00 16.67 ? 532 ILE A C   1 
ATOM   774  O O   . ILE A 1 96  ? -2.465  3.658   -12.315 1.00 18.53 ? 532 ILE A O   1 
ATOM   775  C CB  . ILE A 1 96  ? -0.781  5.800   -11.032 1.00 14.55 ? 532 ILE A CB  1 
ATOM   776  C CG1 . ILE A 1 96  ? -2.204  6.189   -11.413 1.00 14.26 ? 532 ILE A CG1 1 
ATOM   777  C CG2 . ILE A 1 96  ? 0.017   6.226   -12.216 1.00 11.43 ? 532 ILE A CG2 1 
ATOM   778  C CD1 . ILE A 1 96  ? -3.062  6.552   -10.280 1.00 13.66 ? 532 ILE A CD1 1 
ATOM   779  N N   . GLU A 1 97  ? -0.382  3.001   -12.849 1.00 16.58 ? 533 GLU A N   1 
ATOM   780  C CA  . GLU A 1 97  ? -0.889  2.318   -14.080 1.00 16.53 ? 533 GLU A CA  1 
ATOM   781  C C   . GLU A 1 97  ? -1.609  1.010   -13.793 1.00 15.71 ? 533 GLU A C   1 
ATOM   782  O O   . GLU A 1 97  ? -2.203  0.410   -14.708 1.00 15.35 ? 533 GLU A O   1 
ATOM   783  C CB  . GLU A 1 97  ? 0.253   2.044   -15.044 1.00 17.18 ? 533 GLU A CB  1 
ATOM   784  C CG  . GLU A 1 97  ? 1.285   3.170   -14.999 1.00 20.57 ? 533 GLU A CG  1 
ATOM   785  C CD  . GLU A 1 97  ? 2.537   2.833   -15.755 1.00 24.83 ? 533 GLU A CD  1 
ATOM   786  O OE1 . GLU A 1 97  ? 2.509   1.838   -16.511 1.00 25.77 ? 533 GLU A OE1 1 
ATOM   787  O OE2 . GLU A 1 97  ? 3.552   3.547   -15.592 1.00 28.34 ? 533 GLU A OE2 1 
ATOM   788  N N   . LEU A 1 98  ? -1.516  0.577   -12.523 1.00 14.97 ? 534 LEU A N   1 
ATOM   789  C CA  . LEU A 1 98  ? -2.000  -0.696  -12.035 1.00 13.97 ? 534 LEU A CA  1 
ATOM   790  C C   . LEU A 1 98  ? -3.401  -0.652  -11.476 1.00 14.33 ? 534 LEU A C   1 
ATOM   791  O O   . LEU A 1 98  ? -3.804  0.317   -10.859 1.00 14.59 ? 534 LEU A O   1 
ATOM   792  C CB  . LEU A 1 98  ? -1.066  -1.176  -10.964 1.00 13.83 ? 534 LEU A CB  1 
ATOM   793  C CG  . LEU A 1 98  ? 0.363   -1.493  -11.390 1.00 13.56 ? 534 LEU A CG  1 
ATOM   794  C CD1 . LEU A 1 98  ? 1.120   -1.959  -10.155 1.00 10.55 ? 534 LEU A CD1 1 
ATOM   795  C CD2 . LEU A 1 98  ? 0.398   -2.556  -12.504 1.00 8.57  ? 534 LEU A CD2 1 
ATOM   796  N N   . HIS A 1 99  ? -4.155  -1.716  -11.707 1.00 14.98 ? 535 HIS A N   1 
ATOM   797  C CA  . HIS A 1 99  ? -5.467  -1.900  -11.064 1.00 15.52 ? 535 HIS A CA  1 
ATOM   798  C C   . HIS A 1 99  ? -5.385  -1.756  -9.554  1.00 14.75 ? 535 HIS A C   1 
ATOM   799  O O   . HIS A 1 99  ? -4.512  -2.296  -8.949  1.00 15.17 ? 535 HIS A O   1 
ATOM   800  C CB  . HIS A 1 99  ? -6.026  -3.260  -11.405 1.00 15.74 ? 535 HIS A CB  1 
ATOM   801  C CG  . HIS A 1 99  ? -7.472  -3.424  -11.059 1.00 18.85 ? 535 HIS A CG  1 
ATOM   802  N ND1 . HIS A 1 99  ? -7.899  -3.804  -9.805  1.00 23.81 ? 535 HIS A ND1 1 
ATOM   803  C CD2 . HIS A 1 99  ? -8.587  -3.321  -11.814 1.00 19.35 ? 535 HIS A CD2 1 
ATOM   804  C CE1 . HIS A 1 99  ? -9.219  -3.905  -9.792  1.00 21.63 ? 535 HIS A CE1 1 
ATOM   805  N NE2 . HIS A 1 99  ? -9.659  -3.620  -11.000 1.00 19.49 ? 535 HIS A NE2 1 
ATOM   806  N N   . GLY A 1 100 ? -6.263  -0.941  -8.990  1.00 14.97 ? 536 GLY A N   1 
ATOM   807  C CA  . GLY A 1 100 ? -6.459  -0.832  -7.582  1.00 13.57 ? 536 GLY A CA  1 
ATOM   808  C C   . GLY A 1 100 ? -5.646  0.261   -6.997  1.00 14.15 ? 536 GLY A C   1 
ATOM   809  O O   . GLY A 1 100 ? -5.827  0.585   -5.822  1.00 16.05 ? 536 GLY A O   1 
ATOM   810  N N   . ILE A 1 101 ? -4.740  0.840   -7.773  1.00 13.02 ? 537 ILE A N   1 
ATOM   811  C CA  . ILE A 1 101 ? -3.861  1.875   -7.225  1.00 12.26 ? 537 ILE A CA  1 
ATOM   812  C C   . ILE A 1 101 ? -4.321  3.255   -7.701  1.00 13.85 ? 537 ILE A C   1 
ATOM   813  O O   . ILE A 1 101 ? -4.549  3.440   -8.899  1.00 15.39 ? 537 ILE A O   1 
ATOM   814  C CB  . ILE A 1 101 ? -2.391  1.649   -7.611  1.00 11.14 ? 537 ILE A CB  1 
ATOM   815  C CG1 . ILE A 1 101 ? -1.933  0.233   -7.261  1.00 7.96  ? 537 ILE A CG1 1 
ATOM   816  C CG2 . ILE A 1 101 ? -1.526  2.671   -6.956  1.00 11.11 ? 537 ILE A CG2 1 
ATOM   817  C CD1 . ILE A 1 101 ? -2.245  -0.236  -5.873  1.00 2.41  ? 537 ILE A CD1 1 
ATOM   818  N N   . GLY A 1 102 ? -4.488  4.219   -6.790  1.00 13.66 ? 538 GLY A N   1 
ATOM   819  C CA  . GLY A 1 102 ? -4.885  5.546   -7.203  1.00 13.69 ? 538 GLY A CA  1 
ATOM   820  C C   . GLY A 1 102 ? -3.844  6.559   -6.752  1.00 14.76 ? 538 GLY A C   1 
ATOM   821  O O   . GLY A 1 102 ? -2.695  6.175   -6.477  1.00 13.93 ? 538 GLY A O   1 
ATOM   822  N N   . LYS A 1 103 ? -4.261  7.831   -6.631  1.00 14.21 ? 539 LYS A N   1 
ATOM   823  C CA  . LYS A 1 103 ? -3.383  8.867   -6.124  1.00 15.88 ? 539 LYS A CA  1 
ATOM   824  C C   . LYS A 1 103 ? -2.707  8.464   -4.788  1.00 16.59 ? 539 LYS A C   1 
ATOM   825  O O   . LYS A 1 103 ? -1.490  8.507   -4.667  1.00 17.05 ? 539 LYS A O   1 
ATOM   826  C CB  . LYS A 1 103 ? -4.060  10.261  -6.037  1.00 15.89 ? 539 LYS A CB  1 
ATOM   827  C CG  . LYS A 1 103 ? -3.006  11.425  -6.073  1.00 17.40 ? 539 LYS A CG  1 
ATOM   828  C CD  . LYS A 1 103 ? -3.505  12.838  -5.741  1.00 18.29 ? 539 LYS A CD  1 
ATOM   829  C CE  . LYS A 1 103 ? -2.363  13.867  -5.765  1.00 18.13 ? 539 LYS A CE  1 
ATOM   830  N NZ  . LYS A 1 103 ? -1.276  13.706  -4.709  1.00 15.84 ? 539 LYS A NZ  1 
ATOM   831  N N   . TYR A 1 104 ? -3.485  8.063   -3.794  1.00 17.73 ? 540 TYR A N   1 
ATOM   832  C CA  . TYR A 1 104 ? -2.929  7.627   -2.513  1.00 18.20 ? 540 TYR A CA  1 
ATOM   833  C C   . TYR A 1 104 ? -1.816  6.558   -2.754  1.00 19.56 ? 540 TYR A C   1 
ATOM   834  O O   . TYR A 1 104 ? -0.619  6.721   -2.341  1.00 19.71 ? 540 TYR A O   1 
ATOM   835  C CB  . TYR A 1 104 ? -4.062  7.063   -1.634  1.00 17.85 ? 540 TYR A CB  1 
ATOM   836  C CG  . TYR A 1 104 ? -3.598  6.598   -0.292  1.00 17.58 ? 540 TYR A CG  1 
ATOM   837  C CD1 . TYR A 1 104 ? -2.754  7.385   0.460   1.00 18.37 ? 540 TYR A CD1 1 
ATOM   838  C CD2 . TYR A 1 104 ? -4.001  5.392   0.235   1.00 20.54 ? 540 TYR A CD2 1 
ATOM   839  C CE1 . TYR A 1 104 ? -2.306  7.001   1.682   1.00 19.86 ? 540 TYR A CE1 1 
ATOM   840  C CE2 . TYR A 1 104 ? -3.548  4.962   1.510   1.00 20.81 ? 540 TYR A CE2 1 
ATOM   841  C CZ  . TYR A 1 104 ? -2.684  5.797   2.226   1.00 19.43 ? 540 TYR A CZ  1 
ATOM   842  O OH  . TYR A 1 104 ? -2.177  5.486   3.467   1.00 13.52 ? 540 TYR A OH  1 
ATOM   843  N N   . GLY A 1 105 ? -2.202  5.475   -3.436  1.00 19.35 ? 541 GLY A N   1 
ATOM   844  C CA  . GLY A 1 105 ? -1.229  4.482   -3.847  1.00 18.71 ? 541 GLY A CA  1 
ATOM   845  C C   . GLY A 1 105 ? -0.001  5.101   -4.460  1.00 18.44 ? 541 GLY A C   1 
ATOM   846  O O   . GLY A 1 105 ? 1.090   4.875   -3.969  1.00 20.00 ? 541 GLY A O   1 
ATOM   847  N N   . ASN A 1 106 ? -0.157  5.908   -5.503  1.00 18.38 ? 542 ASN A N   1 
ATOM   848  C CA  . ASN A 1 106 ? 1.002   6.424   -6.259  1.00 18.72 ? 542 ASN A CA  1 
ATOM   849  C C   . ASN A 1 106 ? 1.837   7.417   -5.461  1.00 18.84 ? 542 ASN A C   1 
ATOM   850  O O   . ASN A 1 106 ? 3.050   7.365   -5.498  1.00 19.41 ? 542 ASN A O   1 
ATOM   851  C CB  . ASN A 1 106 ? 0.547   7.021   -7.592  1.00 19.05 ? 542 ASN A CB  1 
ATOM   852  C CG  . ASN A 1 106 ? 1.648   7.057   -8.668  1.00 19.90 ? 542 ASN A CG  1 
ATOM   853  O OD1 . ASN A 1 106 ? 2.287   6.059   -8.988  1.00 19.76 ? 542 ASN A OD1 1 
ATOM   854  N ND2 . ASN A 1 106 ? 1.818   8.233   -9.269  1.00 19.16 ? 542 ASN A ND2 1 
ATOM   855  N N   . ASP A 1 107 ? 1.197   8.306   -4.715  1.00 18.95 ? 543 ASP A N   1 
ATOM   856  C CA  . ASP A 1 107 ? 1.920   9.212   -3.835  1.00 18.87 ? 543 ASP A CA  1 
ATOM   857  C C   . ASP A 1 107 ? 2.771   8.430   -2.867  1.00 19.08 ? 543 ASP A C   1 
ATOM   858  O O   . ASP A 1 107 ? 3.934   8.748   -2.712  1.00 19.99 ? 543 ASP A O   1 
ATOM   859  C CB  . ASP A 1 107 ? 0.956   10.072  -3.041  1.00 18.77 ? 543 ASP A CB  1 
ATOM   860  C CG  . ASP A 1 107 ? 0.247   11.143  -3.891  1.00 20.85 ? 543 ASP A CG  1 
ATOM   861  O OD1 . ASP A 1 107 ? 0.781   11.557  -4.969  1.00 21.56 ? 543 ASP A OD1 1 
ATOM   862  O OD2 . ASP A 1 107 ? -0.850  11.602  -3.446  1.00 22.03 ? 543 ASP A OD2 1 
ATOM   863  N N   . SER A 1 108 ? 2.201   7.416   -2.218  1.00 18.17 ? 544 SER A N   1 
ATOM   864  C CA  . SER A 1 108 ? 2.929   6.674   -1.245  1.00 18.95 ? 544 SER A CA  1 
ATOM   865  C C   . SER A 1 108 ? 4.164   6.049   -1.864  1.00 19.62 ? 544 SER A C   1 
ATOM   866  O O   . SER A 1 108 ? 5.241   6.065   -1.272  1.00 20.28 ? 544 SER A O   1 
ATOM   867  C CB  . SER A 1 108 ? 2.074   5.564   -0.728  1.00 19.31 ? 544 SER A CB  1 
ATOM   868  O OG  . SER A 1 108 ? 1.078   6.136   0.036   1.00 20.79 ? 544 SER A OG  1 
ATOM   869  N N   . TYR A 1 109 ? 3.996   5.458   -3.041  1.00 18.98 ? 545 TYR A N   1 
ATOM   870  C CA  . TYR A 1 109 ? 5.115   4.902   -3.782  1.00 17.67 ? 545 TYR A CA  1 
ATOM   871  C C   . TYR A 1 109 ? 6.212   5.892   -3.997  1.00 17.35 ? 545 TYR A C   1 
ATOM   872  O O   . TYR A 1 109 ? 7.356   5.565   -3.758  1.00 18.53 ? 545 TYR A O   1 
ATOM   873  C CB  . TYR A 1 109 ? 4.660   4.453   -5.157  1.00 18.16 ? 545 TYR A CB  1 
ATOM   874  C CG  . TYR A 1 109 ? 5.763   3.820   -5.968  1.00 17.33 ? 545 TYR A CG  1 
ATOM   875  C CD1 . TYR A 1 109 ? 6.267   2.544   -5.624  1.00 16.92 ? 545 TYR A CD1 1 
ATOM   876  C CD2 . TYR A 1 109 ? 6.340   4.502   -7.049  1.00 15.68 ? 545 TYR A CD2 1 
ATOM   877  C CE1 . TYR A 1 109 ? 7.301   1.943   -6.378  1.00 16.06 ? 545 TYR A CE1 1 
ATOM   878  C CE2 . TYR A 1 109 ? 7.385   3.934   -7.802  1.00 15.27 ? 545 TYR A CE2 1 
ATOM   879  C CZ  . TYR A 1 109 ? 7.839   2.658   -7.472  1.00 16.32 ? 545 TYR A CZ  1 
ATOM   880  O OH  . TYR A 1 109 ? 8.838   2.088   -8.209  1.00 16.48 ? 545 TYR A OH  1 
ATOM   881  N N   . ARG A 1 110 ? 5.890   7.088   -4.465  1.00 16.28 ? 546 ARG A N   1 
ATOM   882  C CA  . ARG A 1 110 ? 6.919   8.060   -4.794  1.00 16.09 ? 546 ARG A CA  1 
ATOM   883  C C   . ARG A 1 110 ? 7.588   8.810   -3.637  1.00 16.37 ? 546 ARG A C   1 
ATOM   884  O O   . ARG A 1 110 ? 8.696   9.355   -3.765  1.00 16.78 ? 546 ARG A O   1 
ATOM   885  C CB  . ARG A 1 110 ? 6.381   9.030   -5.774  1.00 15.89 ? 546 ARG A CB  1 
ATOM   886  C CG  . ARG A 1 110 ? 6.027   8.365   -7.078  1.00 16.28 ? 546 ARG A CG  1 
ATOM   887  C CD  . ARG A 1 110 ? 5.105   9.257   -7.856  1.00 15.42 ? 546 ARG A CD  1 
ATOM   888  N NE  . ARG A 1 110 ? 5.843   10.404  -8.375  1.00 18.80 ? 546 ARG A NE  1 
ATOM   889  C CZ  . ARG A 1 110 ? 5.312   11.588  -8.627  1.00 20.72 ? 546 ARG A CZ  1 
ATOM   890  N NH1 . ARG A 1 110 ? 4.026   11.841  -8.401  1.00 20.51 ? 546 ARG A NH1 1 
ATOM   891  N NH2 . ARG A 1 110 ? 6.068   12.528  -9.134  1.00 24.82 ? 546 ARG A NH2 1 
ATOM   892  N N   . ILE A 1 111 ? 6.963   8.809   -2.482  1.00 16.25 ? 547 ILE A N   1 
ATOM   893  C CA  . ILE A 1 111 ? 7.677   9.309   -1.340  1.00 16.15 ? 547 ILE A CA  1 
ATOM   894  C C   . ILE A 1 111 ? 8.622   8.261   -0.770  1.00 17.23 ? 547 ILE A C   1 
ATOM   895  O O   . ILE A 1 111 ? 9.777   8.524   -0.549  1.00 18.07 ? 547 ILE A O   1 
ATOM   896  C CB  . ILE A 1 111 ? 6.710   9.723   -0.278  1.00 15.97 ? 547 ILE A CB  1 
ATOM   897  C CG1 . ILE A 1 111 ? 5.719   10.749  -0.861  1.00 13.40 ? 547 ILE A CG1 1 
ATOM   898  C CG2 . ILE A 1 111 ? 7.482   10.198  0.951   1.00 13.50 ? 547 ILE A CG2 1 
ATOM   899  C CD1 . ILE A 1 111 ? 4.603   11.145  0.045   1.00 10.08 ? 547 ILE A CD1 1 
ATOM   900  N N   . PHE A 1 112 ? 8.105   7.072   -0.565  1.00 18.56 ? 548 PHE A N   1 
ATOM   901  C CA  . PHE A 1 112 ? 8.772   6.016   0.138   1.00 20.17 ? 548 PHE A CA  1 
ATOM   902  C C   . PHE A 1 112 ? 9.493   5.004   -0.717  1.00 21.70 ? 548 PHE A C   1 
ATOM   903  O O   . PHE A 1 112 ? 10.562  4.511   -0.325  1.00 22.30 ? 548 PHE A O   1 
ATOM   904  C CB  . PHE A 1 112 ? 7.741   5.240   0.936   1.00 19.91 ? 548 PHE A CB  1 
ATOM   905  C CG  . PHE A 1 112 ? 7.082   6.043   2.035   1.00 20.27 ? 548 PHE A CG  1 
ATOM   906  C CD1 . PHE A 1 112 ? 5.790   6.552   1.866   1.00 18.76 ? 548 PHE A CD1 1 
ATOM   907  C CD2 . PHE A 1 112 ? 7.740   6.279   3.251   1.00 19.77 ? 548 PHE A CD2 1 
ATOM   908  C CE1 . PHE A 1 112 ? 5.148   7.264   2.888   1.00 15.66 ? 548 PHE A CE1 1 
ATOM   909  C CE2 . PHE A 1 112 ? 7.108   7.014   4.279   1.00 17.44 ? 548 PHE A CE2 1 
ATOM   910  C CZ  . PHE A 1 112 ? 5.805   7.503   4.081   1.00 15.75 ? 548 PHE A CZ  1 
ATOM   911  N N   . CYS A 1 113 ? 8.920   4.592   -1.840  1.00 23.04 ? 549 CYS A N   1 
ATOM   912  C CA  . CYS A 1 113 ? 9.639   3.561   -2.601  1.00 24.87 ? 549 CYS A CA  1 
ATOM   913  C C   . CYS A 1 113 ? 10.723  4.136   -3.537  1.00 26.76 ? 549 CYS A C   1 
ATOM   914  O O   . CYS A 1 113 ? 11.807  3.551   -3.715  1.00 28.96 ? 549 CYS A O   1 
ATOM   915  C CB  . CYS A 1 113 ? 8.704   2.656   -3.342  1.00 23.85 ? 549 CYS A CB  1 
ATOM   916  S SG  . CYS A 1 113 ? 7.520   1.795   -2.275  1.00 25.87 ? 549 CYS A SG  1 
ATOM   917  N N   . VAL A 1 114 ? 10.464  5.293   -4.110  1.00 27.13 ? 550 VAL A N   1 
ATOM   918  C CA  . VAL A 1 114 ? 11.443  5.923   -4.929  1.00 26.39 ? 550 VAL A CA  1 
ATOM   919  C C   . VAL A 1 114 ? 11.640  7.316   -4.365  1.00 28.30 ? 550 VAL A C   1 
ATOM   920  O O   . VAL A 1 114 ? 10.896  7.810   -3.498  1.00 28.79 ? 550 VAL A O   1 
ATOM   921  C CB  . VAL A 1 114 ? 10.981  6.010   -6.362  1.00 26.35 ? 550 VAL A CB  1 
ATOM   922  C CG1 . VAL A 1 114 ? 10.928  4.650   -6.942  1.00 23.49 ? 550 VAL A CG1 1 
ATOM   923  C CG2 . VAL A 1 114 ? 9.630   6.698   -6.432  1.00 23.77 ? 550 VAL A CG2 1 
ATOM   924  N N   . ASN A 1 115 ? 12.694  7.954   -4.837  1.00 29.72 ? 551 ASN A N   1 
ATOM   925  C CA  . ASN A 1 115 ? 13.053  9.219   -4.294  1.00 30.86 ? 551 ASN A CA  1 
ATOM   926  C C   . ASN A 1 115 ? 12.407  10.282  -5.114  1.00 30.40 ? 551 ASN A C   1 
ATOM   927  O O   . ASN A 1 115 ? 13.095  10.755  -6.032  1.00 30.25 ? 551 ASN A O   1 
ATOM   928  C CB  . ASN A 1 115 ? 14.545  9.450   -4.444  1.00 31.85 ? 551 ASN A CB  1 
ATOM   929  C CG  . ASN A 1 115 ? 14.968  10.811  -3.843  1.00 37.86 ? 551 ASN A CG  1 
ATOM   930  O OD1 . ASN A 1 115 ? 14.098  11.619  -3.348  1.00 42.63 ? 551 ASN A OD1 1 
ATOM   931  N ND2 . ASN A 1 115 ? 16.287  11.076  -3.863  1.00 40.62 ? 551 ASN A ND2 1 
ATOM   932  N N   . GLU A 1 116 ? 11.140  10.663  -4.827  1.00 29.25 ? 552 GLU A N   1 
ATOM   933  C CA  . GLU A 1 116 ? 10.483  11.730  -5.614  1.00 27.66 ? 552 GLU A CA  1 
ATOM   934  C C   . GLU A 1 116 ? 9.590   12.499  -4.733  1.00 28.26 ? 552 GLU A C   1 
ATOM   935  O O   . GLU A 1 116 ? 8.553   12.996  -5.158  1.00 29.20 ? 552 GLU A O   1 
ATOM   936  C CB  . GLU A 1 116 ? 9.669   11.189  -6.771  1.00 25.72 ? 552 GLU A CB  1 
ATOM   937  C CG  . GLU A 1 116 ? 10.485  10.460  -7.784  1.00 25.58 ? 552 GLU A CG  1 
ATOM   938  C CD  . GLU A 1 116 ? 9.675   9.992   -9.006  1.00 28.83 ? 552 GLU A CD  1 
ATOM   939  O OE1 . GLU A 1 116 ? 8.430   10.302  -9.099  1.00 29.59 ? 552 GLU A OE1 1 
ATOM   940  O OE2 . GLU A 1 116 ? 10.307  9.312   -9.869  1.00 24.59 ? 552 GLU A OE2 1 
ATOM   941  N N   . TRP A 1 117 ? 9.960   12.624  -3.487  1.00 28.39 ? 553 TRP A N   1 
ATOM   942  C CA  . TRP A 1 117 ? 8.991   13.165  -2.577  1.00 29.58 ? 553 TRP A CA  1 
ATOM   943  C C   . TRP A 1 117 ? 8.809   14.666  -2.623  1.00 29.82 ? 553 TRP A C   1 
ATOM   944  O O   . TRP A 1 117 ? 7.930   15.196  -1.935  1.00 29.81 ? 553 TRP A O   1 
ATOM   945  C CB  . TRP A 1 117 ? 9.392   12.794  -1.195  1.00 30.23 ? 553 TRP A CB  1 
ATOM   946  C CG  . TRP A 1 117 ? 10.728  13.276  -0.893  1.00 32.76 ? 553 TRP A CG  1 
ATOM   947  C CD1 . TRP A 1 117 ? 11.939  12.670  -1.216  1.00 35.59 ? 553 TRP A CD1 1 
ATOM   948  C CD2 . TRP A 1 117 ? 11.040  14.468  -0.198  1.00 34.23 ? 553 TRP A CD2 1 
ATOM   949  N NE1 . TRP A 1 117 ? 12.982  13.437  -0.737  1.00 36.17 ? 553 TRP A NE1 1 
ATOM   950  C CE2 . TRP A 1 117 ? 12.455  14.542  -0.102  1.00 35.59 ? 553 TRP A CE2 1 
ATOM   951  C CE3 . TRP A 1 117 ? 10.263  15.503  0.344   1.00 35.46 ? 553 TRP A CE3 1 
ATOM   952  C CZ2 . TRP A 1 117 ? 13.106  15.614  0.513   1.00 32.95 ? 553 TRP A CZ2 1 
ATOM   953  C CZ3 . TRP A 1 117 ? 10.910  16.564  0.970   1.00 34.43 ? 553 TRP A CZ3 1 
ATOM   954  C CH2 . TRP A 1 117 ? 12.332  16.600  1.049   1.00 32.23 ? 553 TRP A CH2 1 
ATOM   955  N N   . LYS A 1 118 ? 9.647   15.350  -3.388  1.00 30.09 ? 554 LYS A N   1 
ATOM   956  C CA  . LYS A 1 118 ? 9.533   16.784  -3.502  1.00 31.17 ? 554 LYS A CA  1 
ATOM   957  C C   . LYS A 1 118 ? 8.469   17.106  -4.554  1.00 32.67 ? 554 LYS A C   1 
ATOM   958  O O   . LYS A 1 118 ? 7.779   18.149  -4.463  1.00 32.75 ? 554 LYS A O   1 
ATOM   959  C CB  . LYS A 1 118 ? 10.849  17.373  -3.926  1.00 30.83 ? 554 LYS A CB  1 
ATOM   960  C CG  . LYS A 1 118 ? 11.795  17.681  -2.785  1.00 32.33 ? 554 LYS A CG  1 
ATOM   961  C CD  . LYS A 1 118 ? 13.221  17.171  -3.192  1.00 36.54 ? 554 LYS A CD  1 
ATOM   962  C CE  . LYS A 1 118 ? 14.341  18.086  -2.658  1.00 38.20 ? 554 LYS A CE  1 
ATOM   963  N NZ  . LYS A 1 118 ? 15.622  17.331  -2.236  1.00 38.61 ? 554 LYS A NZ  1 
ATOM   964  N N   . GLN A 1 119 ? 8.341   16.221  -5.553  1.00 32.80 ? 555 GLN A N   1 
ATOM   965  C CA  . GLN A 1 119 ? 7.370   16.408  -6.609  1.00 32.90 ? 555 GLN A CA  1 
ATOM   966  C C   . GLN A 1 119 ? 5.991   15.921  -6.206  1.00 33.08 ? 555 GLN A C   1 
ATOM   967  O O   . GLN A 1 119 ? 5.067   16.036  -7.001  1.00 34.29 ? 555 GLN A O   1 
ATOM   968  C CB  . GLN A 1 119 ? 7.751   15.642  -7.862  1.00 33.41 ? 555 GLN A CB  1 
ATOM   969  C CG  . GLN A 1 119 ? 9.241   15.478  -8.214  1.00 35.38 ? 555 GLN A CG  1 
ATOM   970  C CD  . GLN A 1 119 ? 9.342   14.492  -9.400  1.00 41.42 ? 555 GLN A CD  1 
ATOM   971  O OE1 . GLN A 1 119 ? 10.298  13.721  -9.518  1.00 43.86 ? 555 GLN A OE1 1 
ATOM   972  N NE2 . GLN A 1 119 ? 8.308   14.493  -10.270 1.00 42.38 ? 555 GLN A NE2 1 
ATOM   973  N N   . VAL A 1 120 ? 5.840   15.378  -4.995  1.00 32.35 ? 556 VAL A N   1 
ATOM   974  C CA  . VAL A 1 120 ? 4.570   14.776  -4.566  1.00 31.22 ? 556 VAL A CA  1 
ATOM   975  C C   . VAL A 1 120 ? 3.797   15.801  -3.740  1.00 32.73 ? 556 VAL A C   1 
ATOM   976  O O   . VAL A 1 120 ? 4.392   16.599  -3.008  1.00 33.20 ? 556 VAL A O   1 
ATOM   977  C CB  . VAL A 1 120 ? 4.830   13.506  -3.694  1.00 29.86 ? 556 VAL A CB  1 
ATOM   978  C CG1 . VAL A 1 120 ? 3.539   12.935  -3.217  1.00 26.07 ? 556 VAL A CG1 1 
ATOM   979  C CG2 . VAL A 1 120 ? 5.641   12.484  -4.456  1.00 26.95 ? 556 VAL A CG2 1 
ATOM   980  N N   . HIS A 1 121 ? 2.483   15.749  -3.816  1.00 33.82 ? 557 HIS A N   1 
ATOM   981  C CA  . HIS A 1 121 ? 1.622   16.716  -3.149  1.00 36.04 ? 557 HIS A CA  1 
ATOM   982  C C   . HIS A 1 121 ? 0.481   15.934  -2.578  1.00 37.00 ? 557 HIS A C   1 
ATOM   983  O O   . HIS A 1 121 ? -0.602  15.860  -3.185  1.00 37.36 ? 557 HIS A O   1 
ATOM   984  C CB  . HIS A 1 121 ? 1.074   17.760  -4.172  1.00 36.74 ? 557 HIS A CB  1 
ATOM   985  C CG  . HIS A 1 121 ? 2.141   18.627  -4.772  1.00 37.43 ? 557 HIS A CG  1 
ATOM   986  N ND1 . HIS A 1 121 ? 2.527   18.526  -6.094  1.00 39.59 ? 557 HIS A ND1 1 
ATOM   987  C CD2 . HIS A 1 121 ? 2.955   19.558  -4.211  1.00 39.03 ? 557 HIS A CD2 1 
ATOM   988  C CE1 . HIS A 1 121 ? 3.518   19.378  -6.333  1.00 41.20 ? 557 HIS A CE1 1 
ATOM   989  N NE2 . HIS A 1 121 ? 3.801   20.010  -5.204  1.00 41.82 ? 557 HIS A NE2 1 
ATOM   990  N N   . PRO A 1 122 ? 0.715   15.302  -1.429  1.00 37.92 ? 558 PRO A N   1 
ATOM   991  C CA  . PRO A 1 122 ? -0.233  14.347  -0.937  1.00 38.63 ? 558 PRO A CA  1 
ATOM   992  C C   . PRO A 1 122 ? -1.478  15.088  -0.484  1.00 39.87 ? 558 PRO A C   1 
ATOM   993  O O   . PRO A 1 122 ? -1.448  16.311  -0.341  1.00 41.33 ? 558 PRO A O   1 
ATOM   994  C CB  . PRO A 1 122 ? 0.505   13.768  0.272   1.00 38.31 ? 558 PRO A CB  1 
ATOM   995  C CG  . PRO A 1 122 ? 1.184   14.917  0.844   1.00 36.77 ? 558 PRO A CG  1 
ATOM   996  C CD  . PRO A 1 122 ? 1.745   15.583  -0.411  1.00 38.80 ? 558 PRO A CD  1 
ATOM   997  N N   . GLU A 1 123 ? -2.561  14.365  -0.262  1.00 40.57 ? 559 GLU A N   1 
ATOM   998  C CA  . GLU A 1 123 ? -3.733  14.932  0.369   1.00 41.08 ? 559 GLU A CA  1 
ATOM   999  C C   . GLU A 1 123 ? -4.299  13.800  1.221   1.00 40.97 ? 559 GLU A C   1 
ATOM   1000 O O   . GLU A 1 123 ? -5.455  13.411  1.079   1.00 41.36 ? 559 GLU A O   1 
ATOM   1001 C CB  . GLU A 1 123 ? -4.720  15.391  -0.706  1.00 41.26 ? 559 GLU A CB  1 
ATOM   1002 C CG  . GLU A 1 123 ? -4.804  14.422  -1.876  1.00 45.23 ? 559 GLU A CG  1 
ATOM   1003 C CD  . GLU A 1 123 ? -5.678  14.897  -3.051  1.00 51.91 ? 559 GLU A CD  1 
ATOM   1004 O OE1 . GLU A 1 123 ? -6.081  16.090  -3.038  1.00 53.79 ? 559 GLU A OE1 1 
ATOM   1005 O OE2 . GLU A 1 123 ? -5.951  14.074  -3.995  1.00 53.56 ? 559 GLU A OE2 1 
ATOM   1006 N N   . ASP A 1 124 ? -3.458  13.188  2.046   1.00 40.62 ? 560 ASP A N   1 
ATOM   1007 C CA  . ASP A 1 124 ? -3.943  12.161  2.958   1.00 40.16 ? 560 ASP A CA  1 
ATOM   1008 C C   . ASP A 1 124 ? -3.487  12.699  4.269   1.00 39.50 ? 560 ASP A C   1 
ATOM   1009 O O   . ASP A 1 124 ? -2.364  13.201  4.356   1.00 38.15 ? 560 ASP A O   1 
ATOM   1010 C CB  . ASP A 1 124 ? -3.331  10.792  2.666   1.00 40.01 ? 560 ASP A CB  1 
ATOM   1011 C CG  . ASP A 1 124 ? -3.743  9.744   3.681   1.00 42.49 ? 560 ASP A CG  1 
ATOM   1012 O OD1 . ASP A 1 124 ? -4.893  9.236   3.592   1.00 44.88 ? 560 ASP A OD1 1 
ATOM   1013 O OD2 . ASP A 1 124 ? -2.911  9.411   4.560   1.00 42.89 ? 560 ASP A OD2 1 
ATOM   1014 N N   . HIS A 1 125 ? -4.357  12.639  5.276   1.00 39.79 ? 561 HIS A N   1 
ATOM   1015 C CA  . HIS A 1 125 ? -3.976  13.167  6.574   1.00 39.91 ? 561 HIS A CA  1 
ATOM   1016 C C   . HIS A 1 125 ? -2.613  12.624  7.027   1.00 39.03 ? 561 HIS A C   1 
ATOM   1017 O O   . HIS A 1 125 ? -1.644  13.383  7.112   1.00 38.77 ? 561 HIS A O   1 
ATOM   1018 C CB  . HIS A 1 125 ? -5.033  12.958  7.664   1.00 40.70 ? 561 HIS A CB  1 
ATOM   1019 C CG  . HIS A 1 125 ? -4.710  13.716  8.923   1.00 46.56 ? 561 HIS A CG  1 
ATOM   1020 N ND1 . HIS A 1 125 ? -4.633  13.112  10.169  1.00 49.71 ? 561 HIS A ND1 1 
ATOM   1021 C CD2 . HIS A 1 125 ? -4.360  15.024  9.112   1.00 50.37 ? 561 HIS A CD2 1 
ATOM   1022 C CE1 . HIS A 1 125 ? -4.284  14.021  11.076  1.00 52.57 ? 561 HIS A CE1 1 
ATOM   1023 N NE2 . HIS A 1 125 ? -4.099  15.184  10.459  1.00 53.30 ? 561 HIS A NE2 1 
ATOM   1024 N N   . LYS A 1 126 ? -2.529  11.315  7.280   1.00 37.91 ? 562 LYS A N   1 
ATOM   1025 C CA  . LYS A 1 126 ? -1.282  10.722  7.769   1.00 36.16 ? 562 LYS A CA  1 
ATOM   1026 C C   . LYS A 1 126 ? -0.143  11.052  6.793   1.00 35.81 ? 562 LYS A C   1 
ATOM   1027 O O   . LYS A 1 126 ? 0.855   11.654  7.184   1.00 35.64 ? 562 LYS A O   1 
ATOM   1028 C CB  . LYS A 1 126 ? -1.437  9.216   8.040   1.00 35.65 ? 562 LYS A CB  1 
ATOM   1029 N N   . LEU A 1 127 ? -0.287  10.701  5.521   1.00 34.94 ? 563 LEU A N   1 
ATOM   1030 C CA  . LEU A 1 127 ? 0.720   11.093  4.506   1.00 34.31 ? 563 LEU A CA  1 
ATOM   1031 C C   . LEU A 1 127 ? 1.222   12.536  4.482   1.00 34.07 ? 563 LEU A C   1 
ATOM   1032 O O   . LEU A 1 127 ? 2.387   12.757  4.187   1.00 33.66 ? 563 LEU A O   1 
ATOM   1033 C CB  . LEU A 1 127 ? 0.180   10.840  3.121   1.00 34.02 ? 563 LEU A CB  1 
ATOM   1034 C CG  . LEU A 1 127 ? 0.848   9.701   2.438   1.00 34.30 ? 563 LEU A CG  1 
ATOM   1035 C CD1 . LEU A 1 127 ? 0.199   9.523   0.996   1.00 30.67 ? 563 LEU A CD1 1 
ATOM   1036 C CD2 . LEU A 1 127 ? 2.370   10.014  2.465   1.00 30.15 ? 563 LEU A CD2 1 
ATOM   1037 N N   . ASN A 1 128 ? 0.355   13.527  4.685   1.00 33.98 ? 564 ASN A N   1 
ATOM   1038 C CA  . ASN A 1 128 ? 0.849   14.892  4.638   1.00 34.67 ? 564 ASN A CA  1 
ATOM   1039 C C   . ASN A 1 128 ? 1.721   15.092  5.846   1.00 34.91 ? 564 ASN A C   1 
ATOM   1040 O O   . ASN A 1 128 ? 2.846   15.582  5.723   1.00 34.86 ? 564 ASN A O   1 
ATOM   1041 C CB  . ASN A 1 128 ? -0.268  15.897  4.701   1.00 35.07 ? 564 ASN A CB  1 
ATOM   1042 C CG  . ASN A 1 128 ? -0.655  16.402  3.348   1.00 39.26 ? 564 ASN A CG  1 
ATOM   1043 O OD1 . ASN A 1 128 ? 0.112   17.172  2.688   1.00 42.20 ? 564 ASN A OD1 1 
ATOM   1044 N ND2 . ASN A 1 128 ? -1.872  16.001  2.902   1.00 39.25 ? 564 ASN A ND2 1 
ATOM   1045 N N   . LYS A 1 129 ? 1.210   14.711  7.022   1.00 34.74 ? 565 LYS A N   1 
ATOM   1046 C CA  . LYS A 1 129 ? 2.033   14.698  8.236   1.00 35.46 ? 565 LYS A CA  1 
ATOM   1047 C C   . LYS A 1 129 ? 3.472   14.171  7.913   1.00 35.35 ? 565 LYS A C   1 
ATOM   1048 O O   . LYS A 1 129 ? 4.470   14.881  8.133   1.00 35.66 ? 565 LYS A O   1 
ATOM   1049 C CB  . LYS A 1 129 ? 1.368   13.913  9.391   1.00 36.72 ? 565 LYS A CB  1 
ATOM   1050 C CG  . LYS A 1 129 ? 0.037   14.493  10.036  1.00 40.91 ? 565 LYS A CG  1 
ATOM   1051 C CD  . LYS A 1 129 ? -0.153  14.042  11.555  1.00 47.73 ? 565 LYS A CD  1 
ATOM   1052 C CE  . LYS A 1 129 ? -1.091  15.051  12.396  1.00 53.92 ? 565 LYS A CE  1 
ATOM   1053 N NZ  . LYS A 1 129 ? -1.614  14.589  13.794  1.00 51.52 ? 565 LYS A NZ  1 
ATOM   1054 N N   . TYR A 1 130 ? 3.616   12.977  7.340   1.00 34.79 ? 566 TYR A N   1 
ATOM   1055 C CA  . TYR A 1 130 ? 4.971   12.553  6.991   1.00 34.60 ? 566 TYR A CA  1 
ATOM   1056 C C   . TYR A 1 130 ? 5.679   13.598  6.143   1.00 35.32 ? 566 TYR A C   1 
ATOM   1057 O O   . TYR A 1 130 ? 6.765   14.061  6.512   1.00 35.48 ? 566 TYR A O   1 
ATOM   1058 C CB  . TYR A 1 130 ? 5.012   11.227  6.249   1.00 33.95 ? 566 TYR A CB  1 
ATOM   1059 C CG  . TYR A 1 130 ? 6.437   10.744  6.080   1.00 33.01 ? 566 TYR A CG  1 
ATOM   1060 C CD1 . TYR A 1 130 ? 7.111   10.060  7.122   1.00 30.87 ? 566 TYR A CD1 1 
ATOM   1061 C CD2 . TYR A 1 130 ? 7.133   10.976  4.891   1.00 32.36 ? 566 TYR A CD2 1 
ATOM   1062 C CE1 . TYR A 1 130 ? 8.438   9.626   6.970   1.00 30.07 ? 566 TYR A CE1 1 
ATOM   1063 C CE2 . TYR A 1 130 ? 8.480   10.533  4.719   1.00 31.85 ? 566 TYR A CE2 1 
ATOM   1064 C CZ  . TYR A 1 130 ? 9.118   9.862   5.761   1.00 32.42 ? 566 TYR A CZ  1 
ATOM   1065 O OH  . TYR A 1 130 ? 10.446  9.465   5.572   1.00 34.80 ? 566 TYR A OH  1 
ATOM   1066 N N   . HIS A 1 131 ? 5.040   13.961  5.022   1.00 35.94 ? 567 HIS A N   1 
ATOM   1067 C CA  . HIS A 1 131 ? 5.597   14.845  3.971   1.00 36.47 ? 567 HIS A CA  1 
ATOM   1068 C C   . HIS A 1 131 ? 5.984   16.227  4.484   1.00 37.39 ? 567 HIS A C   1 
ATOM   1069 O O   . HIS A 1 131 ? 7.065   16.693  4.151   1.00 37.82 ? 567 HIS A O   1 
ATOM   1070 C CB  . HIS A 1 131 ? 4.581   14.965  2.861   1.00 35.57 ? 567 HIS A CB  1 
ATOM   1071 C CG  . HIS A 1 131 ? 5.088   15.585  1.595   1.00 36.19 ? 567 HIS A CG  1 
ATOM   1072 N ND1 . HIS A 1 131 ? 4.435   16.641  0.976   1.00 38.76 ? 567 HIS A ND1 1 
ATOM   1073 C CD2 . HIS A 1 131 ? 6.110   15.243  0.773   1.00 37.01 ? 567 HIS A CD2 1 
ATOM   1074 C CE1 . HIS A 1 131 ? 5.055   16.939  -0.154  1.00 39.08 ? 567 HIS A CE1 1 
ATOM   1075 N NE2 . HIS A 1 131 ? 6.075   16.105  -0.302  1.00 38.01 ? 567 HIS A NE2 1 
ATOM   1076 N N   . ASP A 1 132 ? 5.118   16.881  5.279   1.00 38.69 ? 568 ASP A N   1 
ATOM   1077 C CA  . ASP A 1 132 ? 5.435   18.198  5.903   1.00 39.82 ? 568 ASP A CA  1 
ATOM   1078 C C   . ASP A 1 132 ? 6.645   18.047  6.836   1.00 40.50 ? 568 ASP A C   1 
ATOM   1079 O O   . ASP A 1 132 ? 7.708   18.631  6.564   1.00 40.55 ? 568 ASP A O   1 
ATOM   1080 C CB  . ASP A 1 132 ? 4.232   18.799  6.655   1.00 40.22 ? 568 ASP A CB  1 
ATOM   1081 C CG  . ASP A 1 132 ? 3.177   19.393  5.711   1.00 41.55 ? 568 ASP A CG  1 
ATOM   1082 O OD1 . ASP A 1 132 ? 3.545   19.660  4.534   1.00 41.64 ? 568 ASP A OD1 1 
ATOM   1083 O OD2 . ASP A 1 132 ? 1.998   19.599  6.152   1.00 39.13 ? 568 ASP A OD2 1 
ATOM   1084 N N   . TRP A 1 133 ? 6.515   17.217  7.886   1.00 40.61 ? 569 TRP A N   1 
ATOM   1085 C CA  . TRP A 1 133 ? 7.681   16.805  8.680   1.00 40.89 ? 569 TRP A CA  1 
ATOM   1086 C C   . TRP A 1 133 ? 8.972   16.607  7.848   1.00 40.64 ? 569 TRP A C   1 
ATOM   1087 O O   . TRP A 1 133 ? 10.047  17.046  8.246   1.00 40.54 ? 569 TRP A O   1 
ATOM   1088 C CB  . TRP A 1 133 ? 7.381   15.526  9.470   1.00 41.12 ? 569 TRP A CB  1 
ATOM   1089 C CG  . TRP A 1 133 ? 8.619   14.947  10.146  1.00 41.97 ? 569 TRP A CG  1 
ATOM   1090 C CD1 . TRP A 1 133 ? 9.100   15.290  11.386  1.00 42.56 ? 569 TRP A CD1 1 
ATOM   1091 C CD2 . TRP A 1 133 ? 9.562   13.968  9.610   1.00 40.79 ? 569 TRP A CD2 1 
ATOM   1092 N NE1 . TRP A 1 133 ? 10.253  14.579  11.656  1.00 42.64 ? 569 TRP A NE1 1 
ATOM   1093 C CE2 . TRP A 1 133 ? 10.565  13.772  10.590  1.00 40.75 ? 569 TRP A CE2 1 
ATOM   1094 C CE3 . TRP A 1 133 ? 9.663   13.269  8.402   1.00 41.09 ? 569 TRP A CE3 1 
ATOM   1095 C CZ2 . TRP A 1 133 ? 11.650  12.891  10.402  1.00 39.75 ? 569 TRP A CZ2 1 
ATOM   1096 C CZ3 . TRP A 1 133 ? 10.740  12.387  8.218   1.00 41.88 ? 569 TRP A CZ3 1 
ATOM   1097 C CH2 . TRP A 1 133 ? 11.716  12.208  9.221   1.00 42.11 ? 569 TRP A CH2 1 
ATOM   1098 N N   . LEU A 1 134 ? 8.892   15.931  6.716   1.00 40.72 ? 570 LEU A N   1 
ATOM   1099 C CA  . LEU A 1 134 ? 10.123  15.624  5.992   1.00 42.11 ? 570 LEU A CA  1 
ATOM   1100 C C   . LEU A 1 134 ? 10.595  16.822  5.188   1.00 43.68 ? 570 LEU A C   1 
ATOM   1101 O O   . LEU A 1 134 ? 11.760  16.873  4.778   1.00 44.05 ? 570 LEU A O   1 
ATOM   1102 C CB  . LEU A 1 134 ? 9.935   14.421  5.089   1.00 40.92 ? 570 LEU A CB  1 
ATOM   1103 C CG  . LEU A 1 134 ? 10.913  14.145  3.951   1.00 41.78 ? 570 LEU A CG  1 
ATOM   1104 C CD1 . LEU A 1 134 ? 12.342  13.760  4.440   1.00 42.86 ? 570 LEU A CD1 1 
ATOM   1105 C CD2 . LEU A 1 134 ? 10.378  13.054  2.995   1.00 42.33 ? 570 LEU A CD2 1 
ATOM   1106 N N   . TRP A 1 135 ? 9.693   17.773  4.930   1.00 45.28 ? 571 TRP A N   1 
ATOM   1107 C CA  . TRP A 1 135 ? 10.119  19.005  4.298   1.00 47.24 ? 571 TRP A CA  1 
ATOM   1108 C C   . TRP A 1 135 ? 11.036  19.726  5.301   1.00 49.20 ? 571 TRP A C   1 
ATOM   1109 O O   . TRP A 1 135 ? 12.165  20.105  4.956   1.00 49.49 ? 571 TRP A O   1 
ATOM   1110 C CB  . TRP A 1 135 ? 8.935   19.877  3.821   1.00 46.70 ? 571 TRP A CB  1 
ATOM   1111 C CG  . TRP A 1 135 ? 8.636   19.688  2.345   1.00 46.85 ? 571 TRP A CG  1 
ATOM   1112 C CD1 . TRP A 1 135 ? 7.483   19.178  1.797   1.00 47.06 ? 571 TRP A CD1 1 
ATOM   1113 C CD2 . TRP A 1 135 ? 9.523   19.963  1.226   1.00 44.62 ? 571 TRP A CD2 1 
ATOM   1114 N NE1 . TRP A 1 135 ? 7.600   19.120  0.414   1.00 45.09 ? 571 TRP A NE1 1 
ATOM   1115 C CE2 . TRP A 1 135 ? 8.838   19.591  0.044   1.00 44.55 ? 571 TRP A CE2 1 
ATOM   1116 C CE3 . TRP A 1 135 ? 10.813  20.496  1.116   1.00 44.53 ? 571 TRP A CE3 1 
ATOM   1117 C CZ2 . TRP A 1 135 ? 9.406   19.736  -1.239  1.00 46.33 ? 571 TRP A CZ2 1 
ATOM   1118 C CZ3 . TRP A 1 135 ? 11.388  20.634  -0.160  1.00 45.45 ? 571 TRP A CZ3 1 
ATOM   1119 C CH2 . TRP A 1 135 ? 10.679  20.261  -1.318  1.00 46.71 ? 571 TRP A CH2 1 
ATOM   1120 N N   . GLU A 1 136 ? 10.575  19.831  6.552   1.00 50.88 ? 572 GLU A N   1 
ATOM   1121 C CA  . GLU A 1 136 ? 11.269  20.571  7.587   1.00 53.33 ? 572 GLU A CA  1 
ATOM   1122 C C   . GLU A 1 136 ? 12.570  19.967  8.068   1.00 54.54 ? 572 GLU A C   1 
ATOM   1123 O O   . GLU A 1 136 ? 13.496  20.712  8.404   1.00 55.40 ? 572 GLU A O   1 
ATOM   1124 C CB  . GLU A 1 136 ? 10.353  20.789  8.768   1.00 53.85 ? 572 GLU A CB  1 
ATOM   1125 C CG  . GLU A 1 136 ? 9.207   21.739  8.430   1.00 59.38 ? 572 GLU A CG  1 
ATOM   1126 C CD  . GLU A 1 136 ? 7.965   21.480  9.274   1.00 66.49 ? 572 GLU A CD  1 
ATOM   1127 O OE1 . GLU A 1 136 ? 6.877   21.174  8.689   1.00 68.01 ? 572 GLU A OE1 1 
ATOM   1128 O OE2 . GLU A 1 136 ? 8.095   21.571  10.533  1.00 68.67 ? 572 GLU A OE2 1 
ATOM   1129 N N   . ASN A 1 137 ? 12.671  18.639  8.108   1.00 55.63 ? 573 ASN A N   1 
ATOM   1130 C CA  . ASN A 1 137 ? 13.850  18.009  8.730   1.00 56.53 ? 573 ASN A CA  1 
ATOM   1131 C C   . ASN A 1 137 ? 14.840  17.455  7.708   1.00 56.90 ? 573 ASN A C   1 
ATOM   1132 O O   . ASN A 1 137 ? 15.996  17.124  7.992   1.00 57.03 ? 573 ASN A O   1 
ATOM   1133 C CB  . ASN A 1 137 ? 13.432  17.026  9.835   1.00 56.43 ? 573 ASN A CB  1 
ATOM   1134 C CG  . ASN A 1 137 ? 12.542  17.709  10.918  1.00 57.70 ? 573 ASN A CG  1 
ATOM   1135 O OD1 . ASN A 1 137 ? 11.435  18.217  10.615  1.00 56.08 ? 573 ASN A OD1 1 
ATOM   1136 N ND2 . ASN A 1 137 ? 13.039  17.739  12.177  1.00 56.20 ? 573 ASN A ND2 1 
ATOM   1137 N N   . HIS A 1 138 ? 14.347  17.380  6.495   1.00 57.65 ? 574 HIS A N   1 
ATOM   1138 C CA  . HIS A 1 138 ? 15.165  17.409  5.310   1.00 58.72 ? 574 HIS A CA  1 
ATOM   1139 C C   . HIS A 1 138 ? 16.712  17.491  5.514   1.00 58.60 ? 574 HIS A C   1 
ATOM   1140 O O   . HIS A 1 138 ? 17.270  18.558  5.830   1.00 59.08 ? 574 HIS A O   1 
ATOM   1141 C CB  . HIS A 1 138 ? 14.640  18.578  4.495   1.00 58.55 ? 574 HIS A CB  1 
ATOM   1142 C CG  . HIS A 1 138 ? 15.154  18.600  3.114   1.00 60.38 ? 574 HIS A CG  1 
ATOM   1143 N ND1 . HIS A 1 138 ? 15.026  19.699  2.295   1.00 60.99 ? 574 HIS A ND1 1 
ATOM   1144 C CD2 . HIS A 1 138 ? 15.845  17.667  2.409   1.00 63.12 ? 574 HIS A CD2 1 
ATOM   1145 C CE1 . HIS A 1 138 ? 15.604  19.436  1.130   1.00 65.58 ? 574 HIS A CE1 1 
ATOM   1146 N NE2 . HIS A 1 138 ? 16.115  18.212  1.174   1.00 65.22 ? 574 HIS A NE2 1 
HETATM 1147 O O   . HOH B 2 .   ? 15.970  6.461   8.987   1.00 12.05 ? 1   HOH A O   1 
HETATM 1148 O O   . HOH B 2 .   ? 15.750  14.190  8.412   1.00 21.71 ? 2   HOH A O   1 
HETATM 1149 O O   . HOH B 2 .   ? -7.910  -19.506 -8.116  1.00 20.32 ? 3   HOH A O   1 
HETATM 1150 O O   . HOH B 2 .   ? -7.644  -16.430 3.013   1.00 8.09  ? 4   HOH A O   1 
HETATM 1151 O O   . HOH B 2 .   ? -5.010  4.006   -3.799  1.00 21.61 ? 5   HOH A O   1 
HETATM 1152 O O   . HOH B 2 .   ? 6.405   -9.633  -4.060  1.00 19.17 ? 6   HOH A O   1 
HETATM 1153 O O   . HOH B 2 .   ? 8.469   -6.471  -10.459 1.00 36.32 ? 7   HOH A O   1 
HETATM 1154 O O   . HOH B 2 .   ? 9.227   -1.928  -12.474 1.00 20.61 ? 8   HOH A O   1 
HETATM 1155 O O   . HOH B 2 .   ? 1.565   10.526  -7.503  1.00 18.02 ? 9   HOH A O   1 
HETATM 1156 O O   . HOH B 2 .   ? 6.587   18.197  -2.100  1.00 34.88 ? 10  HOH A O   1 
HETATM 1157 O O   . HOH B 2 .   ? -13.916 1.281   5.539   1.00 7.26  ? 11  HOH A O   1 
HETATM 1158 O O   . HOH B 2 .   ? -2.880  -8.657  13.912  1.00 27.68 ? 12  HOH A O   1 
# 
